data_6CON
#
_entry.id   6CON
#
_cell.length_a   66.878
_cell.length_b   133.823
_cell.length_c   118.845
_cell.angle_alpha   90.000
_cell.angle_beta   90.230
_cell.angle_gamma   90.000
#
_symmetry.space_group_name_H-M   'P 1 21 1'
#
loop_
_entity.id
_entity.type
_entity.pdbx_description
1 polymer 'CoA-transferase subunit alpha'
2 polymer 'CoA-transferase subunit beta'
3 water water
#
loop_
_entity_poly.entity_id
_entity_poly.type
_entity_poly.pdbx_seq_one_letter_code
_entity_poly.pdbx_strand_id
1 'polypeptide(L)'
;MHHHHHHLVPRGSMPDKRTALDDAVAQLRSGMTIGIAGWGSRRKPMAFVRAILRSDVTDLTVVTYGGPDLGLLCSAGKVK
RVYYGFVSLDSPPFYDPWFAHARTSGAIEAREMDEGMLRCGLQAAAQRLPFLPIRAGLGSSVPQFWAGELQTVTSPYPAP
GGGYETLIAMPALRLDAAFAHLNLGDSHGNAAYTGIDPYFDDLFLMAAERRFLSVERIVATEELVKSVPPQALLVNRMMV
DAIVEAPGGAHFTTAAPDYGRDEQFQRHYAEAASTQVGWQQFVHTYLSGTEADYQAAVHNFGASR
;
A,C,E,G
2 'polypeptide(L)'
;MSTRAEVCAVACAELFRDAGEIMISPMTNMASVGARLARLTFAPDILLTDGEAQLLADTPALGKTGAPNRIEGWMPFGRV
FETLAWGRRHVVMGANQVDRYGNQNISAFGPLQRPTRQMFGVRGSPGNTINHATSYWVGNHCKRVFVEAVDVVSGIGYDK
VDPDNPAFRFVNVYRVVSNLGVFDFGGPDHSMRAVSLHPGVTPGDVRDATSFEVHDLDAAEQTRLPTDDELHLIRAVIDP
KSLRDREIRS
;
B,D,F,H
#
# COMPACT_ATOMS: atom_id res chain seq x y z
N MET A 14 -34.55 -4.71 -44.22
CA MET A 14 -35.01 -4.73 -42.79
C MET A 14 -36.52 -4.56 -42.71
N PRO A 15 -37.16 -4.94 -41.57
CA PRO A 15 -38.63 -4.90 -41.53
C PRO A 15 -39.16 -3.47 -41.43
N ASP A 16 -40.24 -3.20 -42.18
CA ASP A 16 -41.01 -1.97 -42.03
C ASP A 16 -42.07 -2.18 -40.93
N LYS A 17 -41.89 -1.48 -39.82
CA LYS A 17 -42.72 -1.71 -38.65
C LYS A 17 -43.74 -0.61 -38.41
N ARG A 18 -43.97 0.23 -39.41
CA ARG A 18 -44.93 1.34 -39.28
C ARG A 18 -46.36 0.82 -39.16
N THR A 19 -47.07 1.30 -38.16
CA THR A 19 -48.46 0.91 -37.95
C THR A 19 -49.20 2.14 -37.44
N ALA A 20 -50.53 1.96 -37.28
CA ALA A 20 -51.42 2.98 -36.79
C ALA A 20 -51.64 2.73 -35.31
N LEU A 21 -52.05 3.79 -34.61
CA LEU A 21 -52.37 3.73 -33.15
C LEU A 21 -53.33 2.61 -32.74
N ASP A 22 -54.47 2.51 -33.43
CA ASP A 22 -55.46 1.49 -33.14
C ASP A 22 -54.96 0.05 -33.39
N ASP A 23 -54.17 -0.12 -34.45
CA ASP A 23 -53.57 -1.41 -34.79
C ASP A 23 -52.66 -1.89 -33.68
N ALA A 24 -51.83 -0.99 -33.15
CA ALA A 24 -50.97 -1.33 -31.99
C ALA A 24 -51.78 -1.74 -30.77
N VAL A 25 -52.76 -0.92 -30.42
CA VAL A 25 -53.57 -1.15 -29.22
C VAL A 25 -54.41 -2.41 -29.33
N ALA A 26 -54.78 -2.80 -30.54
CA ALA A 26 -55.54 -4.04 -30.73
C ALA A 26 -54.70 -5.29 -30.42
N GLN A 27 -53.38 -5.16 -30.25
CA GLN A 27 -52.55 -6.25 -29.73
C GLN A 27 -52.63 -6.42 -28.21
N LEU A 28 -53.22 -5.45 -27.51
CA LEU A 28 -53.43 -5.60 -26.09
C LEU A 28 -54.58 -6.54 -25.80
N ARG A 29 -54.55 -7.16 -24.62
CA ARG A 29 -55.70 -7.91 -24.14
C ARG A 29 -56.03 -7.43 -22.71
N SER A 30 -57.30 -7.48 -22.36
CA SER A 30 -57.73 -7.18 -21.01
C SER A 30 -57.00 -8.04 -19.99
N GLY A 31 -56.65 -7.42 -18.86
CA GLY A 31 -55.84 -8.10 -17.84
C GLY A 31 -54.33 -7.96 -17.98
N MET A 32 -53.84 -7.43 -19.11
CA MET A 32 -52.38 -7.31 -19.31
C MET A 32 -51.73 -6.31 -18.34
N THR A 33 -50.44 -6.53 -18.13
CA THR A 33 -49.56 -5.60 -17.46
C THR A 33 -48.86 -4.77 -18.50
N ILE A 34 -49.11 -3.46 -18.46
CA ILE A 34 -48.51 -2.54 -19.42
C ILE A 34 -47.64 -1.49 -18.71
N GLY A 35 -46.57 -1.11 -19.38
CA GLY A 35 -45.69 -0.06 -18.91
C GLY A 35 -45.92 1.16 -19.75
N ILE A 36 -46.08 2.30 -19.10
CA ILE A 36 -46.16 3.60 -19.80
C ILE A 36 -44.90 4.41 -19.43
N ALA A 37 -44.09 4.71 -20.45
CA ALA A 37 -42.81 5.40 -20.30
C ALA A 37 -42.93 6.94 -20.15
N GLY A 38 -41.86 7.68 -20.41
CA GLY A 38 -41.78 9.07 -19.96
C GLY A 38 -41.78 9.19 -18.45
N TRP A 39 -42.22 10.34 -17.95
CA TRP A 39 -42.14 10.68 -16.53
C TRP A 39 -43.09 11.80 -16.22
N GLY A 40 -44.03 11.56 -15.32
CA GLY A 40 -44.97 12.61 -14.92
C GLY A 40 -45.70 13.22 -16.10
N SER A 41 -45.63 14.55 -16.24
CA SER A 41 -46.14 15.23 -17.39
C SER A 41 -45.02 15.56 -18.39
N ARG A 42 -44.20 14.56 -18.69
CA ARG A 42 -43.05 14.72 -19.59
C ARG A 42 -42.91 13.56 -20.58
N ARG A 43 -42.91 13.91 -21.85
CA ARG A 43 -42.77 12.95 -22.98
C ARG A 43 -43.54 11.66 -22.82
N LYS A 44 -44.82 11.79 -22.46
CA LYS A 44 -45.67 10.60 -22.29
C LYS A 44 -46.28 10.22 -23.62
N PRO A 45 -46.48 8.92 -23.86
CA PRO A 45 -47.16 8.44 -25.10
C PRO A 45 -48.68 8.67 -25.05
N MET A 46 -49.07 9.96 -25.08
CA MET A 46 -50.45 10.34 -24.84
C MET A 46 -51.39 9.89 -25.95
N ALA A 47 -50.89 9.91 -27.20
CA ALA A 47 -51.69 9.39 -28.31
C ALA A 47 -51.96 7.88 -28.17
N PHE A 48 -51.00 7.10 -27.66
CA PHE A 48 -51.28 5.68 -27.36
C PHE A 48 -52.34 5.56 -26.27
N VAL A 49 -52.22 6.39 -25.23
CA VAL A 49 -53.21 6.37 -24.13
C VAL A 49 -54.65 6.66 -24.65
N ARG A 50 -54.78 7.69 -25.49
CA ARG A 50 -56.04 8.04 -26.12
C ARG A 50 -56.61 6.87 -26.98
N ALA A 51 -55.73 6.15 -27.69
CA ALA A 51 -56.13 4.94 -28.40
C ALA A 51 -56.58 3.80 -27.48
N ILE A 52 -55.96 3.66 -26.32
CA ILE A 52 -56.45 2.71 -25.32
C ILE A 52 -57.85 3.09 -24.83
N LEU A 53 -58.07 4.39 -24.58
CA LEU A 53 -59.41 4.89 -24.19
C LEU A 53 -60.50 4.54 -25.25
N ARG A 54 -60.13 4.54 -26.55
CA ARG A 54 -61.10 4.20 -27.61
C ARG A 54 -61.39 2.69 -27.71
N SER A 55 -60.49 1.83 -27.21
CA SER A 55 -60.68 0.39 -27.28
C SER A 55 -61.55 -0.14 -26.12
N ASP A 56 -61.86 -1.43 -26.18
CA ASP A 56 -62.58 -2.12 -25.12
C ASP A 56 -61.61 -2.72 -24.08
N VAL A 57 -60.30 -2.55 -24.25
CA VAL A 57 -59.33 -3.19 -23.34
C VAL A 57 -59.49 -2.58 -21.93
N THR A 58 -59.49 -3.43 -20.91
CA THR A 58 -59.73 -2.97 -19.54
C THR A 58 -59.02 -3.87 -18.55
N ASP A 59 -59.28 -3.64 -17.27
CA ASP A 59 -58.68 -4.43 -16.19
C ASP A 59 -57.12 -4.45 -16.27
N LEU A 60 -56.53 -3.31 -16.64
CA LEU A 60 -55.07 -3.20 -16.88
C LEU A 60 -54.31 -3.02 -15.58
N THR A 61 -53.15 -3.66 -15.50
CA THR A 61 -52.17 -3.38 -14.47
C THR A 61 -51.16 -2.47 -15.11
N VAL A 62 -50.92 -1.32 -14.48
CA VAL A 62 -50.08 -0.28 -15.06
C VAL A 62 -48.81 -0.05 -14.25
N VAL A 63 -47.68 0.04 -14.95
CA VAL A 63 -46.40 0.38 -14.35
C VAL A 63 -45.97 1.71 -14.94
N THR A 64 -45.79 2.72 -14.10
CA THR A 64 -45.56 4.08 -14.60
C THR A 64 -44.97 5.04 -13.55
N TYR A 65 -44.16 5.98 -14.05
CA TYR A 65 -43.89 7.21 -13.31
C TYR A 65 -45.04 8.11 -13.73
N GLY A 66 -46.10 8.14 -12.91
CA GLY A 66 -47.41 8.54 -13.35
C GLY A 66 -47.62 10.01 -13.56
N GLY A 67 -48.47 10.30 -14.52
CA GLY A 67 -48.91 11.67 -14.78
C GLY A 67 -50.30 11.62 -15.41
N PRO A 68 -50.58 12.52 -16.36
CA PRO A 68 -51.89 12.54 -17.03
C PRO A 68 -52.20 11.29 -17.87
N ASP A 69 -51.17 10.52 -18.23
CA ASP A 69 -51.35 9.19 -18.81
C ASP A 69 -52.20 8.28 -17.92
N LEU A 70 -51.86 8.27 -16.65
CA LEU A 70 -52.53 7.43 -15.70
C LEU A 70 -53.90 7.98 -15.38
N GLY A 71 -53.99 9.29 -15.32
CA GLY A 71 -55.25 9.96 -15.09
C GLY A 71 -56.29 9.59 -16.13
N LEU A 72 -55.91 9.69 -17.40
CA LEU A 72 -56.82 9.31 -18.50
C LEU A 72 -57.31 7.86 -18.41
N LEU A 73 -56.38 6.92 -18.14
CA LEU A 73 -56.76 5.51 -17.95
C LEU A 73 -57.72 5.30 -16.76
N CYS A 74 -57.44 5.95 -15.65
CA CYS A 74 -58.37 5.92 -14.47
C CYS A 74 -59.74 6.54 -14.77
N SER A 75 -59.77 7.63 -15.55
CA SER A 75 -61.02 8.26 -15.97
C SER A 75 -61.92 7.30 -16.75
N ALA A 76 -61.29 6.37 -17.48
CA ALA A 76 -61.99 5.36 -18.25
C ALA A 76 -62.35 4.09 -17.49
N GLY A 77 -61.91 3.98 -16.23
CA GLY A 77 -62.16 2.78 -15.44
C GLY A 77 -61.46 1.53 -15.97
N LYS A 78 -60.32 1.73 -16.60
CA LYS A 78 -59.62 0.67 -17.27
C LYS A 78 -58.46 0.11 -16.44
N VAL A 79 -58.26 0.63 -15.22
CA VAL A 79 -57.09 0.26 -14.41
C VAL A 79 -57.51 -0.57 -13.22
N LYS A 80 -56.92 -1.78 -13.10
CA LYS A 80 -57.06 -2.64 -11.92
C LYS A 80 -56.06 -2.33 -10.81
N ARG A 81 -54.77 -2.21 -11.20
CA ARG A 81 -53.66 -2.08 -10.26
C ARG A 81 -52.60 -1.19 -10.87
N VAL A 82 -51.94 -0.38 -10.04
CA VAL A 82 -50.86 0.50 -10.53
C VAL A 82 -49.64 0.32 -9.68
N TYR A 83 -48.52 0.07 -10.35
CA TYR A 83 -47.18 0.10 -9.76
C TYR A 83 -46.56 1.42 -10.21
N TYR A 84 -46.28 2.29 -9.23
CA TYR A 84 -45.82 3.64 -9.51
C TYR A 84 -44.84 4.17 -8.46
N GLY A 85 -43.95 5.05 -8.92
CA GLY A 85 -43.01 5.73 -8.05
C GLY A 85 -43.56 7.07 -7.56
N PHE A 86 -44.54 7.58 -8.28
CA PHE A 86 -45.22 8.83 -7.97
C PHE A 86 -46.32 9.06 -8.99
N VAL A 87 -47.15 10.06 -8.74
CA VAL A 87 -48.08 10.55 -9.78
C VAL A 87 -48.08 12.06 -9.68
N SER A 88 -47.71 12.74 -10.76
CA SER A 88 -47.65 14.19 -10.75
C SER A 88 -47.90 14.77 -12.11
N LEU A 89 -48.59 15.90 -12.13
CA LEU A 89 -48.74 16.74 -13.32
C LEU A 89 -47.58 17.73 -13.53
N ASP A 90 -46.62 17.82 -12.59
CA ASP A 90 -45.43 18.64 -12.75
C ASP A 90 -45.66 20.17 -12.73
N SER A 91 -46.92 20.60 -12.84
CA SER A 91 -47.33 22.02 -12.75
C SER A 91 -48.60 22.03 -11.91
N PRO A 92 -49.05 23.23 -11.44
CA PRO A 92 -50.31 23.31 -10.70
C PRO A 92 -51.48 22.74 -11.53
N PRO A 93 -52.41 21.98 -10.94
CA PRO A 93 -52.55 21.70 -9.52
C PRO A 93 -51.71 20.50 -8.98
N PHE A 94 -50.73 20.04 -9.74
CA PHE A 94 -49.72 19.01 -9.32
C PHE A 94 -50.28 17.61 -9.19
N TYR A 95 -51.28 17.43 -8.35
CA TYR A 95 -51.91 16.13 -8.14
C TYR A 95 -52.82 15.85 -9.30
N ASP A 96 -52.75 14.66 -9.88
CA ASP A 96 -53.70 14.28 -10.92
C ASP A 96 -55.06 13.95 -10.32
N PRO A 97 -56.12 14.68 -10.73
CA PRO A 97 -57.42 14.48 -10.08
C PRO A 97 -58.09 13.13 -10.38
N TRP A 98 -57.79 12.53 -11.53
CA TRP A 98 -58.36 11.22 -11.85
C TRP A 98 -57.67 10.09 -11.08
N PHE A 99 -56.36 10.17 -10.92
CA PHE A 99 -55.64 9.28 -10.05
C PHE A 99 -56.16 9.42 -8.59
N ALA A 100 -56.29 10.66 -8.12
CA ALA A 100 -56.84 10.95 -6.77
C ALA A 100 -58.22 10.33 -6.58
N HIS A 101 -59.13 10.53 -7.56
CA HIS A 101 -60.47 9.90 -7.51
C HIS A 101 -60.35 8.38 -7.39
N ALA A 102 -59.48 7.76 -8.20
CA ALA A 102 -59.34 6.32 -8.19
C ALA A 102 -58.84 5.83 -6.85
N ARG A 103 -57.93 6.58 -6.25
CA ARG A 103 -57.37 6.21 -4.96
C ARG A 103 -58.38 6.40 -3.82
N THR A 104 -59.05 7.56 -3.79
CA THR A 104 -59.95 7.87 -2.69
C THR A 104 -61.24 7.03 -2.77
N SER A 105 -61.62 6.66 -3.99
CA SER A 105 -62.79 5.77 -4.18
C SER A 105 -62.47 4.30 -3.93
N GLY A 106 -61.20 3.93 -3.79
CA GLY A 106 -60.83 2.51 -3.68
C GLY A 106 -60.98 1.69 -4.96
N ALA A 107 -60.92 2.38 -6.10
CA ALA A 107 -61.07 1.74 -7.40
C ALA A 107 -59.86 0.93 -7.86
N ILE A 108 -58.68 1.27 -7.36
CA ILE A 108 -57.45 0.63 -7.84
C ILE A 108 -56.71 0.03 -6.66
N GLU A 109 -55.97 -1.04 -6.93
CA GLU A 109 -55.00 -1.57 -6.00
C GLU A 109 -53.72 -0.78 -6.22
N ALA A 110 -53.15 -0.30 -5.12
CA ALA A 110 -51.97 0.57 -5.19
C ALA A 110 -50.76 -0.21 -4.78
N ARG A 111 -49.79 -0.27 -5.71
CA ARG A 111 -48.48 -0.83 -5.43
C ARG A 111 -47.45 0.28 -5.48
N GLU A 112 -47.63 1.23 -4.57
CA GLU A 112 -46.77 2.41 -4.48
C GLU A 112 -45.35 1.99 -4.10
N MET A 113 -44.37 2.72 -4.61
CA MET A 113 -42.98 2.39 -4.30
C MET A 113 -42.13 3.65 -4.45
N ASP A 114 -40.90 3.58 -3.95
CA ASP A 114 -39.93 4.68 -4.13
C ASP A 114 -39.55 4.76 -5.61
N GLU A 115 -39.22 5.96 -6.08
CA GLU A 115 -38.91 6.21 -7.48
C GLU A 115 -37.74 5.35 -7.98
N GLY A 116 -36.70 5.29 -7.18
CA GLY A 116 -35.55 4.46 -7.49
C GLY A 116 -35.86 2.98 -7.55
N MET A 117 -36.79 2.52 -6.72
CA MET A 117 -37.25 1.13 -6.72
C MET A 117 -37.91 0.74 -8.05
N LEU A 118 -38.64 1.65 -8.66
CA LEU A 118 -39.32 1.36 -9.91
C LEU A 118 -38.27 1.13 -11.00
N ARG A 119 -37.28 2.00 -11.06
CA ARG A 119 -36.20 1.86 -11.99
C ARG A 119 -35.46 0.53 -11.79
N CYS A 120 -35.13 0.23 -10.56
CA CYS A 120 -34.49 -1.04 -10.18
C CYS A 120 -35.28 -2.26 -10.62
N GLY A 121 -36.60 -2.23 -10.40
CA GLY A 121 -37.54 -3.24 -10.90
C GLY A 121 -37.51 -3.41 -12.40
N LEU A 122 -37.47 -2.30 -13.14
CA LEU A 122 -37.31 -2.40 -14.61
C LEU A 122 -35.93 -2.95 -15.03
N GLN A 123 -34.88 -2.55 -14.31
CA GLN A 123 -33.51 -3.04 -14.56
C GLN A 123 -33.43 -4.56 -14.39
N ALA A 124 -34.13 -5.08 -13.37
CA ALA A 124 -34.13 -6.51 -13.08
C ALA A 124 -34.83 -7.25 -14.23
N ALA A 125 -35.94 -6.69 -14.70
CA ALA A 125 -36.64 -7.27 -15.85
C ALA A 125 -35.78 -7.20 -17.12
N ALA A 126 -35.09 -6.09 -17.34
CA ALA A 126 -34.19 -5.93 -18.52
C ALA A 126 -33.03 -6.94 -18.54
N GLN A 127 -32.55 -7.30 -17.35
CA GLN A 127 -31.48 -8.26 -17.15
C GLN A 127 -32.01 -9.67 -16.99
N ARG A 128 -33.33 -9.84 -17.12
CA ARG A 128 -34.02 -11.09 -16.90
C ARG A 128 -33.68 -11.71 -15.51
N LEU A 129 -33.44 -10.87 -14.52
CA LEU A 129 -33.17 -11.33 -13.18
C LEU A 129 -34.48 -11.34 -12.37
N PRO A 130 -34.62 -12.25 -11.42
CA PRO A 130 -35.84 -12.28 -10.56
C PRO A 130 -35.91 -11.12 -9.53
N PHE A 131 -34.76 -10.58 -9.13
CA PHE A 131 -34.74 -9.43 -8.24
C PHE A 131 -33.40 -8.67 -8.38
N LEU A 132 -33.41 -7.42 -7.94
CA LEU A 132 -32.17 -6.71 -7.56
C LEU A 132 -32.30 -6.19 -6.12
N PRO A 133 -31.20 -6.23 -5.33
CA PRO A 133 -31.21 -5.63 -3.98
C PRO A 133 -31.15 -4.09 -4.02
N ILE A 134 -31.84 -3.46 -3.07
CA ILE A 134 -31.85 -1.99 -2.95
C ILE A 134 -32.09 -1.59 -1.48
N ARG A 135 -31.53 -0.47 -1.03
CA ARG A 135 -31.81 0.03 0.30
C ARG A 135 -33.16 0.76 0.36
N ALA A 136 -33.45 1.55 -0.66
CA ALA A 136 -34.72 2.30 -0.81
C ALA A 136 -35.94 1.39 -0.56
N GLY A 137 -36.86 1.85 0.30
CA GLY A 137 -37.96 0.99 0.78
C GLY A 137 -37.89 0.58 2.24
N LEU A 138 -36.69 0.26 2.75
CA LEU A 138 -36.51 -0.19 4.13
C LEU A 138 -36.99 0.87 5.11
N GLY A 139 -37.80 0.42 6.08
CA GLY A 139 -38.35 1.30 7.11
C GLY A 139 -39.57 2.14 6.74
N SER A 140 -40.00 2.08 5.49
CA SER A 140 -40.99 3.03 4.94
C SER A 140 -42.33 2.31 4.88
N SER A 141 -43.36 3.00 4.45
CA SER A 141 -44.65 2.34 4.23
C SER A 141 -44.72 1.48 2.98
N VAL A 142 -43.69 1.49 2.14
CA VAL A 142 -43.74 0.77 0.85
C VAL A 142 -44.07 -0.72 1.01
N PRO A 143 -43.35 -1.49 1.87
CA PRO A 143 -43.75 -2.91 2.08
C PRO A 143 -45.25 -3.14 2.41
N GLN A 144 -45.84 -2.23 3.17
CA GLN A 144 -47.25 -2.32 3.56
C GLN A 144 -48.18 -2.09 2.38
N PHE A 145 -47.79 -1.26 1.43
CA PHE A 145 -48.55 -1.17 0.17
C PHE A 145 -48.60 -2.49 -0.57
N TRP A 146 -47.54 -3.27 -0.47
CA TRP A 146 -47.38 -4.52 -1.23
C TRP A 146 -48.01 -5.76 -0.56
N ALA A 147 -48.52 -5.61 0.66
CA ALA A 147 -49.25 -6.65 1.37
C ALA A 147 -48.49 -7.97 1.46
N GLY A 148 -47.21 -7.92 1.84
CA GLY A 148 -46.37 -9.11 1.92
C GLY A 148 -45.80 -9.67 0.61
N GLU A 149 -46.08 -9.05 -0.52
CA GLU A 149 -45.47 -9.46 -1.80
C GLU A 149 -44.03 -9.02 -1.91
N LEU A 150 -43.67 -7.95 -1.23
CA LEU A 150 -42.31 -7.42 -1.32
C LEU A 150 -41.42 -8.05 -0.25
N GLN A 151 -40.48 -8.90 -0.68
CA GLN A 151 -39.60 -9.60 0.27
C GLN A 151 -38.19 -9.00 0.39
N THR A 152 -37.43 -9.49 1.36
CA THR A 152 -36.05 -9.00 1.59
C THR A 152 -35.06 -10.05 1.15
N VAL A 153 -33.79 -9.65 1.05
CA VAL A 153 -32.71 -10.56 0.78
C VAL A 153 -31.55 -10.22 1.70
N THR A 154 -30.84 -11.23 2.21
CA THR A 154 -29.68 -11.01 3.07
C THR A 154 -28.37 -11.18 2.32
N SER A 155 -27.44 -10.24 2.51
CA SER A 155 -26.15 -10.33 1.87
C SER A 155 -25.35 -11.50 2.44
N PRO A 156 -24.67 -12.25 1.58
CA PRO A 156 -23.74 -13.25 2.11
C PRO A 156 -22.38 -12.65 2.50
N TYR A 157 -22.12 -11.38 2.20
CA TYR A 157 -20.86 -10.71 2.56
C TYR A 157 -21.12 -9.68 3.65
N PRO A 158 -20.22 -9.55 4.65
CA PRO A 158 -20.43 -8.63 5.76
C PRO A 158 -20.27 -7.17 5.37
N ALA A 159 -20.97 -6.28 6.05
CA ALA A 159 -20.75 -4.83 5.86
C ALA A 159 -19.36 -4.43 6.39
N PRO A 160 -18.73 -3.38 5.82
CA PRO A 160 -17.46 -2.86 6.39
C PRO A 160 -17.76 -2.28 7.76
N GLY A 161 -17.48 -3.03 8.81
CA GLY A 161 -18.03 -2.75 10.14
C GLY A 161 -18.60 -3.94 10.87
N GLY A 162 -18.80 -5.06 10.16
CA GLY A 162 -19.40 -6.25 10.74
C GLY A 162 -20.91 -6.25 10.55
N GLY A 163 -21.50 -7.43 10.62
CA GLY A 163 -22.95 -7.59 10.40
C GLY A 163 -23.27 -7.77 8.93
N TYR A 164 -24.39 -8.42 8.69
CA TYR A 164 -24.84 -8.73 7.34
C TYR A 164 -26.06 -7.88 7.03
N GLU A 165 -26.04 -7.19 5.88
CA GLU A 165 -27.19 -6.31 5.51
C GLU A 165 -28.37 -7.13 4.99
N THR A 166 -29.56 -6.72 5.39
CA THR A 166 -30.80 -7.20 4.83
C THR A 166 -31.39 -6.04 4.01
N LEU A 167 -31.65 -6.30 2.72
CA LEU A 167 -32.03 -5.28 1.76
C LEU A 167 -33.38 -5.65 1.19
N ILE A 168 -34.07 -4.69 0.59
CA ILE A 168 -35.26 -5.01 -0.18
C ILE A 168 -34.85 -5.82 -1.40
N ALA A 169 -35.57 -6.92 -1.67
CA ALA A 169 -35.40 -7.64 -2.91
C ALA A 169 -36.42 -7.11 -3.86
N MET A 170 -36.04 -6.13 -4.66
CA MET A 170 -36.97 -5.56 -5.63
C MET A 170 -37.26 -6.56 -6.74
N PRO A 171 -38.53 -7.02 -6.90
CA PRO A 171 -38.74 -7.99 -7.95
C PRO A 171 -38.71 -7.36 -9.31
N ALA A 172 -38.49 -8.17 -10.33
CA ALA A 172 -38.63 -7.73 -11.74
C ALA A 172 -40.04 -7.23 -12.09
N LEU A 173 -40.09 -6.07 -12.76
CA LEU A 173 -41.32 -5.50 -13.23
C LEU A 173 -41.46 -5.86 -14.71
N ARG A 174 -41.77 -7.12 -14.95
CA ARG A 174 -41.97 -7.63 -16.30
C ARG A 174 -43.25 -7.04 -16.82
N LEU A 175 -43.29 -6.80 -18.13
CA LEU A 175 -44.45 -6.20 -18.76
C LEU A 175 -44.92 -7.05 -19.94
N ASP A 176 -46.25 -7.16 -20.11
CA ASP A 176 -46.81 -7.74 -21.35
C ASP A 176 -46.61 -6.79 -22.53
N ALA A 177 -46.72 -5.49 -22.27
CA ALA A 177 -46.49 -4.50 -23.31
C ALA A 177 -45.92 -3.21 -22.73
N ALA A 178 -45.19 -2.46 -23.54
CA ALA A 178 -44.73 -1.13 -23.16
C ALA A 178 -45.01 -0.12 -24.27
N PHE A 179 -45.32 1.09 -23.83
CA PHE A 179 -45.56 2.23 -24.73
C PHE A 179 -44.63 3.37 -24.37
N ALA A 180 -43.96 3.93 -25.38
CA ALA A 180 -43.04 5.06 -25.25
C ALA A 180 -43.20 6.04 -26.40
N HIS A 181 -42.82 7.28 -26.15
CA HIS A 181 -42.80 8.31 -27.16
C HIS A 181 -41.44 9.03 -27.24
N LEU A 182 -40.88 9.10 -28.46
CA LEU A 182 -39.62 9.82 -28.72
C LEU A 182 -39.78 10.85 -29.86
N ASN A 183 -38.74 11.61 -30.11
CA ASN A 183 -38.82 12.77 -31.00
C ASN A 183 -38.65 12.44 -32.47
N LEU A 184 -37.81 11.43 -32.76
CA LEU A 184 -37.43 11.10 -34.14
C LEU A 184 -37.19 9.60 -34.22
N GLY A 185 -37.61 8.99 -35.31
CA GLY A 185 -37.38 7.56 -35.54
C GLY A 185 -37.32 7.24 -37.02
N ASP A 186 -36.79 6.07 -37.34
CA ASP A 186 -36.90 5.51 -38.68
C ASP A 186 -37.98 4.44 -38.71
N SER A 187 -38.28 3.97 -39.92
CA SER A 187 -39.34 2.98 -40.13
C SER A 187 -39.08 1.61 -39.54
N HIS A 188 -37.82 1.33 -39.15
CA HIS A 188 -37.43 0.06 -38.53
C HIS A 188 -37.44 0.14 -36.99
N GLY A 189 -37.65 1.35 -36.44
CA GLY A 189 -37.72 1.53 -34.99
C GLY A 189 -36.49 2.08 -34.30
N ASN A 190 -35.40 2.37 -35.01
CA ASN A 190 -34.31 3.13 -34.46
C ASN A 190 -34.88 4.52 -34.08
N ALA A 191 -34.50 5.05 -32.91
CA ALA A 191 -35.10 6.31 -32.49
C ALA A 191 -34.23 7.06 -31.52
N ALA A 192 -34.46 8.36 -31.50
CA ALA A 192 -33.69 9.25 -30.65
C ALA A 192 -34.58 10.17 -29.82
N TYR A 193 -34.06 10.54 -28.67
CA TYR A 193 -34.58 11.65 -27.92
C TYR A 193 -33.74 12.86 -28.24
N THR A 194 -34.38 14.00 -28.41
CA THR A 194 -33.74 15.26 -28.75
C THR A 194 -33.78 16.23 -27.59
N GLY A 195 -34.51 15.90 -26.50
CA GLY A 195 -34.47 16.71 -25.29
C GLY A 195 -33.25 16.42 -24.39
N ILE A 196 -33.27 16.98 -23.20
CA ILE A 196 -32.16 16.86 -22.25
C ILE A 196 -32.12 15.52 -21.45
N ASP A 197 -33.24 14.80 -21.40
CA ASP A 197 -33.36 13.61 -20.51
C ASP A 197 -34.01 12.47 -21.24
N PRO A 198 -33.34 11.30 -21.29
CA PRO A 198 -34.02 10.16 -21.88
C PRO A 198 -35.11 9.56 -20.99
N TYR A 199 -35.11 9.94 -19.69
CA TYR A 199 -35.94 9.28 -18.66
C TYR A 199 -35.52 7.81 -18.64
N PHE A 200 -36.46 6.88 -18.73
CA PHE A 200 -36.18 5.45 -18.62
C PHE A 200 -36.87 4.64 -19.69
N ASP A 201 -37.13 5.25 -20.85
CA ASP A 201 -37.89 4.58 -21.92
C ASP A 201 -37.24 3.28 -22.41
N ASP A 202 -35.92 3.25 -22.41
CA ASP A 202 -35.17 2.06 -22.76
C ASP A 202 -35.48 0.89 -21.85
N LEU A 203 -35.57 1.14 -20.54
CA LEU A 203 -35.88 0.08 -19.58
C LEU A 203 -37.32 -0.40 -19.72
N PHE A 204 -38.27 0.50 -19.93
CA PHE A 204 -39.66 0.12 -20.20
C PHE A 204 -39.75 -0.83 -21.41
N LEU A 205 -39.05 -0.49 -22.49
CA LEU A 205 -39.06 -1.35 -23.68
C LEU A 205 -38.39 -2.71 -23.43
N MET A 206 -37.25 -2.68 -22.76
CA MET A 206 -36.47 -3.93 -22.50
C MET A 206 -37.18 -4.88 -21.52
N ALA A 207 -38.05 -4.33 -20.67
CA ALA A 207 -38.82 -5.12 -19.71
C ALA A 207 -40.09 -5.77 -20.26
N ALA A 208 -40.42 -5.48 -21.53
CA ALA A 208 -41.72 -5.84 -22.10
C ALA A 208 -41.60 -6.91 -23.16
N GLU A 209 -42.66 -7.70 -23.28
CA GLU A 209 -42.75 -8.66 -24.37
C GLU A 209 -43.18 -8.02 -25.70
N ARG A 210 -44.05 -7.01 -25.65
CA ARG A 210 -44.49 -6.27 -26.82
C ARG A 210 -44.07 -4.80 -26.71
N ARG A 211 -43.36 -4.29 -27.71
CA ARG A 211 -42.76 -2.98 -27.64
C ARG A 211 -43.36 -2.02 -28.67
N PHE A 212 -43.97 -0.96 -28.19
CA PHE A 212 -44.65 -0.01 -29.04
C PHE A 212 -44.10 1.39 -28.83
N LEU A 213 -43.63 1.99 -29.91
CA LEU A 213 -43.04 3.30 -29.92
C LEU A 213 -43.78 4.28 -30.82
N SER A 214 -44.04 5.49 -30.33
CA SER A 214 -44.48 6.60 -31.21
C SER A 214 -43.37 7.62 -31.30
N VAL A 215 -43.31 8.31 -32.42
CA VAL A 215 -42.39 9.40 -32.62
C VAL A 215 -43.09 10.59 -33.27
N GLU A 216 -42.55 11.79 -33.05
CA GLU A 216 -43.07 13.00 -33.71
C GLU A 216 -42.96 12.90 -35.21
N ARG A 217 -41.86 12.30 -35.71
CA ARG A 217 -41.65 12.24 -37.17
C ARG A 217 -40.77 11.04 -37.54
N ILE A 218 -41.15 10.35 -38.61
CA ILE A 218 -40.38 9.24 -39.12
C ILE A 218 -39.53 9.77 -40.27
N VAL A 219 -38.23 9.52 -40.21
CA VAL A 219 -37.28 9.96 -41.23
C VAL A 219 -36.46 8.77 -41.68
N ALA A 220 -35.67 8.99 -42.72
CA ALA A 220 -34.68 8.00 -43.15
C ALA A 220 -33.65 7.80 -42.01
N THR A 221 -33.12 6.59 -41.93
CA THR A 221 -32.03 6.29 -41.02
C THR A 221 -30.90 7.28 -41.04
N GLU A 222 -30.47 7.68 -42.25
CA GLU A 222 -29.29 8.58 -42.36
C GLU A 222 -29.65 9.98 -41.83
N GLU A 223 -30.89 10.43 -42.06
CA GLU A 223 -31.35 11.68 -41.45
C GLU A 223 -31.39 11.58 -39.90
N LEU A 224 -31.91 10.47 -39.38
CA LEU A 224 -31.95 10.25 -37.92
C LEU A 224 -30.56 10.43 -37.28
N VAL A 225 -29.60 9.68 -37.80
CA VAL A 225 -28.24 9.64 -37.25
C VAL A 225 -27.44 10.93 -37.43
N LYS A 226 -27.76 11.72 -38.45
CA LYS A 226 -27.10 13.01 -38.68
C LYS A 226 -27.66 14.13 -37.83
N SER A 227 -28.88 13.97 -37.29
CA SER A 227 -29.52 15.04 -36.56
C SER A 227 -29.22 15.01 -35.05
N VAL A 228 -28.59 13.94 -34.55
CA VAL A 228 -28.28 13.85 -33.12
C VAL A 228 -26.88 13.26 -32.87
N PRO A 229 -26.31 13.53 -31.69
CA PRO A 229 -25.11 12.78 -31.34
C PRO A 229 -25.42 11.30 -31.13
N PRO A 230 -24.45 10.41 -31.32
CA PRO A 230 -24.75 8.99 -31.12
C PRO A 230 -25.34 8.66 -29.73
N GLN A 231 -24.95 9.37 -28.67
CA GLN A 231 -25.44 9.13 -27.33
C GLN A 231 -27.00 9.30 -27.16
N ALA A 232 -27.61 10.05 -28.07
CA ALA A 232 -29.05 10.28 -28.10
C ALA A 232 -29.83 9.16 -28.81
N LEU A 233 -29.13 8.23 -29.46
CA LEU A 233 -29.77 7.10 -30.14
C LEU A 233 -30.14 6.01 -29.12
N LEU A 234 -31.18 6.33 -28.34
CA LEU A 234 -31.61 5.50 -27.20
C LEU A 234 -32.21 4.15 -27.59
N VAL A 235 -32.81 4.06 -28.78
CA VAL A 235 -33.58 2.91 -29.20
C VAL A 235 -33.03 2.36 -30.52
N ASN A 236 -32.77 1.04 -30.49
CA ASN A 236 -32.38 0.28 -31.66
C ASN A 236 -33.52 -0.66 -32.08
N ARG A 237 -33.33 -1.32 -33.21
CA ARG A 237 -34.37 -2.18 -33.77
C ARG A 237 -34.75 -3.37 -32.92
N MET A 238 -33.93 -3.78 -31.96
CA MET A 238 -34.27 -4.95 -31.14
C MET A 238 -35.30 -4.58 -30.08
N MET A 239 -35.45 -3.28 -29.85
CA MET A 239 -36.22 -2.73 -28.73
C MET A 239 -37.64 -2.32 -29.16
N VAL A 240 -38.01 -2.55 -30.42
CA VAL A 240 -39.28 -2.10 -30.97
C VAL A 240 -39.92 -3.17 -31.86
N ASP A 241 -41.20 -3.44 -31.61
CA ASP A 241 -42.04 -4.27 -32.48
C ASP A 241 -42.83 -3.45 -33.49
N ALA A 242 -43.32 -2.28 -33.09
CA ALA A 242 -44.09 -1.44 -34.02
C ALA A 242 -43.83 0.01 -33.71
N ILE A 243 -43.68 0.82 -34.77
CA ILE A 243 -43.49 2.28 -34.65
C ILE A 243 -44.66 3.01 -35.33
N VAL A 244 -45.08 4.11 -34.71
CA VAL A 244 -46.21 4.92 -35.16
C VAL A 244 -45.73 6.36 -35.25
N GLU A 245 -45.93 6.97 -36.41
CA GLU A 245 -45.71 8.40 -36.53
C GLU A 245 -46.88 9.17 -35.90
N ALA A 246 -46.63 9.90 -34.81
CA ALA A 246 -47.69 10.64 -34.09
C ALA A 246 -47.24 12.08 -33.78
N PRO A 247 -47.35 12.98 -34.77
CA PRO A 247 -47.01 14.38 -34.50
C PRO A 247 -47.93 14.92 -33.41
N GLY A 248 -47.36 15.62 -32.43
CA GLY A 248 -48.12 16.02 -31.25
C GLY A 248 -48.52 14.89 -30.33
N GLY A 249 -47.87 13.72 -30.46
CA GLY A 249 -48.30 12.51 -29.76
C GLY A 249 -48.03 12.50 -28.25
N ALA A 250 -47.22 13.45 -27.76
CA ALA A 250 -47.02 13.63 -26.34
C ALA A 250 -48.01 14.64 -25.73
N HIS A 251 -48.72 15.40 -26.55
CA HIS A 251 -49.61 16.47 -26.07
C HIS A 251 -50.63 15.85 -25.08
N PHE A 252 -50.78 16.39 -23.88
CA PHE A 252 -50.37 17.77 -23.46
C PHE A 252 -49.12 17.83 -22.58
N THR A 253 -48.30 16.75 -22.56
CA THR A 253 -47.03 16.74 -21.84
C THR A 253 -45.91 17.36 -22.72
N THR A 254 -44.78 17.69 -22.08
CA THR A 254 -43.65 18.30 -22.78
C THR A 254 -42.93 17.30 -23.68
N ALA A 255 -42.62 17.76 -24.89
CA ALA A 255 -41.82 17.03 -25.83
C ALA A 255 -40.61 17.88 -26.30
N ALA A 256 -40.03 18.58 -25.34
CA ALA A 256 -38.69 19.15 -25.42
C ALA A 256 -38.57 20.19 -26.46
N PRO A 257 -37.60 20.10 -27.41
CA PRO A 257 -37.48 21.19 -28.35
C PRO A 257 -38.68 21.23 -29.30
N ASP A 258 -39.37 20.10 -29.51
CA ASP A 258 -40.52 20.06 -30.42
C ASP A 258 -41.65 20.98 -29.94
N TYR A 259 -42.09 20.78 -28.71
CA TYR A 259 -43.07 21.69 -28.07
C TYR A 259 -43.01 21.46 -26.56
N GLY A 260 -43.37 22.49 -25.81
CA GLY A 260 -43.46 22.40 -24.36
C GLY A 260 -44.75 21.78 -23.89
N ARG A 261 -44.86 21.67 -22.56
CA ARG A 261 -46.12 21.35 -21.93
C ARG A 261 -47.18 22.38 -22.31
N ASP A 262 -48.36 21.91 -22.68
CA ASP A 262 -49.49 22.81 -22.95
C ASP A 262 -50.11 23.09 -21.59
N GLU A 263 -49.63 24.14 -20.93
CA GLU A 263 -49.94 24.41 -19.51
C GLU A 263 -51.42 24.75 -19.35
N GLN A 264 -51.94 25.62 -20.22
CA GLN A 264 -53.34 26.02 -20.17
C GLN A 264 -54.27 24.83 -20.45
N PHE A 265 -53.90 23.99 -21.42
CA PHE A 265 -54.75 22.82 -21.68
C PHE A 265 -54.75 21.81 -20.53
N GLN A 266 -53.58 21.62 -19.92
CA GLN A 266 -53.47 20.69 -18.79
C GLN A 266 -54.36 21.14 -17.62
N ARG A 267 -54.35 22.43 -17.35
CA ARG A 267 -55.25 23.01 -16.35
C ARG A 267 -56.72 22.80 -16.73
N HIS A 268 -57.04 23.02 -18.01
CA HIS A 268 -58.38 22.74 -18.53
C HIS A 268 -58.78 21.27 -18.28
N TYR A 269 -57.84 20.34 -18.54
CA TYR A 269 -58.03 18.91 -18.23
C TYR A 269 -58.37 18.72 -16.78
N ALA A 270 -57.58 19.32 -15.89
CA ALA A 270 -57.76 19.08 -14.46
C ALA A 270 -59.10 19.67 -13.95
N GLU A 271 -59.44 20.89 -14.40
CA GLU A 271 -60.71 21.53 -14.04
C GLU A 271 -61.92 20.69 -14.49
N ALA A 272 -61.88 20.20 -15.73
CA ALA A 272 -62.93 19.36 -16.28
C ALA A 272 -63.17 18.05 -15.48
N ALA A 273 -62.10 17.47 -14.95
CA ALA A 273 -62.21 16.26 -14.14
C ALA A 273 -62.96 16.46 -12.81
N SER A 274 -63.04 17.70 -12.34
CA SER A 274 -63.68 18.04 -11.07
C SER A 274 -65.21 17.89 -11.03
N THR A 275 -65.88 17.79 -12.18
CA THR A 275 -67.35 17.62 -12.22
C THR A 275 -67.79 16.67 -13.32
N GLN A 276 -68.99 16.12 -13.14
CA GLN A 276 -69.56 15.13 -14.07
C GLN A 276 -69.84 15.78 -15.44
N VAL A 277 -70.49 16.93 -15.43
CA VAL A 277 -70.78 17.67 -16.66
C VAL A 277 -69.50 18.12 -17.36
N GLY A 278 -68.56 18.66 -16.60
CA GLY A 278 -67.31 19.14 -17.17
C GLY A 278 -66.52 18.03 -17.85
N TRP A 279 -66.43 16.87 -17.19
CA TRP A 279 -65.75 15.74 -17.80
C TRP A 279 -66.48 15.25 -19.06
N GLN A 280 -67.80 15.06 -18.98
CA GLN A 280 -68.60 14.65 -20.17
C GLN A 280 -68.34 15.61 -21.35
N GLN A 281 -68.30 16.91 -21.09
CA GLN A 281 -67.99 17.90 -22.15
C GLN A 281 -66.56 17.77 -22.71
N PHE A 282 -65.60 17.51 -21.83
CA PHE A 282 -64.22 17.28 -22.23
C PHE A 282 -64.12 16.05 -23.14
N VAL A 283 -64.73 14.95 -22.71
CA VAL A 283 -64.74 13.71 -23.50
C VAL A 283 -65.36 13.96 -24.86
N HIS A 284 -66.48 14.69 -24.89
CA HIS A 284 -67.17 14.98 -26.15
C HIS A 284 -66.29 15.78 -27.11
N THR A 285 -65.67 16.84 -26.58
CA THR A 285 -64.86 17.74 -27.37
C THR A 285 -63.52 17.13 -27.84
N TYR A 286 -62.83 16.41 -26.95
CA TYR A 286 -61.45 15.98 -27.26
C TYR A 286 -61.24 14.49 -27.53
N LEU A 287 -62.06 13.66 -26.92
CA LEU A 287 -61.77 12.23 -26.83
C LEU A 287 -62.79 11.32 -27.51
N SER A 288 -63.59 11.87 -28.41
CA SER A 288 -64.70 11.09 -29.05
C SER A 288 -64.49 10.79 -30.54
N GLY A 289 -63.35 11.22 -31.08
CA GLY A 289 -62.99 10.98 -32.45
C GLY A 289 -61.64 10.34 -32.52
N THR A 290 -60.88 10.68 -33.55
CA THR A 290 -59.56 10.12 -33.77
C THR A 290 -58.49 11.03 -33.14
N GLU A 291 -57.23 10.60 -33.29
CA GLU A 291 -56.09 11.41 -32.85
C GLU A 291 -56.03 12.73 -33.63
N ALA A 292 -56.32 12.67 -34.93
CA ALA A 292 -56.41 13.90 -35.73
C ALA A 292 -57.49 14.86 -35.23
N ASP A 293 -58.65 14.31 -34.82
CA ASP A 293 -59.73 15.16 -34.24
C ASP A 293 -59.24 15.80 -32.95
N TYR A 294 -58.62 15.01 -32.07
CA TYR A 294 -58.00 15.57 -30.85
C TYR A 294 -57.01 16.70 -31.15
N GLN A 295 -56.10 16.50 -32.10
CA GLN A 295 -55.09 17.51 -32.42
C GLN A 295 -55.70 18.83 -32.95
N ALA A 296 -56.73 18.71 -33.77
CA ALA A 296 -57.47 19.87 -34.29
C ALA A 296 -58.24 20.60 -33.17
N ALA A 297 -58.93 19.85 -32.30
CA ALA A 297 -59.64 20.44 -31.13
C ALA A 297 -58.68 21.20 -30.22
N VAL A 298 -57.49 20.62 -30.02
CA VAL A 298 -56.44 21.21 -29.17
C VAL A 298 -55.86 22.49 -29.75
N HIS A 299 -55.58 22.48 -31.06
CA HIS A 299 -55.13 23.68 -31.76
C HIS A 299 -56.18 24.81 -31.69
N ASN A 300 -57.47 24.44 -31.80
CA ASN A 300 -58.58 25.38 -31.66
C ASN A 300 -58.71 25.98 -30.24
N PHE A 301 -58.54 25.15 -29.21
CA PHE A 301 -58.45 25.64 -27.83
C PHE A 301 -57.31 26.68 -27.71
N GLY A 302 -56.16 26.35 -28.29
CA GLY A 302 -54.99 27.23 -28.30
C GLY A 302 -55.17 28.52 -29.07
N ALA A 303 -55.77 28.42 -30.26
CA ALA A 303 -56.07 29.60 -31.10
C ALA A 303 -56.99 30.60 -30.38
N SER A 304 -57.93 30.08 -29.58
CA SER A 304 -58.81 30.89 -28.75
C SER A 304 -58.02 31.76 -27.74
N ARG A 305 -57.04 31.16 -27.07
CA ARG A 305 -56.09 31.91 -26.22
C ARG A 305 -54.98 32.56 -27.04
N SER B 2 -34.82 42.91 8.76
CA SER B 2 -35.12 41.68 7.97
C SER B 2 -36.50 41.09 8.32
N THR B 3 -37.07 40.38 7.36
CA THR B 3 -38.35 39.78 7.54
C THR B 3 -38.21 38.31 8.02
N ARG B 4 -39.34 37.75 8.45
CA ARG B 4 -39.41 36.33 8.77
C ARG B 4 -38.92 35.44 7.63
N ALA B 5 -39.37 35.70 6.41
CA ALA B 5 -38.92 34.92 5.20
C ALA B 5 -37.38 34.94 5.02
N GLU B 6 -36.77 36.08 5.34
CA GLU B 6 -35.32 36.26 5.21
C GLU B 6 -34.55 35.47 6.26
N VAL B 7 -35.06 35.48 7.50
CA VAL B 7 -34.52 34.67 8.57
C VAL B 7 -34.61 33.18 8.22
N CYS B 8 -35.73 32.75 7.67
CA CYS B 8 -35.93 31.40 7.15
C CYS B 8 -34.98 31.03 6.00
N ALA B 9 -34.83 31.94 5.04
CA ALA B 9 -33.89 31.72 3.93
C ALA B 9 -32.45 31.46 4.42
N VAL B 10 -32.01 32.25 5.42
CA VAL B 10 -30.67 32.05 5.98
C VAL B 10 -30.55 30.75 6.78
N ALA B 11 -31.63 30.40 7.52
CA ALA B 11 -31.70 29.12 8.21
C ALA B 11 -31.58 27.94 7.22
N CYS B 12 -32.28 28.04 6.09
CA CYS B 12 -32.14 27.06 5.01
C CYS B 12 -30.71 27.01 4.47
N ALA B 13 -30.09 28.17 4.24
CA ALA B 13 -28.67 28.23 3.83
C ALA B 13 -27.76 27.48 4.79
N GLU B 14 -27.99 27.64 6.10
CA GLU B 14 -27.15 27.01 7.13
C GLU B 14 -27.22 25.50 7.16
N LEU B 15 -28.27 24.93 6.57
CA LEU B 15 -28.34 23.48 6.38
C LEU B 15 -27.15 22.93 5.63
N PHE B 16 -26.58 23.72 4.75
CA PHE B 16 -25.48 23.31 3.86
C PHE B 16 -24.08 23.76 4.29
N ARG B 17 -23.94 24.34 5.48
CA ARG B 17 -22.59 24.65 6.01
C ARG B 17 -21.84 23.33 6.17
N ASP B 18 -20.59 23.25 5.70
CA ASP B 18 -19.81 21.98 5.75
C ASP B 18 -20.38 20.86 4.88
N ALA B 19 -21.15 21.23 3.86
CA ALA B 19 -21.69 20.24 2.94
C ALA B 19 -20.53 19.67 2.10
N GLY B 20 -19.60 20.51 1.73
CA GLY B 20 -18.54 20.13 0.81
C GLY B 20 -19.06 20.02 -0.62
N GLU B 21 -18.37 19.22 -1.43
CA GLU B 21 -18.64 19.13 -2.86
C GLU B 21 -19.64 18.01 -3.16
N ILE B 22 -20.89 18.24 -2.77
CA ILE B 22 -22.00 17.32 -2.93
C ILE B 22 -23.14 18.03 -3.63
N MET B 23 -24.08 17.25 -4.17
CA MET B 23 -25.25 17.83 -4.80
C MET B 23 -26.29 18.25 -3.76
N ILE B 24 -26.66 19.53 -3.81
CA ILE B 24 -27.77 20.04 -3.01
C ILE B 24 -29.03 20.04 -3.90
N SER B 25 -30.10 19.44 -3.39
CA SER B 25 -31.38 19.30 -4.12
C SER B 25 -32.49 19.98 -3.32
N PRO B 26 -32.64 21.30 -3.49
CA PRO B 26 -33.67 22.04 -2.77
C PRO B 26 -34.98 21.88 -3.51
N MET B 27 -35.96 21.30 -2.86
CA MET B 27 -37.22 21.01 -3.58
C MET B 27 -38.32 22.02 -3.26
N THR B 28 -38.01 23.08 -2.53
CA THR B 28 -38.93 24.20 -2.37
C THR B 28 -38.19 25.48 -2.70
N ASN B 29 -38.96 26.51 -3.04
CA ASN B 29 -38.40 27.80 -3.29
C ASN B 29 -37.60 28.34 -2.10
N MET B 30 -38.10 28.16 -0.88
CA MET B 30 -37.39 28.67 0.29
C MET B 30 -36.04 27.98 0.43
N ALA B 31 -36.02 26.66 0.27
CA ALA B 31 -34.75 25.92 0.31
C ALA B 31 -33.83 26.34 -0.83
N SER B 32 -34.41 26.60 -1.99
CA SER B 32 -33.63 27.00 -3.16
C SER B 32 -32.97 28.41 -2.99
N VAL B 33 -33.66 29.33 -2.33
CA VAL B 33 -33.02 30.61 -1.96
C VAL B 33 -31.86 30.37 -1.00
N GLY B 34 -32.11 29.53 0.01
CA GLY B 34 -31.08 29.15 0.98
C GLY B 34 -29.87 28.50 0.31
N ALA B 35 -30.12 27.53 -0.57
CA ALA B 35 -29.01 26.83 -1.27
C ALA B 35 -28.16 27.78 -2.13
N ARG B 36 -28.80 28.70 -2.84
CA ARG B 36 -28.07 29.67 -3.65
C ARG B 36 -27.28 30.64 -2.81
N LEU B 37 -27.85 31.06 -1.67
CA LEU B 37 -27.13 31.87 -0.68
C LEU B 37 -25.90 31.16 -0.17
N ALA B 38 -26.04 29.88 0.17
CA ALA B 38 -24.91 29.07 0.65
C ALA B 38 -23.82 29.01 -0.42
N ARG B 39 -24.19 28.75 -1.68
CA ARG B 39 -23.21 28.61 -2.75
C ARG B 39 -22.40 29.87 -3.01
N LEU B 40 -23.09 31.01 -2.98
CA LEU B 40 -22.45 32.30 -3.09
C LEU B 40 -21.64 32.74 -1.86
N THR B 41 -21.79 32.08 -0.72
CA THR B 41 -21.08 32.47 0.51
C THR B 41 -20.25 31.31 1.14
N PHE B 42 -20.77 30.70 2.18
CA PHE B 42 -19.98 29.78 3.02
C PHE B 42 -19.96 28.31 2.53
N ALA B 43 -20.76 27.94 1.54
CA ALA B 43 -20.60 26.60 0.91
C ALA B 43 -20.36 26.68 -0.60
N PRO B 44 -19.22 27.26 -1.03
CA PRO B 44 -18.98 27.51 -2.47
C PRO B 44 -18.81 26.29 -3.36
N ASP B 45 -18.63 25.09 -2.78
CA ASP B 45 -18.33 23.90 -3.58
C ASP B 45 -19.59 23.06 -3.93
N ILE B 46 -20.77 23.44 -3.42
CA ILE B 46 -21.96 22.61 -3.70
C ILE B 46 -22.33 22.60 -5.18
N LEU B 47 -23.02 21.55 -5.58
CA LEU B 47 -23.51 21.40 -6.95
C LEU B 47 -24.99 21.70 -6.88
N LEU B 48 -25.47 22.35 -7.94
CA LEU B 48 -26.89 22.71 -8.07
C LEU B 48 -27.34 22.48 -9.49
N THR B 49 -28.51 21.87 -9.67
CA THR B 49 -29.08 21.73 -10.99
C THR B 49 -29.87 22.99 -11.36
N ASP B 50 -30.25 23.08 -12.65
CA ASP B 50 -31.15 24.15 -13.15
C ASP B 50 -32.63 23.89 -12.91
N GLY B 51 -32.94 22.94 -12.02
CA GLY B 51 -34.31 22.52 -11.77
C GLY B 51 -34.77 21.44 -12.75
N GLU B 52 -33.95 21.08 -13.73
CA GLU B 52 -34.31 20.03 -14.62
C GLU B 52 -33.20 18.98 -14.70
N ALA B 53 -32.32 19.05 -15.70
CA ALA B 53 -31.33 18.01 -15.95
C ALA B 53 -29.89 18.51 -16.25
N GLN B 54 -29.60 19.78 -15.91
CA GLN B 54 -28.27 20.29 -16.08
C GLN B 54 -27.73 20.88 -14.80
N LEU B 55 -26.43 20.75 -14.60
CA LEU B 55 -25.73 21.37 -13.50
C LEU B 55 -25.33 22.78 -13.83
N LEU B 56 -25.67 23.72 -12.95
CA LEU B 56 -25.36 25.14 -13.14
C LEU B 56 -23.92 25.42 -12.77
N ALA B 57 -23.29 26.21 -13.64
CA ALA B 57 -21.91 26.65 -13.45
C ALA B 57 -21.84 27.86 -12.50
N ASP B 58 -22.77 28.79 -12.66
CA ASP B 58 -22.90 30.00 -11.83
C ASP B 58 -24.10 29.79 -10.89
N THR B 59 -24.52 30.87 -10.23
CA THR B 59 -25.64 30.84 -9.30
C THR B 59 -26.61 31.99 -9.66
N PRO B 60 -27.49 31.78 -10.63
CA PRO B 60 -28.42 32.84 -11.04
C PRO B 60 -29.62 33.03 -10.10
N ALA B 61 -30.37 34.09 -10.38
CA ALA B 61 -31.58 34.43 -9.64
C ALA B 61 -32.63 33.32 -9.79
N LEU B 62 -33.37 33.09 -8.72
CA LEU B 62 -34.45 32.12 -8.71
C LEU B 62 -35.54 32.54 -9.66
N GLY B 63 -36.05 31.56 -10.39
CA GLY B 63 -37.22 31.71 -11.25
C GLY B 63 -36.98 32.49 -12.52
N LYS B 64 -35.73 32.79 -12.83
CA LYS B 64 -35.43 33.88 -13.77
C LYS B 64 -35.56 33.38 -15.19
N THR B 65 -35.86 34.33 -16.07
CA THR B 65 -36.03 34.07 -17.49
C THR B 65 -35.09 35.06 -18.17
N GLY B 66 -35.10 35.11 -19.49
CA GLY B 66 -34.12 35.95 -20.23
C GLY B 66 -32.83 35.24 -20.56
N ALA B 67 -31.71 35.57 -19.91
CA ALA B 67 -30.39 35.09 -20.34
C ALA B 67 -30.24 33.59 -20.03
N PRO B 68 -29.70 32.78 -20.96
CA PRO B 68 -29.50 31.37 -20.62
C PRO B 68 -28.45 31.14 -19.52
N ASN B 69 -28.60 30.03 -18.79
CA ASN B 69 -27.67 29.70 -17.71
C ASN B 69 -26.42 29.04 -18.28
N ARG B 70 -25.27 29.31 -17.69
CA ARG B 70 -24.08 28.53 -18.02
C ARG B 70 -24.16 27.21 -17.24
N ILE B 71 -23.72 26.14 -17.87
CA ILE B 71 -23.78 24.80 -17.29
C ILE B 71 -22.37 24.26 -17.11
N GLU B 72 -22.24 23.31 -16.19
CA GLU B 72 -20.99 22.61 -15.95
C GLU B 72 -21.10 21.10 -16.03
N GLY B 73 -22.28 20.58 -16.34
CA GLY B 73 -22.49 19.14 -16.34
C GLY B 73 -23.91 18.77 -16.64
N TRP B 74 -24.09 17.45 -16.68
CA TRP B 74 -25.35 16.82 -17.07
C TRP B 74 -25.84 15.98 -15.93
N MET B 75 -27.09 16.14 -15.55
CA MET B 75 -27.66 15.47 -14.40
C MET B 75 -29.11 15.04 -14.70
N PRO B 76 -29.29 14.09 -15.66
CA PRO B 76 -30.60 13.56 -15.91
C PRO B 76 -31.07 12.69 -14.73
N PHE B 77 -32.34 12.28 -14.72
CA PHE B 77 -32.93 11.66 -13.56
C PHE B 77 -32.26 10.34 -13.20
N GLY B 78 -31.82 9.59 -14.21
CA GLY B 78 -31.02 8.38 -14.02
C GLY B 78 -29.77 8.64 -13.20
N ARG B 79 -29.09 9.75 -13.51
CA ARG B 79 -27.89 10.12 -12.81
C ARG B 79 -28.16 10.67 -11.41
N VAL B 80 -29.32 11.27 -11.18
CA VAL B 80 -29.74 11.59 -9.83
C VAL B 80 -29.88 10.33 -8.98
N PHE B 81 -30.54 9.30 -9.50
CA PHE B 81 -30.65 8.03 -8.75
C PHE B 81 -29.27 7.42 -8.42
N GLU B 82 -28.36 7.50 -9.37
CA GLU B 82 -27.00 7.00 -9.18
C GLU B 82 -26.27 7.80 -8.12
N THR B 83 -26.44 9.12 -8.18
CA THR B 83 -25.82 10.04 -7.24
C THR B 83 -26.35 9.81 -5.80
N LEU B 84 -27.66 9.60 -5.67
CA LEU B 84 -28.24 9.48 -4.32
C LEU B 84 -27.86 8.15 -3.64
N ALA B 85 -27.84 7.07 -4.39
CA ALA B 85 -27.39 5.77 -3.89
C ALA B 85 -25.90 5.75 -3.51
N TRP B 86 -25.10 6.54 -4.26
CA TRP B 86 -23.71 6.81 -3.97
C TRP B 86 -23.50 7.67 -2.71
N GLY B 87 -24.52 8.46 -2.33
CA GLY B 87 -24.56 9.20 -1.05
C GLY B 87 -24.16 10.66 -1.05
N ARG B 88 -23.72 11.19 -2.20
CA ARG B 88 -23.14 12.52 -2.26
C ARG B 88 -24.18 13.58 -2.51
N ARG B 89 -25.08 13.74 -1.56
CA ARG B 89 -26.24 14.60 -1.78
C ARG B 89 -26.88 15.01 -0.46
N HIS B 90 -27.52 16.18 -0.49
CA HIS B 90 -28.37 16.65 0.61
C HIS B 90 -29.66 17.21 -0.02
N VAL B 91 -30.80 16.62 0.32
CA VAL B 91 -32.07 17.01 -0.24
C VAL B 91 -32.86 17.73 0.85
N VAL B 92 -33.53 18.80 0.43
CA VAL B 92 -34.48 19.51 1.27
C VAL B 92 -35.83 19.37 0.59
N MET B 93 -36.74 18.67 1.26
CA MET B 93 -38.09 18.41 0.74
C MET B 93 -39.14 19.16 1.52
N GLY B 94 -40.31 19.32 0.91
CA GLY B 94 -41.50 19.74 1.64
C GLY B 94 -42.03 18.60 2.48
N ALA B 95 -43.16 18.86 3.17
CA ALA B 95 -43.75 17.80 3.99
C ALA B 95 -45.18 18.13 4.35
N ASN B 96 -46.10 17.24 3.98
CA ASN B 96 -47.51 17.43 4.37
C ASN B 96 -47.69 17.06 5.84
N GLN B 97 -46.94 16.06 6.31
CA GLN B 97 -46.78 15.77 7.72
C GLN B 97 -45.33 15.46 8.04
N VAL B 98 -44.93 15.84 9.25
CA VAL B 98 -43.69 15.42 9.86
C VAL B 98 -44.02 15.01 11.31
N ASP B 99 -43.48 13.90 11.77
CA ASP B 99 -43.72 13.46 13.14
C ASP B 99 -42.50 13.62 14.01
N ARG B 100 -42.64 13.29 15.29
CA ARG B 100 -41.58 13.65 16.23
C ARG B 100 -40.29 12.88 16.09
N TYR B 101 -40.31 11.74 15.40
CA TYR B 101 -39.04 11.03 15.08
C TYR B 101 -38.51 11.37 13.68
N GLY B 102 -39.11 12.34 13.03
CA GLY B 102 -38.68 12.79 11.74
C GLY B 102 -39.21 12.03 10.54
N ASN B 103 -40.25 11.20 10.72
CA ASN B 103 -40.92 10.59 9.57
C ASN B 103 -41.66 11.67 8.81
N GLN B 104 -41.62 11.57 7.47
CA GLN B 104 -42.25 12.55 6.60
C GLN B 104 -43.26 11.83 5.70
N ASN B 105 -44.34 12.55 5.43
CA ASN B 105 -45.42 12.13 4.53
C ASN B 105 -45.66 13.20 3.47
N ILE B 106 -45.42 12.80 2.22
CA ILE B 106 -45.88 13.52 1.05
C ILE B 106 -46.74 12.65 0.13
N SER B 107 -47.19 11.51 0.65
CA SER B 107 -47.89 10.51 -0.13
C SER B 107 -49.39 10.70 -0.18
N ALA B 108 -50.01 10.58 0.98
CA ALA B 108 -51.46 10.69 1.12
C ALA B 108 -51.87 10.77 2.59
N PHE B 109 -53.10 11.20 2.81
CA PHE B 109 -53.75 11.15 4.13
C PHE B 109 -54.70 9.95 4.15
N GLY B 110 -54.77 9.26 5.27
CA GLY B 110 -55.70 8.19 5.51
C GLY B 110 -55.11 6.84 5.23
N PRO B 111 -55.97 5.81 5.13
CA PRO B 111 -55.53 4.45 4.89
C PRO B 111 -54.83 4.28 3.55
N LEU B 112 -53.83 3.40 3.51
CA LEU B 112 -52.96 3.22 2.34
C LEU B 112 -53.68 2.85 1.06
N GLN B 113 -54.61 1.89 1.14
CA GLN B 113 -55.38 1.45 -0.02
C GLN B 113 -56.65 2.28 -0.27
N ARG B 114 -56.99 3.17 0.64
CA ARG B 114 -58.13 4.06 0.40
C ARG B 114 -57.94 5.37 1.14
N PRO B 115 -57.12 6.26 0.57
CA PRO B 115 -56.81 7.46 1.30
C PRO B 115 -57.97 8.42 1.26
N THR B 116 -57.99 9.35 2.21
CA THR B 116 -58.99 10.43 2.25
C THR B 116 -58.55 11.64 1.46
N ARG B 117 -57.25 11.75 1.21
CA ARG B 117 -56.73 12.75 0.30
C ARG B 117 -55.43 12.21 -0.31
N GLN B 118 -55.31 12.31 -1.63
CA GLN B 118 -54.16 11.83 -2.39
C GLN B 118 -53.21 12.98 -2.74
N MET B 119 -51.93 12.78 -2.47
CA MET B 119 -50.90 13.72 -2.91
C MET B 119 -50.01 13.02 -3.95
N PHE B 120 -48.68 13.02 -3.82
CA PHE B 120 -47.79 12.58 -4.94
C PHE B 120 -47.51 11.10 -4.91
N GLY B 121 -47.74 10.49 -3.78
CA GLY B 121 -47.10 9.22 -3.45
C GLY B 121 -45.76 9.51 -2.78
N VAL B 122 -45.05 8.44 -2.43
CA VAL B 122 -43.81 8.55 -1.65
C VAL B 122 -42.66 9.22 -2.41
N ARG B 123 -42.74 9.23 -3.75
CA ARG B 123 -41.69 9.76 -4.61
C ARG B 123 -40.33 9.12 -4.29
N GLY B 124 -39.29 9.93 -4.13
CA GLY B 124 -37.95 9.44 -3.76
C GLY B 124 -37.65 9.53 -2.30
N SER B 125 -38.65 9.87 -1.47
CA SER B 125 -38.40 10.04 -0.05
C SER B 125 -37.76 8.81 0.61
N PRO B 126 -38.26 7.62 0.31
CA PRO B 126 -37.64 6.45 0.97
C PRO B 126 -36.15 6.29 0.62
N GLY B 127 -35.82 6.45 -0.65
CA GLY B 127 -34.43 6.37 -1.12
C GLY B 127 -33.56 7.50 -0.55
N ASN B 128 -34.10 8.71 -0.52
CA ASN B 128 -33.37 9.82 0.03
C ASN B 128 -33.01 9.60 1.51
N THR B 129 -33.99 9.22 2.32
CA THR B 129 -33.82 9.17 3.78
C THR B 129 -32.95 7.95 4.22
N ILE B 130 -32.89 6.90 3.43
CA ILE B 130 -32.06 5.72 3.72
C ILE B 130 -30.60 5.94 3.22
N ASN B 131 -30.37 6.95 2.40
CA ASN B 131 -29.08 7.10 1.72
C ASN B 131 -28.23 8.29 2.11
N HIS B 132 -28.83 9.42 2.50
CA HIS B 132 -28.01 10.63 2.68
C HIS B 132 -28.78 11.72 3.39
N ALA B 133 -28.08 12.79 3.70
CA ALA B 133 -28.64 13.91 4.43
C ALA B 133 -29.97 14.37 3.83
N THR B 134 -30.98 14.46 4.68
CA THR B 134 -32.27 14.91 4.27
C THR B 134 -32.75 15.91 5.33
N SER B 135 -33.24 17.07 4.85
CA SER B 135 -33.88 18.07 5.68
C SER B 135 -35.24 18.48 5.11
N TYR B 136 -36.03 19.15 5.93
CA TYR B 136 -37.41 19.54 5.57
C TYR B 136 -37.68 21.03 5.78
N TRP B 137 -38.43 21.61 4.84
CA TRP B 137 -38.94 22.99 4.92
C TRP B 137 -40.44 22.89 5.08
N VAL B 138 -40.98 23.52 6.12
CA VAL B 138 -42.40 23.60 6.38
C VAL B 138 -42.77 25.08 6.52
N GLY B 139 -43.62 25.59 5.63
CA GLY B 139 -43.96 27.00 5.61
C GLY B 139 -45.12 27.40 6.51
N ASN B 140 -45.89 26.42 6.97
CA ASN B 140 -47.02 26.68 7.89
C ASN B 140 -47.00 25.65 9.00
N HIS B 141 -46.19 25.96 10.00
CA HIS B 141 -46.00 25.14 11.15
C HIS B 141 -47.36 25.11 11.90
N CYS B 142 -48.02 23.95 11.87
CA CYS B 142 -49.30 23.78 12.57
C CYS B 142 -49.46 22.31 12.96
N LYS B 143 -50.47 22.08 13.79
CA LYS B 143 -50.73 20.75 14.34
C LYS B 143 -51.04 19.72 13.28
N ARG B 144 -51.70 20.12 12.20
CA ARG B 144 -51.99 19.17 11.12
C ARG B 144 -50.74 18.76 10.32
N VAL B 145 -49.67 19.53 10.42
CA VAL B 145 -48.38 19.14 9.80
C VAL B 145 -47.52 18.37 10.78
N PHE B 146 -47.28 18.98 11.94
CA PHE B 146 -46.49 18.35 13.02
C PHE B 146 -47.38 17.49 13.87
N VAL B 147 -47.46 16.21 13.51
CA VAL B 147 -48.36 15.20 14.09
C VAL B 147 -47.59 14.21 14.95
N GLU B 148 -48.32 13.51 15.81
CA GLU B 148 -47.75 12.40 16.59
C GLU B 148 -47.08 11.33 15.72
N ALA B 149 -47.82 10.85 14.74
CA ALA B 149 -47.32 9.82 13.81
C ALA B 149 -47.94 10.02 12.42
N VAL B 150 -47.12 9.94 11.38
CA VAL B 150 -47.60 10.23 10.03
C VAL B 150 -48.54 9.11 9.55
N ASP B 151 -49.45 9.48 8.66
CA ASP B 151 -50.37 8.53 8.03
C ASP B 151 -49.65 7.53 7.13
N VAL B 152 -48.67 8.03 6.37
CA VAL B 152 -47.88 7.23 5.44
C VAL B 152 -46.43 7.63 5.62
N VAL B 153 -45.57 6.64 5.85
CA VAL B 153 -44.14 6.89 6.00
C VAL B 153 -43.50 6.93 4.60
N SER B 154 -43.28 8.15 4.11
CA SER B 154 -42.61 8.37 2.82
C SER B 154 -41.12 8.55 3.10
N GLY B 155 -40.77 9.53 3.93
CA GLY B 155 -39.38 9.65 4.45
C GLY B 155 -39.29 8.99 5.82
N ILE B 156 -38.30 8.12 6.01
CA ILE B 156 -38.21 7.36 7.26
C ILE B 156 -37.59 8.18 8.36
N GLY B 157 -38.05 7.91 9.58
CA GLY B 157 -37.56 8.57 10.80
C GLY B 157 -36.75 7.65 11.65
N TYR B 158 -36.23 8.20 12.76
CA TYR B 158 -35.22 7.49 13.55
C TYR B 158 -35.78 6.22 14.22
N ASP B 159 -37.06 6.20 14.52
CA ASP B 159 -37.71 5.00 15.08
C ASP B 159 -37.78 3.80 14.14
N LYS B 160 -37.52 4.00 12.85
CA LYS B 160 -37.54 2.91 11.86
C LYS B 160 -36.19 2.27 11.65
N VAL B 161 -35.13 2.84 12.24
CA VAL B 161 -33.77 2.33 12.11
C VAL B 161 -33.70 1.00 12.91
N ASP B 162 -33.32 -0.06 12.24
CA ASP B 162 -33.05 -1.34 12.91
C ASP B 162 -31.55 -1.34 13.22
N PRO B 163 -31.17 -1.23 14.51
CA PRO B 163 -29.74 -1.15 14.80
C PRO B 163 -28.98 -2.45 14.49
N ASP B 164 -29.68 -3.58 14.32
CA ASP B 164 -29.02 -4.81 13.90
C ASP B 164 -28.85 -4.99 12.37
N ASN B 165 -29.30 -4.02 11.58
CA ASN B 165 -29.17 -4.11 10.11
C ASN B 165 -28.32 -2.97 9.62
N PRO B 166 -27.04 -3.23 9.26
CA PRO B 166 -26.19 -2.17 8.75
C PRO B 166 -26.67 -1.46 7.47
N ALA B 167 -27.73 -1.93 6.85
CA ALA B 167 -28.36 -1.21 5.73
C ALA B 167 -28.91 0.17 6.13
N PHE B 168 -29.23 0.37 7.41
CA PHE B 168 -29.66 1.67 7.91
C PHE B 168 -28.53 2.62 8.30
N ARG B 169 -27.27 2.22 8.13
CA ARG B 169 -26.13 3.02 8.57
C ARG B 169 -25.93 4.41 7.88
N PHE B 170 -26.61 4.67 6.76
CA PHE B 170 -26.47 6.00 6.15
C PHE B 170 -27.59 6.97 6.47
N VAL B 171 -28.51 6.59 7.36
CA VAL B 171 -29.60 7.48 7.71
C VAL B 171 -29.05 8.78 8.29
N ASN B 172 -29.55 9.92 7.82
CA ASN B 172 -29.08 11.23 8.32
C ASN B 172 -30.16 12.29 8.10
N VAL B 173 -31.26 12.14 8.82
CA VAL B 173 -32.35 13.09 8.80
C VAL B 173 -31.92 14.21 9.71
N TYR B 174 -31.68 15.39 9.11
CA TYR B 174 -30.87 16.40 9.77
C TYR B 174 -31.75 17.39 10.51
N ARG B 175 -32.33 18.35 9.80
CA ARG B 175 -33.14 19.37 10.42
C ARG B 175 -34.48 19.64 9.75
N VAL B 176 -35.37 20.27 10.52
CA VAL B 176 -36.58 20.85 10.01
C VAL B 176 -36.49 22.36 10.27
N VAL B 177 -36.63 23.14 9.20
CA VAL B 177 -36.77 24.61 9.26
C VAL B 177 -38.21 24.96 8.93
N SER B 178 -38.86 25.67 9.83
CA SER B 178 -40.24 26.09 9.63
C SER B 178 -40.32 27.60 9.71
N ASN B 179 -41.52 28.14 9.44
CA ASN B 179 -41.77 29.57 9.63
C ASN B 179 -41.64 30.04 11.11
N LEU B 180 -41.51 29.11 12.06
CA LEU B 180 -41.34 29.40 13.49
C LEU B 180 -39.95 29.17 14.09
N GLY B 181 -39.25 28.15 13.60
CA GLY B 181 -37.96 27.80 14.20
C GLY B 181 -37.11 26.85 13.38
N VAL B 182 -35.97 26.51 13.95
CA VAL B 182 -35.09 25.41 13.48
C VAL B 182 -35.15 24.27 14.50
N PHE B 183 -35.34 23.05 13.98
CA PHE B 183 -35.50 21.85 14.80
C PHE B 183 -34.60 20.74 14.29
N ASP B 184 -34.22 19.84 15.20
CA ASP B 184 -33.38 18.70 14.88
C ASP B 184 -33.94 17.46 15.58
N PHE B 185 -33.22 16.34 15.51
CA PHE B 185 -33.67 15.10 16.16
C PHE B 185 -32.67 14.59 17.18
N GLY B 186 -32.18 15.51 18.00
CA GLY B 186 -31.26 15.22 19.07
C GLY B 186 -31.90 15.05 20.45
N GLY B 187 -33.23 15.06 20.53
CA GLY B 187 -33.92 14.73 21.79
C GLY B 187 -33.76 13.26 22.17
N PRO B 188 -34.35 12.83 23.29
CA PRO B 188 -34.37 11.40 23.66
C PRO B 188 -35.01 10.53 22.58
N ASP B 189 -34.42 9.36 22.31
CA ASP B 189 -34.87 8.46 21.22
C ASP B 189 -34.91 9.15 19.85
N HIS B 190 -34.05 10.15 19.66
CA HIS B 190 -34.04 11.02 18.47
C HIS B 190 -35.37 11.67 18.22
N SER B 191 -36.00 12.16 19.28
CA SER B 191 -37.23 12.92 19.19
C SER B 191 -36.89 14.36 18.86
N MET B 192 -37.87 15.05 18.28
CA MET B 192 -37.68 16.40 17.77
C MET B 192 -37.28 17.35 18.88
N ARG B 193 -36.22 18.11 18.60
CA ARG B 193 -35.65 19.06 19.54
C ARG B 193 -35.53 20.44 18.87
N ALA B 194 -35.77 21.48 19.67
CA ALA B 194 -35.64 22.86 19.23
C ALA B 194 -34.19 23.23 19.16
N VAL B 195 -33.73 23.68 17.98
CA VAL B 195 -32.42 24.28 17.81
C VAL B 195 -32.52 25.78 18.12
N SER B 196 -33.48 26.45 17.49
CA SER B 196 -33.64 27.88 17.65
C SER B 196 -35.05 28.29 17.29
N LEU B 197 -35.46 29.44 17.82
CA LEU B 197 -36.77 30.00 17.52
C LEU B 197 -36.58 31.28 16.79
N HIS B 198 -37.33 31.53 15.72
CA HIS B 198 -37.12 32.77 14.95
C HIS B 198 -37.50 34.02 15.81
N PRO B 199 -36.82 35.18 15.62
CA PRO B 199 -37.20 36.40 16.34
C PRO B 199 -38.71 36.69 16.21
N GLY B 200 -39.35 36.98 17.35
CA GLY B 200 -40.81 37.12 17.39
C GLY B 200 -41.62 35.89 17.77
N VAL B 201 -40.96 34.73 17.86
CA VAL B 201 -41.62 33.45 18.16
C VAL B 201 -41.30 33.09 19.59
N THR B 202 -42.35 32.78 20.36
CA THR B 202 -42.20 32.31 21.74
C THR B 202 -42.30 30.78 21.77
N PRO B 203 -41.80 30.15 22.85
CA PRO B 203 -42.03 28.72 23.04
C PRO B 203 -43.50 28.35 22.97
N GLY B 204 -44.37 29.20 23.53
CA GLY B 204 -45.83 29.02 23.49
C GLY B 204 -46.44 28.96 22.09
N ASP B 205 -45.92 29.78 21.18
CA ASP B 205 -46.32 29.71 19.77
C ASP B 205 -46.03 28.32 19.18
N VAL B 206 -44.84 27.80 19.40
CA VAL B 206 -44.46 26.47 18.91
C VAL B 206 -45.30 25.37 19.57
N ARG B 207 -45.47 25.48 20.88
CA ARG B 207 -46.26 24.51 21.63
C ARG B 207 -47.70 24.38 21.11
N ASP B 208 -48.32 25.53 20.84
CA ASP B 208 -49.69 25.59 20.30
C ASP B 208 -49.82 25.15 18.84
N ALA B 209 -48.71 25.14 18.11
CA ALA B 209 -48.64 24.71 16.71
C ALA B 209 -48.07 23.30 16.47
N THR B 210 -47.80 22.53 17.52
CA THR B 210 -47.17 21.18 17.37
C THR B 210 -47.98 20.15 18.19
N SER B 211 -48.27 19.00 17.59
CA SER B 211 -49.15 17.96 18.24
C SER B 211 -48.45 17.14 19.30
N PHE B 212 -47.15 17.36 19.50
CA PHE B 212 -46.34 16.63 20.49
C PHE B 212 -45.43 17.69 21.13
N GLU B 213 -44.75 17.32 22.20
CA GLU B 213 -43.88 18.26 22.90
C GLU B 213 -42.50 18.24 22.27
N VAL B 214 -41.99 19.41 21.99
CA VAL B 214 -40.68 19.59 21.40
C VAL B 214 -39.69 19.73 22.53
N HIS B 215 -38.63 18.91 22.51
CA HIS B 215 -37.56 18.92 23.53
C HIS B 215 -36.75 20.23 23.53
N ASP B 216 -36.38 20.69 24.74
CA ASP B 216 -35.53 21.88 24.97
C ASP B 216 -36.11 23.18 24.44
N LEU B 217 -37.44 23.25 24.35
CA LEU B 217 -38.14 24.34 23.67
C LEU B 217 -37.98 25.69 24.40
N ASP B 218 -38.11 25.65 25.73
CA ASP B 218 -37.94 26.84 26.57
C ASP B 218 -36.49 27.35 26.61
N ALA B 219 -35.52 26.46 26.43
CA ALA B 219 -34.08 26.81 26.38
C ALA B 219 -33.54 27.24 25.01
N ALA B 220 -34.42 27.30 24.00
CA ALA B 220 -34.00 27.52 22.63
C ALA B 220 -33.63 28.97 22.40
N GLU B 221 -32.39 29.21 22.00
CA GLU B 221 -31.96 30.57 21.62
C GLU B 221 -32.71 31.10 20.38
N GLN B 222 -32.48 32.38 20.10
CA GLN B 222 -33.03 33.02 18.92
C GLN B 222 -32.24 32.63 17.68
N THR B 223 -32.95 32.36 16.58
CA THR B 223 -32.31 32.12 15.27
C THR B 223 -31.56 33.40 14.89
N ARG B 224 -30.36 33.25 14.35
CA ARG B 224 -29.53 34.42 14.04
C ARG B 224 -30.16 35.23 12.91
N LEU B 225 -29.94 36.53 12.97
CA LEU B 225 -30.39 37.46 11.94
C LEU B 225 -29.53 37.31 10.72
N PRO B 226 -30.11 37.47 9.49
CA PRO B 226 -29.31 37.63 8.29
C PRO B 226 -28.33 38.81 8.45
N THR B 227 -27.12 38.69 7.90
CA THR B 227 -26.19 39.80 7.90
C THR B 227 -26.57 40.77 6.77
N ASP B 228 -25.96 41.94 6.77
CA ASP B 228 -26.15 42.90 5.67
C ASP B 228 -25.79 42.30 4.30
N ASP B 229 -24.68 41.56 4.21
CA ASP B 229 -24.30 40.94 2.95
C ASP B 229 -25.30 39.87 2.52
N GLU B 230 -25.82 39.09 3.48
CA GLU B 230 -26.83 38.07 3.20
C GLU B 230 -28.10 38.71 2.69
N LEU B 231 -28.55 39.80 3.34
CA LEU B 231 -29.74 40.54 2.88
C LEU B 231 -29.54 41.10 1.49
N HIS B 232 -28.38 41.71 1.24
CA HIS B 232 -28.08 42.14 -0.12
C HIS B 232 -28.17 41.02 -1.16
N LEU B 233 -27.59 39.86 -0.88
CA LEU B 233 -27.63 38.75 -1.85
C LEU B 233 -29.04 38.23 -2.05
N ILE B 234 -29.80 38.09 -0.96
CA ILE B 234 -31.18 37.63 -1.04
C ILE B 234 -32.06 38.61 -1.83
N ARG B 235 -32.05 39.87 -1.43
CA ARG B 235 -32.93 40.88 -2.04
C ARG B 235 -32.59 41.23 -3.49
N ALA B 236 -31.30 41.34 -3.80
CA ALA B 236 -30.86 41.87 -5.13
C ALA B 236 -30.36 40.84 -6.12
N VAL B 237 -29.78 39.74 -5.63
CA VAL B 237 -29.10 38.76 -6.50
C VAL B 237 -29.89 37.46 -6.66
N ILE B 238 -30.36 36.91 -5.54
CA ILE B 238 -30.92 35.55 -5.55
C ILE B 238 -32.43 35.52 -5.76
N ASP B 239 -33.13 36.38 -5.02
CA ASP B 239 -34.59 36.38 -5.02
C ASP B 239 -35.19 37.76 -5.18
N PRO B 240 -34.86 38.43 -6.32
CA PRO B 240 -35.32 39.78 -6.57
C PRO B 240 -36.83 39.93 -6.71
N LYS B 241 -37.50 38.86 -7.11
CA LYS B 241 -38.96 38.82 -7.17
C LYS B 241 -39.62 38.43 -5.87
N SER B 242 -38.85 38.14 -4.82
CA SER B 242 -39.38 37.85 -3.48
C SER B 242 -40.33 36.64 -3.44
N LEU B 243 -39.99 35.61 -4.22
CA LEU B 243 -40.68 34.32 -4.16
C LEU B 243 -40.70 33.72 -2.75
N ARG B 244 -39.67 34.02 -1.95
CA ARG B 244 -39.60 33.62 -0.55
C ARG B 244 -40.82 34.03 0.30
N ASP B 245 -41.42 35.18 -0.02
CA ASP B 245 -42.56 35.67 0.75
C ASP B 245 -43.84 34.82 0.57
N ARG B 246 -44.00 34.21 -0.60
CA ARG B 246 -45.12 33.28 -0.85
C ARG B 246 -44.96 31.91 -0.14
N GLU B 247 -43.75 31.61 0.36
CA GLU B 247 -43.50 30.36 1.07
C GLU B 247 -44.11 30.31 2.48
N ILE B 248 -44.35 31.43 3.11
CA ILE B 248 -44.87 31.49 4.48
C ILE B 248 -46.18 32.28 4.57
N ARG B 249 -46.97 31.99 5.60
CA ARG B 249 -48.35 32.42 5.69
C ARG B 249 -48.57 33.43 6.83
N SER B 250 -49.83 33.76 7.07
CA SER B 250 -50.23 34.73 8.12
C SER B 250 -49.45 36.07 8.02
N MET C 14 -15.19 27.61 -6.40
CA MET C 14 -15.08 26.10 -6.48
C MET C 14 -13.62 25.69 -6.35
N PRO C 15 -13.36 24.42 -5.93
CA PRO C 15 -11.98 24.05 -5.64
C PRO C 15 -11.12 23.88 -6.89
N ASP C 16 -9.88 24.38 -6.82
CA ASP C 16 -8.88 24.15 -7.86
C ASP C 16 -8.12 22.88 -7.55
N LYS C 17 -8.32 21.85 -8.37
CA LYS C 17 -7.80 20.51 -8.09
C LYS C 17 -6.60 20.13 -8.93
N ARG C 18 -6.02 21.09 -9.65
CA ARG C 18 -4.92 20.79 -10.56
C ARG C 18 -3.65 20.35 -9.81
N THR C 19 -3.09 19.25 -10.22
CA THR C 19 -1.94 18.64 -9.53
C THR C 19 -1.04 18.02 -10.58
N ALA C 20 0.11 17.56 -10.13
CA ALA C 20 1.12 16.93 -11.00
C ALA C 20 1.02 15.42 -10.78
N LEU C 21 1.49 14.66 -11.76
CA LEU C 21 1.47 13.18 -11.73
C LEU C 21 2.07 12.55 -10.45
N ASP C 22 3.27 12.97 -10.09
CA ASP C 22 3.97 12.45 -8.91
C ASP C 22 3.26 12.82 -7.59
N ASP C 23 2.70 14.02 -7.54
CA ASP C 23 1.96 14.50 -6.38
C ASP C 23 0.72 13.61 -6.14
N ALA C 24 0.00 13.27 -7.19
CA ALA C 24 -1.14 12.35 -7.08
C ALA C 24 -0.72 10.97 -6.59
N VAL C 25 0.31 10.42 -7.22
CA VAL C 25 0.78 9.07 -6.90
C VAL C 25 1.34 8.99 -5.48
N ALA C 26 1.90 10.10 -4.98
CA ALA C 26 2.41 10.10 -3.60
C ALA C 26 1.29 9.98 -2.55
N GLN C 27 0.02 10.09 -2.95
CA GLN C 27 -1.10 9.75 -2.06
C GLN C 27 -1.37 8.25 -1.94
N LEU C 28 -0.79 7.45 -2.82
CA LEU C 28 -0.88 5.99 -2.69
C LEU C 28 -0.03 5.48 -1.55
N ARG C 29 -0.42 4.35 -0.98
CA ARG C 29 0.45 3.61 -0.09
C ARG C 29 0.54 2.16 -0.54
N SER C 30 1.69 1.54 -0.25
CA SER C 30 1.85 0.12 -0.48
C SER C 30 0.75 -0.70 0.16
N GLY C 31 0.30 -1.72 -0.56
CA GLY C 31 -0.83 -2.54 -0.12
C GLY C 31 -2.21 -2.07 -0.56
N MET C 32 -2.34 -0.87 -1.12
CA MET C 32 -3.66 -0.36 -1.51
C MET C 32 -4.28 -1.17 -2.67
N THR C 33 -5.60 -1.10 -2.75
CA THR C 33 -6.38 -1.54 -3.88
C THR C 33 -6.63 -0.37 -4.80
N ILE C 34 -6.14 -0.48 -6.03
CA ILE C 34 -6.37 0.58 -7.02
C ILE C 34 -7.11 0.07 -8.25
N GLY C 35 -7.92 0.95 -8.82
CA GLY C 35 -8.62 0.70 -10.06
C GLY C 35 -7.91 1.46 -11.17
N ILE C 36 -7.66 0.80 -12.29
CA ILE C 36 -7.19 1.46 -13.50
C ILE C 36 -8.26 1.38 -14.57
N ALA C 37 -8.75 2.55 -14.99
CA ALA C 37 -9.88 2.66 -15.94
C ALA C 37 -9.47 2.47 -17.43
N GLY C 38 -10.25 2.97 -18.37
CA GLY C 38 -10.10 2.57 -19.77
C GLY C 38 -10.41 1.10 -19.98
N TRP C 39 -9.84 0.52 -21.02
CA TRP C 39 -10.15 -0.86 -21.42
C TRP C 39 -9.05 -1.34 -22.32
N GLY C 40 -8.39 -2.45 -21.93
CA GLY C 40 -7.36 -3.03 -22.78
C GLY C 40 -6.29 -2.03 -23.15
N SER C 41 -6.05 -1.88 -24.44
CA SER C 41 -5.13 -0.86 -24.94
C SER C 41 -5.92 0.36 -25.47
N ARG C 42 -6.87 0.84 -24.67
CA ARG C 42 -7.72 1.97 -25.02
C ARG C 42 -7.91 2.96 -23.89
N ARG C 43 -7.56 4.23 -24.17
CA ARG C 43 -7.71 5.31 -23.21
C ARG C 43 -7.29 4.96 -21.78
N LYS C 44 -6.11 4.37 -21.64
CA LYS C 44 -5.59 4.02 -20.32
C LYS C 44 -4.82 5.20 -19.74
N PRO C 45 -4.88 5.39 -18.42
CA PRO C 45 -4.09 6.43 -17.75
C PRO C 45 -2.58 6.05 -17.65
N MET C 46 -1.91 6.01 -18.81
CA MET C 46 -0.57 5.46 -18.90
C MET C 46 0.48 6.38 -18.23
N ALA C 47 0.28 7.69 -18.29
CA ALA C 47 1.17 8.60 -17.56
C ALA C 47 1.05 8.39 -16.04
N PHE C 48 -0.15 8.12 -15.52
CA PHE C 48 -0.26 7.77 -14.08
C PHE C 48 0.48 6.45 -13.80
N VAL C 49 0.33 5.47 -14.68
CA VAL C 49 1.02 4.17 -14.51
C VAL C 49 2.55 4.35 -14.46
N ARG C 50 3.08 5.14 -15.38
CA ARG C 50 4.51 5.47 -15.39
C ARG C 50 4.97 6.18 -14.11
N ALA C 51 4.13 7.06 -13.57
CA ALA C 51 4.40 7.69 -12.25
C ALA C 51 4.36 6.68 -11.11
N ILE C 52 3.48 5.68 -11.16
CA ILE C 52 3.53 4.61 -10.16
C ILE C 52 4.85 3.83 -10.28
N LEU C 53 5.31 3.52 -11.50
CA LEU C 53 6.59 2.87 -11.72
C LEU C 53 7.78 3.69 -11.10
N ARG C 54 7.70 5.02 -11.12
CA ARG C 54 8.76 5.87 -10.52
C ARG C 54 8.74 5.91 -8.99
N SER C 55 7.61 5.59 -8.37
CA SER C 55 7.47 5.64 -6.92
C SER C 55 7.96 4.32 -6.28
N ASP C 56 8.03 4.34 -4.95
CA ASP C 56 8.34 3.13 -4.17
C ASP C 56 7.09 2.32 -3.84
N VAL C 57 5.92 2.75 -4.27
CA VAL C 57 4.67 2.04 -3.92
C VAL C 57 4.66 0.64 -4.54
N THR C 58 4.30 -0.35 -3.77
CA THR C 58 4.32 -1.74 -4.23
C THR C 58 3.24 -2.56 -3.53
N ASP C 59 3.25 -3.86 -3.76
CA ASP C 59 2.31 -4.78 -3.16
C ASP C 59 0.83 -4.39 -3.45
N LEU C 60 0.57 -3.90 -4.67
CA LEU C 60 -0.74 -3.34 -5.06
C LEU C 60 -1.70 -4.45 -5.47
N THR C 61 -2.96 -4.26 -5.10
CA THR C 61 -4.05 -5.04 -5.66
C THR C 61 -4.66 -4.18 -6.75
N VAL C 62 -4.76 -4.75 -7.95
CA VAL C 62 -5.25 -4.00 -9.11
C VAL C 62 -6.58 -4.53 -9.64
N VAL C 63 -7.50 -3.62 -9.92
CA VAL C 63 -8.80 -3.93 -10.52
C VAL C 63 -8.80 -3.25 -11.89
N THR C 64 -8.93 -4.03 -12.97
CA THR C 64 -8.74 -3.50 -14.31
C THR C 64 -9.31 -4.38 -15.42
N TYR C 65 -9.76 -3.73 -16.49
CA TYR C 65 -9.90 -4.41 -17.78
C TYR C 65 -8.54 -4.23 -18.40
N GLY C 66 -7.68 -5.26 -18.23
CA GLY C 66 -6.26 -5.10 -18.33
C GLY C 66 -5.70 -4.97 -19.72
N GLY C 67 -4.64 -4.20 -19.79
CA GLY C 67 -3.86 -4.05 -21.01
C GLY C 67 -2.41 -3.78 -20.64
N PRO C 68 -1.73 -2.93 -21.41
CA PRO C 68 -0.33 -2.56 -21.11
C PRO C 68 -0.14 -1.80 -19.79
N ASP C 69 -1.22 -1.22 -19.24
CA ASP C 69 -1.21 -0.68 -17.88
C ASP C 69 -0.80 -1.74 -16.87
N LEU C 70 -1.40 -2.90 -16.98
CA LEU C 70 -1.15 -3.96 -16.05
C LEU C 70 0.24 -4.59 -16.30
N GLY C 71 0.59 -4.66 -17.58
CA GLY C 71 1.88 -5.18 -17.97
C GLY C 71 3.02 -4.37 -17.35
N LEU C 72 2.95 -3.06 -17.48
CA LEU C 72 3.96 -2.16 -16.87
C LEU C 72 4.09 -2.33 -15.37
N LEU C 73 2.97 -2.40 -14.66
CA LEU C 73 2.96 -2.67 -13.22
C LEU C 73 3.60 -4.02 -12.84
N CYS C 74 3.25 -5.06 -13.59
CA CYS C 74 3.88 -6.41 -13.41
C CYS C 74 5.37 -6.40 -13.70
N SER C 75 5.80 -5.66 -14.72
CA SER C 75 7.24 -5.54 -15.07
C SER C 75 8.03 -4.93 -13.92
N ALA C 76 7.38 -4.09 -13.13
CA ALA C 76 8.01 -3.44 -11.97
C ALA C 76 7.91 -4.27 -10.67
N GLY C 77 7.21 -5.40 -10.70
CA GLY C 77 7.03 -6.22 -9.51
C GLY C 77 6.18 -5.56 -8.45
N LYS C 78 5.27 -4.69 -8.85
CA LYS C 78 4.49 -3.91 -7.91
C LYS C 78 3.08 -4.49 -7.63
N VAL C 79 2.77 -5.64 -8.22
CA VAL C 79 1.41 -6.20 -8.15
C VAL C 79 1.37 -7.45 -7.28
N LYS C 80 0.52 -7.44 -6.24
CA LYS C 80 0.21 -8.61 -5.42
C LYS C 80 -0.93 -9.48 -5.99
N ARG C 81 -2.03 -8.82 -6.36
CA ARG C 81 -3.28 -9.47 -6.75
C ARG C 81 -3.97 -8.64 -7.84
N VAL C 82 -4.60 -9.30 -8.82
CA VAL C 82 -5.30 -8.62 -9.87
C VAL C 82 -6.72 -9.17 -10.00
N TYR C 83 -7.70 -8.26 -9.98
CA TYR C 83 -9.08 -8.52 -10.32
C TYR C 83 -9.28 -7.98 -11.73
N TYR C 84 -9.56 -8.88 -12.68
CA TYR C 84 -9.63 -8.53 -14.10
C TYR C 84 -10.67 -9.33 -14.87
N GLY C 85 -11.24 -8.69 -15.88
CA GLY C 85 -12.18 -9.31 -16.81
C GLY C 85 -11.46 -9.90 -18.02
N PHE C 86 -10.27 -9.38 -18.26
CA PHE C 86 -9.39 -9.86 -19.34
C PHE C 86 -8.08 -9.10 -19.26
N VAL C 87 -7.11 -9.54 -20.05
CA VAL C 87 -5.90 -8.74 -20.29
C VAL C 87 -5.58 -8.84 -21.77
N SER C 88 -5.56 -7.71 -22.45
CA SER C 88 -5.29 -7.70 -23.89
C SER C 88 -4.63 -6.43 -24.34
N LEU C 89 -3.73 -6.58 -25.29
CA LEU C 89 -3.15 -5.44 -26.02
C LEU C 89 -3.97 -4.97 -27.23
N ASP C 90 -5.07 -5.68 -27.56
CA ASP C 90 -6.00 -5.28 -28.64
C ASP C 90 -5.40 -5.34 -30.06
N SER C 91 -4.10 -5.55 -30.19
CA SER C 91 -3.40 -5.75 -31.44
C SER C 91 -2.41 -6.88 -31.23
N PRO C 92 -1.87 -7.47 -32.33
CA PRO C 92 -0.82 -8.51 -32.19
C PRO C 92 0.36 -7.98 -31.37
N PRO C 93 0.97 -8.77 -30.47
CA PRO C 93 0.70 -10.18 -30.22
C PRO C 93 -0.46 -10.48 -29.21
N PHE C 94 -1.30 -9.49 -28.92
CA PHE C 94 -2.57 -9.64 -28.14
C PHE C 94 -2.36 -9.87 -26.66
N TYR C 95 -1.64 -10.95 -26.32
CA TYR C 95 -1.42 -11.30 -24.93
C TYR C 95 -0.31 -10.40 -24.40
N ASP C 96 -0.51 -9.86 -23.21
CA ASP C 96 0.51 -8.98 -22.64
C ASP C 96 1.62 -9.86 -22.03
N PRO C 97 2.87 -9.71 -22.47
CA PRO C 97 3.91 -10.63 -22.04
C PRO C 97 4.30 -10.50 -20.56
N TRP C 98 4.12 -9.31 -19.98
CA TRP C 98 4.43 -9.10 -18.56
C TRP C 98 3.38 -9.71 -17.67
N PHE C 99 2.12 -9.56 -18.03
CA PHE C 99 1.05 -10.28 -17.34
C PHE C 99 1.25 -11.81 -17.44
N ALA C 100 1.55 -12.30 -18.63
CA ALA C 100 1.87 -13.73 -18.85
C ALA C 100 2.99 -14.21 -17.93
N HIS C 101 4.11 -13.46 -17.91
CA HIS C 101 5.23 -13.81 -16.99
C HIS C 101 4.76 -13.88 -15.53
N ALA C 102 3.99 -12.89 -15.10
CA ALA C 102 3.53 -12.85 -13.72
C ALA C 102 2.64 -14.06 -13.40
N ARG C 103 1.81 -14.44 -14.37
CA ARG C 103 0.90 -15.58 -14.21
C ARG C 103 1.59 -16.94 -14.28
N THR C 104 2.54 -17.10 -15.19
CA THR C 104 3.24 -18.37 -15.34
C THR C 104 4.27 -18.57 -14.22
N SER C 105 4.83 -17.48 -13.72
CA SER C 105 5.76 -17.56 -12.59
C SER C 105 5.05 -17.72 -11.24
N GLY C 106 3.73 -17.56 -11.18
CA GLY C 106 3.02 -17.62 -9.89
C GLY C 106 3.21 -16.41 -9.01
N ALA C 107 3.59 -15.28 -9.62
CA ALA C 107 3.96 -14.08 -8.90
C ALA C 107 2.76 -13.30 -8.38
N ILE C 108 1.59 -13.47 -9.01
CA ILE C 108 0.41 -12.75 -8.64
C ILE C 108 -0.71 -13.70 -8.27
N GLU C 109 -1.60 -13.26 -7.40
CA GLU C 109 -2.85 -13.93 -7.16
C GLU C 109 -3.83 -13.42 -8.20
N ALA C 110 -4.47 -14.35 -8.89
CA ALA C 110 -5.39 -14.04 -9.96
C ALA C 110 -6.83 -14.18 -9.48
N ARG C 111 -7.56 -13.08 -9.58
CA ARG C 111 -8.99 -13.07 -9.33
C ARG C 111 -9.69 -12.76 -10.65
N GLU C 112 -9.50 -13.68 -11.59
CA GLU C 112 -10.09 -13.60 -12.93
C GLU C 112 -11.61 -13.66 -12.84
N MET C 113 -12.29 -12.93 -13.72
CA MET C 113 -13.74 -12.94 -13.74
C MET C 113 -14.22 -12.62 -15.16
N ASP C 114 -15.50 -12.82 -15.39
CA ASP C 114 -16.14 -12.49 -16.67
C ASP C 114 -16.20 -10.96 -16.77
N GLU C 115 -16.15 -10.43 -17.98
CA GLU C 115 -16.11 -9.01 -18.23
C GLU C 115 -17.31 -8.26 -17.64
N GLY C 116 -18.49 -8.83 -17.83
CA GLY C 116 -19.70 -8.28 -17.26
C GLY C 116 -19.70 -8.25 -15.73
N MET C 117 -19.09 -9.27 -15.13
CA MET C 117 -18.96 -9.37 -13.67
C MET C 117 -18.15 -8.22 -13.08
N LEU C 118 -17.11 -7.77 -13.79
CA LEU C 118 -16.27 -6.72 -13.29
C LEU C 118 -17.09 -5.43 -13.22
N ARG C 119 -17.82 -5.14 -14.29
CA ARG C 119 -18.68 -3.97 -14.31
C ARG C 119 -19.73 -4.02 -13.18
N CYS C 120 -20.36 -5.18 -13.02
CA CYS C 120 -21.31 -5.42 -11.95
C CYS C 120 -20.74 -5.15 -10.56
N GLY C 121 -19.52 -5.65 -10.32
CA GLY C 121 -18.75 -5.38 -9.10
C GLY C 121 -18.50 -3.90 -8.86
N LEU C 122 -18.14 -3.16 -9.91
CA LEU C 122 -18.00 -1.70 -9.77
C LEU C 122 -19.33 -1.00 -9.49
N GLN C 123 -20.40 -1.45 -10.15
CA GLN C 123 -21.75 -0.91 -9.94
C GLN C 123 -22.19 -1.08 -8.49
N ALA C 124 -21.86 -2.23 -7.89
CA ALA C 124 -22.23 -2.51 -6.51
C ALA C 124 -21.50 -1.58 -5.57
N ALA C 125 -20.23 -1.35 -5.85
CA ALA C 125 -19.44 -0.39 -5.06
C ALA C 125 -19.97 1.03 -5.23
N ALA C 126 -20.33 1.42 -6.46
CA ALA C 126 -20.89 2.76 -6.70
C ALA C 126 -22.23 3.02 -6.00
N GLN C 127 -23.02 1.95 -5.86
CA GLN C 127 -24.31 2.00 -5.16
C GLN C 127 -24.18 1.71 -3.67
N ARG C 128 -22.94 1.53 -3.22
CA ARG C 128 -22.62 1.16 -1.85
C ARG C 128 -23.35 -0.11 -1.40
N LEU C 129 -23.61 -1.03 -2.34
CA LEU C 129 -24.23 -2.29 -1.98
C LEU C 129 -23.14 -3.35 -1.74
N PRO C 130 -23.40 -4.32 -0.86
CA PRO C 130 -22.45 -5.43 -0.64
C PRO C 130 -22.33 -6.41 -1.81
N PHE C 131 -23.38 -6.57 -2.60
CA PHE C 131 -23.33 -7.42 -3.77
C PHE C 131 -24.40 -7.00 -4.78
N LEU C 132 -24.23 -7.43 -6.03
CA LEU C 132 -25.32 -7.54 -6.98
C LEU C 132 -25.39 -8.97 -7.53
N PRO C 133 -26.61 -9.52 -7.75
CA PRO C 133 -26.75 -10.83 -8.40
C PRO C 133 -26.48 -10.76 -9.93
N ILE C 134 -25.87 -11.82 -10.46
CA ILE C 134 -25.56 -11.91 -11.90
C ILE C 134 -25.57 -13.38 -12.32
N ARG C 135 -25.97 -13.68 -13.58
CA ARG C 135 -25.87 -15.03 -14.08
C ARG C 135 -24.45 -15.40 -14.51
N ALA C 136 -23.79 -14.46 -15.18
CA ALA C 136 -22.38 -14.60 -15.63
C ALA C 136 -21.47 -15.10 -14.54
N GLY C 137 -20.69 -16.14 -14.84
CA GLY C 137 -19.91 -16.87 -13.80
C GLY C 137 -20.37 -18.27 -13.50
N LEU C 138 -21.69 -18.51 -13.42
CA LEU C 138 -22.23 -19.83 -13.09
C LEU C 138 -21.76 -20.89 -14.06
N GLY C 139 -21.29 -22.00 -13.52
CA GLY C 139 -20.75 -23.11 -14.30
C GLY C 139 -19.37 -23.03 -14.85
N SER C 140 -18.70 -21.89 -14.67
CA SER C 140 -17.41 -21.60 -15.31
C SER C 140 -16.29 -21.81 -14.33
N SER C 141 -15.05 -21.58 -14.76
CA SER C 141 -13.92 -21.63 -13.82
C SER C 141 -13.82 -20.43 -12.87
N VAL C 142 -14.63 -19.39 -13.07
CA VAL C 142 -14.48 -18.18 -12.29
C VAL C 142 -14.51 -18.38 -10.76
N PRO C 143 -15.56 -19.06 -10.21
CA PRO C 143 -15.53 -19.34 -8.75
C PRO C 143 -14.23 -19.98 -8.21
N GLN C 144 -13.62 -20.86 -9.00
CA GLN C 144 -12.38 -21.54 -8.59
C GLN C 144 -11.19 -20.59 -8.55
N PHE C 145 -11.17 -19.58 -9.40
CA PHE C 145 -10.16 -18.52 -9.24
C PHE C 145 -10.25 -17.80 -7.91
N TRP C 146 -11.47 -17.69 -7.37
CA TRP C 146 -11.71 -16.89 -6.19
C TRP C 146 -11.55 -17.64 -4.86
N ALA C 147 -11.28 -18.95 -4.89
CA ALA C 147 -10.87 -19.64 -3.64
C ALA C 147 -11.84 -19.45 -2.44
N GLY C 148 -13.12 -19.68 -2.69
CA GLY C 148 -14.13 -19.54 -1.63
C GLY C 148 -14.72 -18.14 -1.44
N GLU C 149 -14.09 -17.10 -1.99
CA GLU C 149 -14.52 -15.72 -1.75
C GLU C 149 -15.73 -15.35 -2.57
N LEU C 150 -15.95 -16.02 -3.70
CA LEU C 150 -17.11 -15.76 -4.51
C LEU C 150 -18.30 -16.62 -4.09
N GLN C 151 -19.31 -16.03 -3.45
CA GLN C 151 -20.49 -16.77 -3.00
C GLN C 151 -21.72 -16.60 -3.91
N THR C 152 -22.76 -17.40 -3.66
CA THR C 152 -24.00 -17.34 -4.43
C THR C 152 -25.10 -16.72 -3.58
N VAL C 153 -26.19 -16.36 -4.23
CA VAL C 153 -27.37 -15.84 -3.54
C VAL C 153 -28.61 -16.50 -4.18
N THR C 154 -29.58 -16.88 -3.36
CA THR C 154 -30.82 -17.47 -3.87
C THR C 154 -31.97 -16.46 -3.91
N SER C 155 -32.71 -16.43 -5.02
CA SER C 155 -33.84 -15.55 -5.16
C SER C 155 -34.97 -15.94 -4.20
N PRO C 156 -35.59 -14.96 -3.54
CA PRO C 156 -36.80 -15.27 -2.78
C PRO C 156 -38.07 -15.33 -3.66
N TYR C 157 -37.99 -14.98 -4.93
CA TYR C 157 -39.13 -15.08 -5.87
C TYR C 157 -38.88 -16.18 -6.87
N PRO C 158 -39.94 -16.96 -7.24
CA PRO C 158 -39.76 -18.10 -8.15
C PRO C 158 -39.49 -17.66 -9.59
N ALA C 159 -38.77 -18.49 -10.33
CA ALA C 159 -38.59 -18.26 -11.78
C ALA C 159 -39.91 -18.44 -12.51
N PRO C 160 -40.11 -17.74 -13.67
CA PRO C 160 -41.28 -18.04 -14.53
C PRO C 160 -41.12 -19.46 -15.07
N GLY C 161 -41.84 -20.40 -14.45
CA GLY C 161 -41.58 -21.82 -14.62
C GLY C 161 -41.55 -22.63 -13.35
N GLY C 162 -41.47 -21.96 -12.19
CA GLY C 162 -41.31 -22.63 -10.91
C GLY C 162 -39.84 -22.79 -10.54
N GLY C 163 -39.58 -22.94 -9.25
CA GLY C 163 -38.22 -23.09 -8.74
C GLY C 163 -37.50 -21.77 -8.53
N TYR C 164 -36.50 -21.80 -7.68
CA TYR C 164 -35.85 -20.59 -7.19
C TYR C 164 -34.44 -20.51 -7.77
N GLU C 165 -34.08 -19.40 -8.41
CA GLU C 165 -32.75 -19.28 -9.04
C GLU C 165 -31.65 -19.01 -8.02
N THR C 166 -30.51 -19.64 -8.20
CA THR C 166 -29.30 -19.35 -7.46
C THR C 166 -28.32 -18.67 -8.42
N LEU C 167 -27.86 -17.48 -8.03
CA LEU C 167 -27.07 -16.61 -8.91
C LEU C 167 -25.77 -16.34 -8.26
N ILE C 168 -24.78 -15.89 -9.04
CA ILE C 168 -23.54 -15.38 -8.41
C ILE C 168 -23.86 -14.12 -7.63
N ALA C 169 -23.36 -14.04 -6.39
CA ALA C 169 -23.41 -12.79 -5.63
C ALA C 169 -22.11 -12.07 -5.90
N MET C 170 -22.10 -11.20 -6.89
CA MET C 170 -20.91 -10.43 -7.20
C MET C 170 -20.62 -9.42 -6.11
N PRO C 171 -19.47 -9.53 -5.40
CA PRO C 171 -19.25 -8.56 -4.33
C PRO C 171 -18.88 -7.20 -4.89
N ALA C 172 -19.06 -6.17 -4.09
CA ALA C 172 -18.53 -4.82 -4.41
C ALA C 172 -17.01 -4.78 -4.58
N LEU C 173 -16.55 -4.13 -5.65
CA LEU C 173 -15.14 -3.96 -5.92
C LEU C 173 -14.76 -2.55 -5.50
N ARG C 174 -14.65 -2.39 -4.18
CA ARG C 174 -14.34 -1.12 -3.57
C ARG C 174 -12.86 -0.86 -3.73
N LEU C 175 -12.50 0.40 -4.00
CA LEU C 175 -11.12 0.76 -4.29
C LEU C 175 -10.60 1.82 -3.32
N ASP C 176 -9.31 1.72 -2.92
CA ASP C 176 -8.67 2.83 -2.19
C ASP C 176 -8.38 4.01 -3.09
N ALA C 177 -8.08 3.75 -4.37
CA ALA C 177 -7.87 4.80 -5.34
C ALA C 177 -8.26 4.35 -6.74
N ALA C 178 -8.64 5.29 -7.60
CA ALA C 178 -8.85 5.02 -9.01
C ALA C 178 -8.17 6.05 -9.88
N PHE C 179 -7.68 5.57 -11.04
CA PHE C 179 -7.03 6.41 -12.05
C PHE C 179 -7.76 6.26 -13.38
N ALA C 180 -8.05 7.40 -14.01
CA ALA C 180 -8.72 7.47 -15.33
C ALA C 180 -8.09 8.57 -16.20
N HIS C 181 -8.23 8.38 -17.49
CA HIS C 181 -7.79 9.38 -18.47
C HIS C 181 -8.94 9.74 -19.44
N LEU C 182 -9.22 11.04 -19.56
CA LEU C 182 -10.21 11.57 -20.52
C LEU C 182 -9.63 12.64 -21.42
N ASN C 183 -10.44 13.11 -22.38
CA ASN C 183 -9.92 13.96 -23.44
C ASN C 183 -9.84 15.43 -23.08
N LEU C 184 -10.79 15.88 -22.26
CA LEU C 184 -10.95 17.30 -21.96
C LEU C 184 -11.52 17.46 -20.55
N GLY C 185 -11.05 18.45 -19.82
CA GLY C 185 -11.63 18.78 -18.52
C GLY C 185 -11.37 20.18 -18.07
N ASP C 186 -12.04 20.59 -16.99
CA ASP C 186 -11.78 21.89 -16.37
C ASP C 186 -10.98 21.68 -15.08
N SER C 187 -10.54 22.79 -14.50
CA SER C 187 -9.75 22.80 -13.29
C SER C 187 -10.41 22.25 -12.03
N HIS C 188 -11.73 22.11 -12.05
CA HIS C 188 -12.50 21.55 -10.92
C HIS C 188 -12.77 20.06 -11.08
N GLY C 189 -12.40 19.48 -12.24
CA GLY C 189 -12.60 18.08 -12.50
C GLY C 189 -13.83 17.66 -13.31
N ASN C 190 -14.62 18.60 -13.82
CA ASN C 190 -15.63 18.29 -14.81
C ASN C 190 -14.86 17.81 -16.06
N ALA C 191 -15.34 16.75 -16.71
CA ALA C 191 -14.57 16.20 -17.83
C ALA C 191 -15.43 15.41 -18.80
N ALA C 192 -14.95 15.37 -20.03
CA ALA C 192 -15.68 14.74 -21.11
C ALA C 192 -14.80 13.74 -21.85
N TYR C 193 -15.45 12.69 -22.35
CA TYR C 193 -14.85 11.86 -23.36
C TYR C 193 -15.35 12.36 -24.72
N THR C 194 -14.44 12.40 -25.68
CA THR C 194 -14.74 12.85 -27.04
C THR C 194 -14.74 11.73 -28.03
N GLY C 195 -14.35 10.51 -27.61
CA GLY C 195 -14.42 9.32 -28.44
C GLY C 195 -15.84 8.72 -28.49
N ILE C 196 -15.92 7.56 -29.13
CA ILE C 196 -17.19 6.85 -29.32
C ILE C 196 -17.68 6.05 -28.07
N ASP C 197 -16.79 5.79 -27.11
CA ASP C 197 -17.11 4.89 -25.97
C ASP C 197 -16.60 5.48 -24.69
N PRO C 198 -17.48 5.65 -23.69
CA PRO C 198 -16.94 6.07 -22.39
C PRO C 198 -16.21 4.96 -21.64
N TYR C 199 -16.38 3.70 -22.06
CA TYR C 199 -15.94 2.53 -21.32
C TYR C 199 -16.64 2.60 -19.95
N PHE C 200 -15.91 2.50 -18.83
CA PHE C 200 -16.53 2.47 -17.50
C PHE C 200 -15.83 3.38 -16.52
N ASP C 201 -15.24 4.47 -17.00
CA ASP C 201 -14.40 5.33 -16.14
C ASP C 201 -15.20 5.96 -14.98
N ASP C 202 -16.47 6.26 -15.23
CA ASP C 202 -17.34 6.76 -14.19
C ASP C 202 -17.49 5.78 -13.02
N LEU C 203 -17.63 4.49 -13.32
CA LEU C 203 -17.78 3.47 -12.29
C LEU C 203 -16.47 3.30 -11.48
N PHE C 204 -15.33 3.34 -12.15
CA PHE C 204 -14.05 3.28 -11.49
C PHE C 204 -13.90 4.41 -10.46
N LEU C 205 -14.27 5.64 -10.88
CA LEU C 205 -14.16 6.77 -9.99
C LEU C 205 -15.17 6.66 -8.79
N MET C 206 -16.40 6.26 -9.10
CA MET C 206 -17.41 6.16 -8.05
C MET C 206 -17.16 5.04 -7.02
N ALA C 207 -16.39 4.04 -7.43
CA ALA C 207 -16.04 2.91 -6.55
C ALA C 207 -14.85 3.17 -5.60
N ALA C 208 -14.21 4.33 -5.77
CA ALA C 208 -12.94 4.61 -5.10
C ALA C 208 -13.06 5.66 -4.03
N GLU C 209 -12.18 5.56 -3.04
CA GLU C 209 -12.06 6.62 -2.01
C GLU C 209 -11.26 7.80 -2.49
N ARG C 210 -10.21 7.57 -3.29
CA ARG C 210 -9.39 8.64 -3.87
C ARG C 210 -9.51 8.63 -5.38
N ARG C 211 -9.90 9.75 -5.97
CA ARG C 211 -10.19 9.82 -7.40
C ARG C 211 -9.21 10.71 -8.14
N PHE C 212 -8.52 10.10 -9.09
CA PHE C 212 -7.47 10.79 -9.84
C PHE C 212 -7.78 10.71 -11.31
N LEU C 213 -7.88 11.89 -11.94
CA LEU C 213 -8.16 12.01 -13.35
C LEU C 213 -7.04 12.74 -14.10
N SER C 214 -6.63 12.23 -15.26
CA SER C 214 -5.79 13.01 -16.20
C SER C 214 -6.61 13.32 -17.43
N VAL C 215 -6.30 14.45 -18.06
CA VAL C 215 -6.91 14.82 -19.31
C VAL C 215 -5.84 15.32 -20.28
N GLU C 216 -6.13 15.22 -21.58
CA GLU C 216 -5.22 15.74 -22.63
C GLU C 216 -5.06 17.25 -22.49
N ARG C 217 -6.14 17.95 -22.12
CA ARG C 217 -6.10 19.41 -22.02
C ARG C 217 -7.12 19.96 -21.04
N ILE C 218 -6.70 20.94 -20.23
CA ILE C 218 -7.59 21.58 -19.27
C ILE C 218 -8.08 22.87 -19.94
N VAL C 219 -9.40 23.08 -19.98
CA VAL C 219 -9.99 24.27 -20.58
C VAL C 219 -10.95 24.89 -19.57
N ALA C 220 -11.42 26.09 -19.92
CA ALA C 220 -12.51 26.75 -19.22
C ALA C 220 -13.77 25.86 -19.26
N THR C 221 -14.55 25.89 -18.19
CA THR C 221 -15.82 25.17 -18.14
C THR C 221 -16.71 25.43 -19.35
N GLU C 222 -16.80 26.67 -19.79
CA GLU C 222 -17.68 27.04 -20.90
C GLU C 222 -17.17 26.45 -22.22
N GLU C 223 -15.84 26.42 -22.40
CA GLU C 223 -15.26 25.71 -23.56
C GLU C 223 -15.56 24.20 -23.49
N LEU C 224 -15.40 23.59 -22.32
CA LEU C 224 -15.69 22.14 -22.15
C LEU C 224 -17.12 21.80 -22.64
N VAL C 225 -18.11 22.51 -22.09
CA VAL C 225 -19.52 22.25 -22.35
C VAL C 225 -19.97 22.59 -23.78
N LYS C 226 -19.28 23.50 -24.44
CA LYS C 226 -19.58 23.85 -25.84
C LYS C 226 -18.95 22.90 -26.85
N SER C 227 -17.97 22.13 -26.44
CA SER C 227 -17.23 21.26 -27.36
C SER C 227 -17.84 19.87 -27.47
N VAL C 228 -18.79 19.50 -26.59
CA VAL C 228 -19.41 18.19 -26.65
C VAL C 228 -20.91 18.25 -26.36
N PRO C 229 -21.66 17.22 -26.78
CA PRO C 229 -23.05 17.15 -26.32
C PRO C 229 -23.09 16.87 -24.80
N PRO C 230 -24.17 17.26 -24.13
CA PRO C 230 -24.23 16.99 -22.69
C PRO C 230 -24.00 15.53 -22.28
N GLN C 231 -24.42 14.58 -23.11
CA GLN C 231 -24.25 13.15 -22.82
C GLN C 231 -22.78 12.68 -22.66
N ALA C 232 -21.85 13.44 -23.24
CA ALA C 232 -20.41 13.19 -23.17
C ALA C 232 -19.77 13.75 -21.90
N LEU C 233 -20.51 14.50 -21.11
CA LEU C 233 -20.01 15.04 -19.82
C LEU C 233 -20.09 13.96 -18.73
N LEU C 234 -19.23 12.98 -18.87
CA LEU C 234 -19.19 11.78 -18.03
C LEU C 234 -18.81 12.02 -16.57
N VAL C 235 -18.01 13.07 -16.30
CA VAL C 235 -17.43 13.32 -15.00
C VAL C 235 -17.78 14.72 -14.50
N ASN C 236 -18.34 14.75 -13.28
CA ASN C 236 -18.65 15.96 -12.57
C ASN C 236 -17.68 16.14 -11.38
N ARG C 237 -17.78 17.29 -10.72
CA ARG C 237 -16.89 17.64 -9.63
C ARG C 237 -16.91 16.70 -8.43
N MET C 238 -17.98 15.94 -8.24
CA MET C 238 -18.08 15.08 -7.06
C MET C 238 -17.23 13.82 -7.25
N MET C 239 -16.86 13.55 -8.51
CA MET C 239 -16.21 12.33 -8.91
C MET C 239 -14.70 12.44 -9.02
N VAL C 240 -14.15 13.60 -8.68
CA VAL C 240 -12.67 13.85 -8.83
C VAL C 240 -12.10 14.56 -7.63
N ASP C 241 -10.99 14.04 -7.11
CA ASP C 241 -10.19 14.72 -6.07
C ASP C 241 -9.03 15.54 -6.64
N ALA C 242 -8.38 15.03 -7.68
CA ALA C 242 -7.28 15.74 -8.31
C ALA C 242 -7.30 15.51 -9.80
N ILE C 243 -7.05 16.58 -10.55
CA ILE C 243 -6.99 16.53 -12.02
C ILE C 243 -5.60 16.98 -12.48
N VAL C 244 -5.08 16.31 -13.50
CA VAL C 244 -3.73 16.51 -14.02
C VAL C 244 -3.84 16.71 -15.52
N GLU C 245 -3.29 17.79 -16.01
CA GLU C 245 -3.13 17.97 -17.46
C GLU C 245 -1.99 17.09 -17.97
N ALA C 246 -2.29 16.09 -18.78
CA ALA C 246 -1.27 15.15 -19.32
C ALA C 246 -1.41 14.95 -20.83
N PRO C 247 -0.92 15.92 -21.64
CA PRO C 247 -1.01 15.71 -23.09
C PRO C 247 -0.20 14.47 -23.48
N GLY C 248 -0.77 13.61 -24.32
CA GLY C 248 -0.17 12.28 -24.57
C GLY C 248 -0.24 11.31 -23.41
N GLY C 249 -1.11 11.60 -22.44
CA GLY C 249 -1.15 10.80 -21.20
C GLY C 249 -1.70 9.37 -21.31
N ALA C 250 -2.32 9.07 -22.44
CA ALA C 250 -2.76 7.71 -22.75
C ALA C 250 -1.72 6.90 -23.53
N HIS C 251 -0.67 7.56 -24.05
CA HIS C 251 0.28 6.89 -24.93
C HIS C 251 0.89 5.70 -24.18
N PHE C 252 0.91 4.49 -24.73
CA PHE C 252 0.74 4.17 -26.16
C PHE C 252 -0.62 3.56 -26.54
N THR C 253 -1.64 3.73 -25.69
CA THR C 253 -3.01 3.29 -26.00
C THR C 253 -3.73 4.39 -26.80
N THR C 254 -4.88 4.01 -27.40
CA THR C 254 -5.66 4.95 -28.23
C THR C 254 -6.36 5.95 -27.36
N ALA C 255 -6.35 7.19 -27.83
CA ALA C 255 -7.07 8.30 -27.19
C ALA C 255 -7.96 8.99 -28.21
N ALA C 256 -8.67 8.14 -28.95
CA ALA C 256 -9.84 8.50 -29.76
C ALA C 256 -9.49 9.51 -30.82
N PRO C 257 -10.24 10.64 -30.91
CA PRO C 257 -9.95 11.56 -31.99
C PRO C 257 -8.60 12.27 -31.78
N ASP C 258 -8.12 12.35 -30.53
CA ASP C 258 -6.86 13.07 -30.23
C ASP C 258 -5.68 12.37 -30.91
N TYR C 259 -5.51 11.06 -30.69
CA TYR C 259 -4.51 10.27 -31.39
C TYR C 259 -4.88 8.78 -31.26
N GLY C 260 -4.43 7.98 -32.23
CA GLY C 260 -4.64 6.54 -32.21
C GLY C 260 -3.65 5.80 -31.34
N ARG C 261 -3.84 4.50 -31.26
CA ARG C 261 -2.83 3.61 -30.67
C ARG C 261 -1.50 3.76 -31.41
N ASP C 262 -0.41 3.86 -30.68
CA ASP C 262 0.91 3.87 -31.29
C ASP C 262 1.28 2.40 -31.50
N GLU C 263 0.92 1.86 -32.67
CA GLU C 263 0.98 0.41 -32.93
C GLU C 263 2.42 -0.08 -32.94
N GLN C 264 3.29 0.66 -33.62
CA GLN C 264 4.71 0.28 -33.71
C GLN C 264 5.37 0.35 -32.33
N PHE C 265 5.05 1.37 -31.54
CA PHE C 265 5.66 1.44 -30.19
C PHE C 265 5.18 0.31 -29.28
N GLN C 266 3.90 -0.02 -29.37
CA GLN C 266 3.34 -1.09 -28.54
C GLN C 266 4.01 -2.42 -28.84
N ARG C 267 4.23 -2.69 -30.13
CA ARG C 267 4.97 -3.88 -30.55
C ARG C 267 6.38 -3.82 -30.02
N HIS C 268 7.04 -2.66 -30.11
CA HIS C 268 8.37 -2.48 -29.52
C HIS C 268 8.36 -2.81 -28.01
N TYR C 269 7.35 -2.36 -27.28
CA TYR C 269 7.15 -2.74 -25.87
C TYR C 269 7.10 -4.25 -25.70
N ALA C 270 6.27 -4.91 -26.51
CA ALA C 270 6.07 -6.35 -26.34
C ALA C 270 7.36 -7.15 -26.70
N GLU C 271 8.02 -6.75 -27.79
CA GLU C 271 9.29 -7.36 -28.22
C GLU C 271 10.39 -7.21 -27.16
N ALA C 272 10.52 -6.02 -26.59
CA ALA C 272 11.47 -5.75 -25.51
C ALA C 272 11.28 -6.62 -24.28
N ALA C 273 10.01 -6.93 -23.94
CA ALA C 273 9.72 -7.78 -22.78
C ALA C 273 10.20 -9.26 -22.98
N SER C 274 10.39 -9.66 -24.23
CA SER C 274 10.80 -11.03 -24.58
C SER C 274 12.26 -11.38 -24.24
N THR C 275 13.12 -10.41 -23.95
CA THR C 275 14.50 -10.70 -23.54
C THR C 275 14.97 -9.81 -22.41
N GLN C 276 15.96 -10.31 -21.67
CA GLN C 276 16.52 -9.59 -20.48
C GLN C 276 17.18 -8.30 -20.89
N VAL C 277 18.05 -8.38 -21.92
CA VAL C 277 18.73 -7.18 -22.42
C VAL C 277 17.75 -6.19 -23.00
N GLY C 278 16.81 -6.67 -23.80
CA GLY C 278 15.81 -5.80 -24.42
C GLY C 278 14.97 -5.05 -23.42
N TRP C 279 14.52 -5.73 -22.37
CA TRP C 279 13.76 -5.04 -21.32
C TRP C 279 14.63 -3.99 -20.60
N GLN C 280 15.83 -4.40 -20.17
CA GLN C 280 16.76 -3.45 -19.50
C GLN C 280 16.95 -2.17 -20.36
N GLN C 281 17.14 -2.36 -21.68
CA GLN C 281 17.28 -1.21 -22.59
C GLN C 281 16.02 -0.35 -22.71
N PHE C 282 14.85 -1.01 -22.73
CA PHE C 282 13.58 -0.31 -22.74
C PHE C 282 13.41 0.55 -21.49
N VAL C 283 13.66 -0.05 -20.33
CA VAL C 283 13.55 0.67 -19.06
C VAL C 283 14.48 1.90 -19.08
N HIS C 284 15.72 1.67 -19.54
CA HIS C 284 16.71 2.77 -19.58
C HIS C 284 16.24 3.93 -20.48
N THR C 285 15.77 3.58 -21.68
CA THR C 285 15.38 4.57 -22.67
C THR C 285 14.07 5.30 -22.33
N TYR C 286 13.07 4.56 -21.86
CA TYR C 286 11.71 5.15 -21.75
C TYR C 286 11.20 5.41 -20.34
N LEU C 287 11.66 4.61 -19.38
CA LEU C 287 11.05 4.58 -18.06
C LEU C 287 11.98 5.04 -16.93
N SER C 288 13.06 5.75 -17.23
CA SER C 288 14.05 6.11 -16.20
C SER C 288 14.12 7.61 -15.87
N GLY C 289 13.28 8.41 -16.53
CA GLY C 289 13.26 9.85 -16.35
C GLY C 289 11.84 10.27 -15.99
N THR C 290 11.47 11.46 -16.46
CA THR C 290 10.15 12.00 -16.22
C THR C 290 9.19 11.64 -17.36
N GLU C 291 7.94 12.08 -17.24
CA GLU C 291 6.93 11.90 -18.28
C GLU C 291 7.36 12.66 -19.53
N ALA C 292 7.93 13.84 -19.36
CA ALA C 292 8.49 14.61 -20.50
C ALA C 292 9.59 13.86 -21.20
N ASP C 293 10.48 13.18 -20.44
CA ASP C 293 11.55 12.35 -21.06
C ASP C 293 10.93 11.22 -21.85
N TYR C 294 9.96 10.53 -21.26
CA TYR C 294 9.22 9.48 -22.00
C TYR C 294 8.62 10.02 -23.31
N GLN C 295 7.92 11.16 -23.26
CA GLN C 295 7.24 11.71 -24.46
C GLN C 295 8.25 12.07 -25.58
N ALA C 296 9.40 12.62 -25.19
CA ALA C 296 10.47 12.95 -26.13
C ALA C 296 11.10 11.69 -26.73
N ALA C 297 11.40 10.68 -25.90
CA ALA C 297 11.94 9.39 -26.38
C ALA C 297 10.97 8.72 -27.37
N VAL C 298 9.68 8.80 -27.07
CA VAL C 298 8.62 8.20 -27.91
C VAL C 298 8.48 8.90 -29.25
N HIS C 299 8.51 10.23 -29.24
CA HIS C 299 8.50 11.02 -30.46
C HIS C 299 9.71 10.72 -31.35
N ASN C 300 10.87 10.55 -30.72
CA ASN C 300 12.11 10.14 -31.40
C ASN C 300 12.07 8.73 -32.01
N PHE C 301 11.50 7.78 -31.30
CA PHE C 301 11.22 6.45 -31.87
C PHE C 301 10.33 6.60 -33.14
N GLY C 302 9.29 7.42 -33.02
CA GLY C 302 8.36 7.69 -34.13
C GLY C 302 8.98 8.42 -35.30
N ALA C 303 9.79 9.43 -35.02
CA ALA C 303 10.51 10.19 -36.05
C ALA C 303 11.44 9.30 -36.87
N SER C 304 12.05 8.31 -36.22
CA SER C 304 12.87 7.30 -36.90
C SER C 304 12.08 6.51 -37.95
N ARG C 305 10.87 6.08 -37.60
CA ARG C 305 9.94 5.47 -38.58
C ARG C 305 9.20 6.53 -39.40
N SER D 2 -16.56 -24.16 -55.89
CA SER D 2 -16.34 -23.43 -54.59
C SER D 2 -15.28 -24.09 -53.72
N THR D 3 -14.66 -23.27 -52.89
CA THR D 3 -13.55 -23.73 -52.08
C THR D 3 -14.03 -24.13 -50.69
N ARG D 4 -13.15 -24.81 -49.96
CA ARG D 4 -13.38 -25.16 -48.56
C ARG D 4 -13.75 -23.92 -47.72
N ALA D 5 -13.00 -22.83 -47.87
CA ALA D 5 -13.30 -21.56 -47.13
C ALA D 5 -14.72 -21.03 -47.40
N GLU D 6 -15.20 -21.20 -48.64
CA GLU D 6 -16.52 -20.74 -49.06
C GLU D 6 -17.61 -21.60 -48.46
N VAL D 7 -17.40 -22.91 -48.45
CA VAL D 7 -18.31 -23.85 -47.79
C VAL D 7 -18.42 -23.53 -46.26
N CYS D 8 -17.28 -23.23 -45.63
CA CYS D 8 -17.24 -22.77 -44.23
C CYS D 8 -17.95 -21.43 -44.00
N ALA D 9 -17.71 -20.47 -44.88
CA ALA D 9 -18.42 -19.19 -44.81
C ALA D 9 -19.92 -19.33 -44.85
N VAL D 10 -20.42 -20.19 -45.73
CA VAL D 10 -21.88 -20.43 -45.83
C VAL D 10 -22.41 -21.18 -44.62
N ALA D 11 -21.66 -22.13 -44.11
CA ALA D 11 -21.98 -22.81 -42.85
C ALA D 11 -22.07 -21.82 -41.67
N CYS D 12 -21.14 -20.88 -41.59
CA CYS D 12 -21.21 -19.81 -40.63
C CYS D 12 -22.46 -18.94 -40.84
N ALA D 13 -22.76 -18.58 -42.08
CA ALA D 13 -24.02 -17.86 -42.40
C ALA D 13 -25.27 -18.58 -41.88
N GLU D 14 -25.30 -19.90 -42.05
CA GLU D 14 -26.47 -20.71 -41.64
C GLU D 14 -26.68 -20.78 -40.14
N LEU D 15 -25.66 -20.43 -39.35
CA LEU D 15 -25.80 -20.24 -37.92
C LEU D 15 -26.89 -19.26 -37.56
N PHE D 16 -27.08 -18.26 -38.42
CA PHE D 16 -28.01 -17.16 -38.18
C PHE D 16 -29.37 -17.28 -38.89
N ARG D 17 -29.65 -18.40 -39.54
CA ARG D 17 -30.96 -18.60 -40.16
C ARG D 17 -32.01 -18.59 -39.05
N ASP D 18 -33.08 -17.82 -39.22
CA ASP D 18 -34.14 -17.66 -38.18
C ASP D 18 -33.63 -17.01 -36.87
N ALA D 19 -32.57 -16.24 -36.96
CA ALA D 19 -32.06 -15.51 -35.79
C ALA D 19 -33.05 -14.42 -35.40
N GLY D 20 -33.69 -13.81 -36.39
CA GLY D 20 -34.59 -12.70 -36.17
C GLY D 20 -33.79 -11.42 -35.90
N GLU D 21 -34.40 -10.50 -35.18
CA GLU D 21 -33.85 -9.16 -35.03
C GLU D 21 -33.03 -9.08 -33.72
N ILE D 22 -31.88 -9.74 -33.75
CA ILE D 22 -30.94 -9.81 -32.62
C ILE D 22 -29.55 -9.38 -33.10
N MET D 23 -28.69 -9.05 -32.14
CA MET D 23 -27.32 -8.67 -32.45
C MET D 23 -26.47 -9.91 -32.71
N ILE D 24 -25.84 -9.95 -33.90
CA ILE D 24 -24.86 -10.98 -34.21
C ILE D 24 -23.47 -10.39 -33.94
N SER D 25 -22.66 -11.12 -33.17
CA SER D 25 -21.31 -10.68 -32.77
C SER D 25 -20.28 -11.71 -33.26
N PRO D 26 -19.86 -11.60 -34.53
CA PRO D 26 -18.93 -12.55 -35.10
C PRO D 26 -17.53 -12.13 -34.72
N MET D 27 -16.82 -12.95 -33.95
CA MET D 27 -15.51 -12.51 -33.45
C MET D 27 -14.35 -13.08 -34.26
N THR D 28 -14.62 -13.74 -35.39
CA THR D 28 -13.57 -14.11 -36.33
C THR D 28 -13.93 -13.63 -37.71
N ASN D 29 -12.93 -13.49 -38.56
CA ASN D 29 -13.17 -13.11 -39.93
C ASN D 29 -14.13 -14.10 -40.64
N MET D 30 -13.94 -15.40 -40.42
CA MET D 30 -14.80 -16.38 -41.07
C MET D 30 -16.26 -16.21 -40.65
N ALA D 31 -16.49 -16.03 -39.35
CA ALA D 31 -17.84 -15.80 -38.85
C ALA D 31 -18.40 -14.48 -39.39
N SER D 32 -17.53 -13.47 -39.48
CA SER D 32 -17.95 -12.15 -39.96
C SER D 32 -18.35 -12.18 -41.48
N VAL D 33 -17.68 -12.98 -42.30
CA VAL D 33 -18.12 -13.20 -43.68
C VAL D 33 -19.47 -13.88 -43.71
N GLY D 34 -19.63 -14.91 -42.88
CA GLY D 34 -20.91 -15.63 -42.72
C GLY D 34 -22.03 -14.71 -42.30
N ALA D 35 -21.78 -13.89 -41.28
CA ALA D 35 -22.81 -12.96 -40.76
C ALA D 35 -23.25 -11.94 -41.82
N ARG D 36 -22.30 -11.38 -42.56
CA ARG D 36 -22.64 -10.42 -43.61
C ARG D 36 -23.41 -11.07 -44.74
N LEU D 37 -23.02 -12.31 -45.10
CA LEU D 37 -23.75 -13.12 -46.09
C LEU D 37 -25.21 -13.33 -45.66
N ALA D 38 -25.40 -13.69 -44.38
CA ALA D 38 -26.73 -13.89 -43.84
C ALA D 38 -27.55 -12.59 -43.95
N ARG D 39 -26.97 -11.48 -43.55
CA ARG D 39 -27.69 -10.20 -43.53
C ARG D 39 -28.15 -9.76 -44.92
N LEU D 40 -27.28 -9.92 -45.90
CA LEU D 40 -27.61 -9.66 -47.29
C LEU D 40 -28.56 -10.65 -47.94
N THR D 41 -28.79 -11.80 -47.33
CA THR D 41 -29.71 -12.82 -47.91
C THR D 41 -30.84 -13.24 -46.95
N PHE D 42 -30.71 -14.39 -46.32
CA PHE D 42 -31.84 -15.04 -45.62
C PHE D 42 -32.06 -14.56 -44.17
N ALA D 43 -31.14 -13.80 -43.59
CA ALA D 43 -31.41 -13.18 -42.26
C ALA D 43 -31.26 -11.65 -42.29
N PRO D 44 -32.14 -10.96 -43.04
CA PRO D 44 -31.99 -9.51 -43.23
C PRO D 44 -32.22 -8.62 -41.99
N ASP D 45 -32.75 -9.19 -40.90
CA ASP D 45 -33.09 -8.40 -39.72
C ASP D 45 -31.97 -8.34 -38.65
N ILE D 46 -30.88 -9.07 -38.84
CA ILE D 46 -29.82 -9.07 -37.81
C ILE D 46 -29.14 -7.72 -37.68
N LEU D 47 -28.59 -7.48 -36.50
CA LEU D 47 -27.86 -6.26 -36.22
C LEU D 47 -26.41 -6.64 -36.24
N LEU D 48 -25.57 -5.72 -36.68
CA LEU D 48 -24.13 -5.91 -36.76
C LEU D 48 -23.41 -4.64 -36.42
N THR D 49 -22.36 -4.73 -35.60
CA THR D 49 -21.58 -3.54 -35.26
C THR D 49 -20.49 -3.32 -36.30
N ASP D 50 -19.85 -2.16 -36.23
CA ASP D 50 -18.67 -1.84 -37.08
C ASP D 50 -17.34 -2.42 -36.53
N GLY D 51 -17.43 -3.35 -35.57
CA GLY D 51 -16.27 -3.87 -34.91
C GLY D 51 -15.79 -3.02 -33.73
N GLU D 52 -16.43 -1.89 -33.50
CA GLU D 52 -16.10 -1.11 -32.32
C GLU D 52 -17.37 -0.80 -31.52
N ALA D 53 -17.97 0.37 -31.73
CA ALA D 53 -19.07 0.85 -30.89
C ALA D 53 -20.27 1.46 -31.65
N GLN D 54 -20.41 1.17 -32.95
CA GLN D 54 -21.56 1.63 -33.70
C GLN D 54 -22.22 0.47 -34.44
N LEU D 55 -23.54 0.57 -34.59
CA LEU D 55 -24.30 -0.34 -35.41
C LEU D 55 -24.30 0.06 -36.87
N LEU D 56 -23.98 -0.88 -37.74
CA LEU D 56 -23.97 -0.64 -39.21
C LEU D 56 -25.35 -0.64 -39.79
N ALA D 57 -25.60 0.36 -40.64
CA ALA D 57 -26.88 0.50 -41.33
C ALA D 57 -26.91 -0.36 -42.60
N ASP D 58 -25.78 -0.39 -43.33
CA ASP D 58 -25.65 -1.24 -44.53
C ASP D 58 -24.79 -2.46 -44.15
N THR D 59 -24.36 -3.20 -45.14
CA THR D 59 -23.48 -4.36 -44.97
C THR D 59 -22.27 -4.22 -45.92
N PRO D 60 -21.24 -3.48 -45.48
CA PRO D 60 -20.07 -3.28 -46.33
C PRO D 60 -19.12 -4.48 -46.36
N ALA D 61 -18.14 -4.39 -47.29
CA ALA D 61 -17.11 -5.39 -47.43
C ALA D 61 -16.29 -5.47 -46.16
N LEU D 62 -15.88 -6.69 -45.81
CA LEU D 62 -14.90 -6.91 -44.74
C LEU D 62 -13.57 -6.30 -45.20
N GLY D 63 -12.90 -5.63 -44.26
CA GLY D 63 -11.58 -5.07 -44.50
C GLY D 63 -11.54 -3.83 -45.37
N LYS D 64 -12.70 -3.24 -45.63
CA LYS D 64 -12.82 -2.10 -46.48
C LYS D 64 -12.28 -0.82 -45.83
N THR D 65 -11.86 0.07 -46.70
CA THR D 65 -11.14 1.27 -46.36
C THR D 65 -11.92 2.39 -47.07
N GLY D 66 -11.42 3.61 -46.96
CA GLY D 66 -11.97 4.75 -47.70
C GLY D 66 -13.11 5.47 -46.97
N ALA D 67 -14.30 5.41 -47.57
CA ALA D 67 -15.47 6.15 -47.10
C ALA D 67 -15.98 5.56 -45.77
N PRO D 68 -16.34 6.41 -44.79
CA PRO D 68 -16.93 5.87 -43.56
C PRO D 68 -18.28 5.15 -43.78
N ASN D 69 -18.59 4.24 -42.87
CA ASN D 69 -19.81 3.46 -42.93
C ASN D 69 -21.02 4.23 -42.47
N ARG D 70 -22.16 3.92 -43.05
CA ARG D 70 -23.42 4.45 -42.53
C ARG D 70 -23.81 3.68 -41.26
N ILE D 71 -24.32 4.39 -40.27
CA ILE D 71 -24.65 3.83 -38.97
C ILE D 71 -26.16 3.92 -38.73
N GLU D 72 -26.66 3.05 -37.88
CA GLU D 72 -28.05 3.08 -37.46
C GLU D 72 -28.25 3.10 -35.96
N GLY D 73 -27.15 3.14 -35.21
CA GLY D 73 -27.23 3.10 -33.75
C GLY D 73 -25.86 3.12 -33.11
N TRP D 74 -25.90 3.16 -31.80
CA TRP D 74 -24.76 3.23 -30.92
C TRP D 74 -24.72 1.98 -30.05
N MET D 75 -23.55 1.36 -29.96
CA MET D 75 -23.40 0.11 -29.24
C MET D 75 -22.06 0.10 -28.49
N PRO D 76 -21.90 0.98 -27.50
CA PRO D 76 -20.69 0.95 -26.68
C PRO D 76 -20.66 -0.30 -25.80
N PHE D 77 -19.52 -0.59 -25.16
CA PHE D 77 -19.37 -1.86 -24.44
C PHE D 77 -20.37 -2.04 -23.32
N GLY D 78 -20.71 -0.93 -22.64
CA GLY D 78 -21.77 -0.95 -21.61
C GLY D 78 -23.09 -1.50 -22.16
N ARG D 79 -23.43 -1.06 -23.37
CA ARG D 79 -24.66 -1.48 -24.03
C ARG D 79 -24.57 -2.90 -24.57
N VAL D 80 -23.38 -3.37 -24.92
CA VAL D 80 -23.21 -4.79 -25.21
C VAL D 80 -23.53 -5.64 -24.00
N PHE D 81 -23.00 -5.29 -22.83
CA PHE D 81 -23.34 -6.05 -21.60
C PHE D 81 -24.84 -6.06 -21.32
N GLU D 82 -25.49 -4.93 -21.52
CA GLU D 82 -26.93 -4.81 -21.31
C GLU D 82 -27.69 -5.68 -22.29
N THR D 83 -27.24 -5.65 -23.55
CA THR D 83 -27.87 -6.45 -24.60
C THR D 83 -27.72 -7.96 -24.34
N LEU D 84 -26.55 -8.38 -23.91
CA LEU D 84 -26.28 -9.82 -23.73
C LEU D 84 -27.05 -10.41 -22.54
N ALA D 85 -27.13 -9.66 -21.44
CA ALA D 85 -27.94 -10.08 -20.30
C ALA D 85 -29.45 -10.14 -20.59
N TRP D 86 -29.90 -9.25 -21.46
CA TRP D 86 -31.24 -9.21 -22.00
C TRP D 86 -31.53 -10.39 -22.96
N GLY D 87 -30.49 -10.97 -23.56
CA GLY D 87 -30.55 -12.21 -24.34
C GLY D 87 -30.60 -12.09 -25.85
N ARG D 88 -30.67 -10.87 -26.39
CA ARG D 88 -30.93 -10.68 -27.79
C ARG D 88 -29.65 -10.65 -28.62
N ARG D 89 -28.97 -11.80 -28.64
CA ARG D 89 -27.66 -11.85 -29.25
C ARG D 89 -27.25 -13.27 -29.60
N HIS D 90 -26.38 -13.38 -30.61
CA HIS D 90 -25.71 -14.65 -30.96
C HIS D 90 -24.24 -14.32 -31.22
N VAL D 91 -23.33 -14.91 -30.43
CA VAL D 91 -21.91 -14.64 -30.56
C VAL D 91 -21.25 -15.86 -31.16
N VAL D 92 -20.31 -15.60 -32.06
CA VAL D 92 -19.47 -16.65 -32.61
C VAL D 92 -18.05 -16.30 -32.23
N MET D 93 -17.43 -17.16 -31.40
CA MET D 93 -16.09 -16.92 -30.85
C MET D 93 -15.11 -17.95 -31.43
N GLY D 94 -13.83 -17.63 -31.38
CA GLY D 94 -12.80 -18.63 -31.51
C GLY D 94 -12.69 -19.47 -30.25
N ALA D 95 -11.63 -20.29 -30.22
CA ALA D 95 -11.41 -21.18 -29.06
C ALA D 95 -10.04 -21.79 -29.11
N ASN D 96 -9.27 -21.74 -28.01
CA ASN D 96 -8.02 -22.47 -27.92
C ASN D 96 -8.33 -23.96 -27.71
N GLN D 97 -9.37 -24.24 -26.93
CA GLN D 97 -9.88 -25.59 -26.75
C GLN D 97 -11.39 -25.56 -26.72
N VAL D 98 -12.01 -26.60 -27.28
CA VAL D 98 -13.42 -26.91 -27.13
C VAL D 98 -13.52 -28.40 -26.75
N ASP D 99 -14.37 -28.75 -25.79
CA ASP D 99 -14.52 -30.13 -25.39
C ASP D 99 -15.86 -30.71 -25.83
N ARG D 100 -16.05 -31.98 -25.54
CA ARG D 100 -17.17 -32.75 -26.05
C ARG D 100 -18.54 -32.27 -25.62
N TYR D 101 -18.62 -31.54 -24.49
CA TYR D 101 -19.89 -30.99 -24.01
C TYR D 101 -20.04 -29.51 -24.39
N GLY D 102 -19.12 -29.01 -25.21
CA GLY D 102 -19.19 -27.64 -25.66
C GLY D 102 -18.53 -26.62 -24.77
N ASN D 103 -17.75 -27.03 -23.78
CA ASN D 103 -16.98 -26.06 -22.97
C ASN D 103 -15.88 -25.47 -23.83
N GLN D 104 -15.63 -24.17 -23.68
CA GLN D 104 -14.60 -23.45 -24.42
C GLN D 104 -13.59 -22.84 -23.45
N ASN D 105 -12.33 -22.80 -23.90
CA ASN D 105 -11.19 -22.20 -23.20
C ASN D 105 -10.48 -21.21 -24.13
N ILE D 106 -10.50 -19.95 -23.73
CA ILE D 106 -9.63 -18.91 -24.24
C ILE D 106 -8.82 -18.23 -23.15
N SER D 107 -8.77 -18.84 -21.97
CA SER D 107 -8.17 -18.26 -20.78
C SER D 107 -6.70 -18.53 -20.62
N ALA D 108 -6.38 -19.81 -20.46
CA ALA D 108 -5.02 -20.27 -20.22
C ALA D 108 -4.93 -21.77 -20.33
N PHE D 109 -3.70 -22.26 -20.46
CA PHE D 109 -3.38 -23.69 -20.36
C PHE D 109 -2.76 -23.93 -18.98
N GLY D 110 -3.13 -25.05 -18.35
CA GLY D 110 -2.49 -25.51 -17.12
C GLY D 110 -3.30 -25.09 -15.90
N PRO D 111 -2.73 -25.26 -14.71
CA PRO D 111 -3.39 -24.93 -13.47
C PRO D 111 -3.77 -23.45 -13.35
N LEU D 112 -4.89 -23.20 -12.70
CA LEU D 112 -5.53 -21.88 -12.62
C LEU D 112 -4.64 -20.77 -12.06
N GLN D 113 -3.98 -21.05 -10.92
CA GLN D 113 -3.10 -20.06 -10.28
C GLN D 113 -1.65 -20.17 -10.75
N ARG D 114 -1.34 -21.13 -11.63
CA ARG D 114 0.00 -21.20 -12.21
C ARG D 114 -0.03 -21.84 -13.59
N PRO D 115 -0.51 -21.07 -14.60
CA PRO D 115 -0.71 -21.69 -15.89
C PRO D 115 0.62 -21.89 -16.57
N THR D 116 0.65 -22.79 -17.53
CA THR D 116 1.84 -23.03 -18.37
C THR D 116 1.86 -22.12 -19.58
N ARG D 117 0.71 -21.59 -19.96
CA ARG D 117 0.63 -20.59 -20.99
C ARG D 117 -0.60 -19.71 -20.72
N GLN D 118 -0.40 -18.41 -20.78
CA GLN D 118 -1.43 -17.40 -20.53
C GLN D 118 -2.00 -16.83 -21.82
N MET D 119 -3.32 -16.82 -21.93
CA MET D 119 -4.01 -16.15 -23.02
C MET D 119 -4.77 -14.96 -22.47
N PHE D 120 -6.06 -14.78 -22.78
CA PHE D 120 -6.75 -13.49 -22.46
C PHE D 120 -7.37 -13.48 -21.08
N GLY D 121 -7.55 -14.67 -20.52
CA GLY D 121 -8.51 -14.87 -19.45
C GLY D 121 -9.86 -15.19 -20.10
N VAL D 122 -10.86 -15.41 -19.24
CA VAL D 122 -12.16 -15.88 -19.69
C VAL D 122 -12.95 -14.88 -20.55
N ARG D 123 -12.58 -13.59 -20.47
CA ARG D 123 -13.26 -12.51 -21.16
C ARG D 123 -14.79 -12.53 -20.89
N GLY D 124 -15.60 -12.46 -21.93
CA GLY D 124 -17.04 -12.51 -21.81
C GLY D 124 -17.66 -13.87 -22.01
N SER D 125 -16.81 -14.89 -22.16
CA SER D 125 -17.33 -16.22 -22.47
C SER D 125 -18.34 -16.71 -21.41
N PRO D 126 -18.04 -16.52 -20.11
CA PRO D 126 -19.03 -17.00 -19.13
C PRO D 126 -20.40 -16.34 -19.26
N GLY D 127 -20.42 -15.02 -19.45
CA GLY D 127 -21.66 -14.27 -19.63
C GLY D 127 -22.37 -14.64 -20.91
N ASN D 128 -21.61 -14.80 -22.00
CA ASN D 128 -22.20 -15.17 -23.26
C ASN D 128 -22.93 -16.53 -23.17
N THR D 129 -22.23 -17.53 -22.65
CA THR D 129 -22.72 -18.90 -22.69
C THR D 129 -23.89 -19.17 -21.71
N ILE D 130 -23.99 -18.38 -20.65
CA ILE D 130 -25.12 -18.49 -19.70
C ILE D 130 -26.35 -17.70 -20.16
N ASN D 131 -26.18 -16.83 -21.17
CA ASN D 131 -27.23 -15.87 -21.53
C ASN D 131 -27.91 -16.07 -22.88
N HIS D 132 -27.20 -16.58 -23.88
CA HIS D 132 -27.74 -16.58 -25.23
C HIS D 132 -26.95 -17.46 -26.16
N ALA D 133 -27.46 -17.60 -27.38
CA ALA D 133 -26.85 -18.43 -28.39
C ALA D 133 -25.35 -18.12 -28.54
N THR D 134 -24.54 -19.17 -28.45
CA THR D 134 -23.12 -19.07 -28.62
C THR D 134 -22.70 -20.19 -29.58
N SER D 135 -21.90 -19.85 -30.60
CA SER D 135 -21.28 -20.79 -31.48
C SER D 135 -19.77 -20.55 -31.58
N TYR D 136 -19.06 -21.55 -32.10
CA TYR D 136 -17.60 -21.51 -32.22
C TYR D 136 -17.10 -21.80 -33.65
N TRP D 137 -16.05 -21.08 -34.03
CA TRP D 137 -15.36 -21.24 -35.31
C TRP D 137 -13.97 -21.71 -34.98
N VAL D 138 -13.59 -22.85 -35.56
CA VAL D 138 -12.26 -23.44 -35.38
C VAL D 138 -11.68 -23.65 -36.77
N GLY D 139 -10.59 -22.98 -37.11
CA GLY D 139 -10.00 -23.05 -38.44
C GLY D 139 -9.00 -24.18 -38.64
N ASN D 140 -8.53 -24.78 -37.54
CA ASN D 140 -7.61 -25.94 -37.62
C ASN D 140 -8.09 -26.99 -36.62
N HIS D 141 -9.03 -27.78 -37.11
CA HIS D 141 -9.63 -28.86 -36.36
C HIS D 141 -8.51 -29.89 -36.05
N CYS D 142 -8.10 -29.98 -34.81
CA CYS D 142 -7.09 -30.95 -34.38
C CYS D 142 -7.31 -31.34 -32.92
N LYS D 143 -6.58 -32.38 -32.53
CA LYS D 143 -6.70 -32.96 -31.20
C LYS D 143 -6.38 -32.00 -30.08
N ARG D 144 -5.45 -31.10 -30.30
CA ARG D 144 -5.09 -30.14 -29.25
C ARG D 144 -6.17 -29.07 -29.07
N VAL D 145 -7.08 -28.90 -30.04
CA VAL D 145 -8.21 -27.99 -29.88
C VAL D 145 -9.42 -28.75 -29.34
N PHE D 146 -9.80 -29.82 -30.04
CA PHE D 146 -10.90 -30.67 -29.62
C PHE D 146 -10.43 -31.71 -28.64
N VAL D 147 -10.51 -31.36 -27.35
CA VAL D 147 -9.98 -32.15 -26.23
C VAL D 147 -11.11 -32.81 -25.44
N GLU D 148 -10.76 -33.81 -24.65
CA GLU D 148 -11.71 -34.44 -23.73
C GLU D 148 -12.37 -33.44 -22.79
N ALA D 149 -11.54 -32.68 -22.09
CA ALA D 149 -12.00 -31.66 -21.14
C ALA D 149 -11.05 -30.46 -21.15
N VAL D 150 -11.62 -29.24 -21.17
CA VAL D 150 -10.81 -28.04 -21.26
C VAL D 150 -10.03 -27.82 -19.96
N ASP D 151 -8.88 -27.17 -20.06
CA ASP D 151 -8.09 -26.80 -18.91
C ASP D 151 -8.78 -25.79 -17.99
N VAL D 152 -9.41 -24.79 -18.63
CA VAL D 152 -10.11 -23.71 -17.94
C VAL D 152 -11.43 -23.52 -18.66
N VAL D 153 -12.53 -23.56 -17.90
CA VAL D 153 -13.86 -23.36 -18.44
C VAL D 153 -14.14 -21.85 -18.54
N SER D 154 -13.96 -21.32 -19.76
CA SER D 154 -14.30 -19.94 -20.06
C SER D 154 -15.74 -19.86 -20.56
N GLY D 155 -16.05 -20.59 -21.62
CA GLY D 155 -17.45 -20.79 -22.07
C GLY D 155 -18.00 -22.09 -21.48
N ILE D 156 -19.16 -22.05 -20.84
CA ILE D 156 -19.68 -23.24 -20.18
C ILE D 156 -20.37 -24.15 -21.21
N GLY D 157 -20.27 -25.44 -20.93
CA GLY D 157 -20.87 -26.49 -21.72
C GLY D 157 -22.03 -27.15 -20.99
N TYR D 158 -22.64 -28.10 -21.68
CA TYR D 158 -23.92 -28.69 -21.19
C TYR D 158 -23.77 -29.46 -19.90
N ASP D 159 -22.60 -30.03 -19.65
CA ASP D 159 -22.35 -30.74 -18.38
C ASP D 159 -22.31 -29.83 -17.14
N LYS D 160 -22.24 -28.52 -17.33
CA LYS D 160 -22.22 -27.57 -16.22
C LYS D 160 -23.62 -27.10 -15.80
N VAL D 161 -24.63 -27.43 -16.61
CA VAL D 161 -25.99 -27.02 -16.37
C VAL D 161 -26.51 -27.81 -15.15
N ASP D 162 -26.96 -27.10 -14.14
CA ASP D 162 -27.65 -27.71 -13.01
C ASP D 162 -29.14 -27.68 -13.36
N PRO D 163 -29.74 -28.87 -13.61
CA PRO D 163 -31.15 -28.86 -14.04
C PRO D 163 -32.12 -28.41 -12.92
N ASP D 164 -31.68 -28.38 -11.67
CA ASP D 164 -32.53 -27.83 -10.60
C ASP D 164 -32.42 -26.32 -10.38
N ASN D 165 -31.61 -25.62 -11.17
CA ASN D 165 -31.42 -24.18 -11.01
C ASN D 165 -31.86 -23.49 -12.29
N PRO D 166 -33.05 -22.84 -12.27
CA PRO D 166 -33.55 -22.12 -13.42
C PRO D 166 -32.66 -20.99 -13.95
N ALA D 167 -31.61 -20.62 -13.23
CA ALA D 167 -30.61 -19.68 -13.77
C ALA D 167 -29.87 -20.18 -15.00
N PHE D 168 -29.81 -21.50 -15.20
CA PHE D 168 -29.22 -22.08 -16.42
C PHE D 168 -30.18 -22.19 -17.59
N ARG D 169 -31.41 -21.74 -17.45
CA ARG D 169 -32.43 -21.96 -18.50
C ARG D 169 -32.19 -21.24 -19.85
N PHE D 170 -31.25 -20.29 -19.92
CA PHE D 170 -30.96 -19.64 -21.19
C PHE D 170 -29.77 -20.19 -21.91
N VAL D 171 -29.15 -21.26 -21.41
CA VAL D 171 -27.95 -21.80 -22.05
C VAL D 171 -28.31 -22.25 -23.44
N ASN D 172 -27.48 -21.88 -24.42
CA ASN D 172 -27.78 -22.25 -25.83
C ASN D 172 -26.51 -22.27 -26.65
N VAL D 173 -25.65 -23.24 -26.32
CA VAL D 173 -24.41 -23.46 -27.03
C VAL D 173 -24.83 -24.25 -28.25
N TYR D 174 -24.68 -23.62 -29.42
CA TYR D 174 -25.43 -24.08 -30.60
C TYR D 174 -24.56 -24.99 -31.43
N ARG D 175 -23.64 -24.42 -32.22
CA ARG D 175 -22.83 -25.24 -33.10
C ARG D 175 -21.35 -24.89 -33.08
N VAL D 176 -20.56 -25.83 -33.57
CA VAL D 176 -19.18 -25.62 -33.90
C VAL D 176 -19.05 -25.85 -35.41
N VAL D 177 -18.52 -24.84 -36.10
CA VAL D 177 -18.12 -24.95 -37.51
C VAL D 177 -16.60 -24.96 -37.58
N SER D 178 -16.05 -25.98 -38.22
CA SER D 178 -14.60 -26.10 -38.35
C SER D 178 -14.25 -26.21 -39.84
N ASN D 179 -12.96 -26.22 -40.13
CA ASN D 179 -12.47 -26.50 -41.50
C ASN D 179 -12.84 -27.92 -42.03
N LEU D 180 -13.36 -28.80 -41.15
CA LEU D 180 -13.79 -30.16 -41.52
C LEU D 180 -15.28 -30.42 -41.58
N GLY D 181 -16.05 -29.77 -40.69
CA GLY D 181 -17.47 -30.07 -40.62
C GLY D 181 -18.29 -29.05 -39.83
N VAL D 182 -19.57 -29.35 -39.73
CA VAL D 182 -20.52 -28.67 -38.80
C VAL D 182 -20.91 -29.67 -37.70
N PHE D 183 -20.84 -29.20 -36.45
CA PHE D 183 -21.10 -30.03 -35.28
C PHE D 183 -22.06 -29.32 -34.34
N ASP D 184 -22.84 -30.12 -33.61
CA ASP D 184 -23.73 -29.58 -32.56
C ASP D 184 -23.62 -30.42 -31.31
N PHE D 185 -24.49 -30.16 -30.33
CA PHE D 185 -24.45 -30.88 -29.06
C PHE D 185 -25.73 -31.62 -28.78
N GLY D 186 -26.21 -32.33 -29.82
CA GLY D 186 -27.41 -33.17 -29.72
C GLY D 186 -27.12 -34.64 -29.48
N GLY D 187 -25.87 -35.01 -29.25
CA GLY D 187 -25.52 -36.41 -28.85
C GLY D 187 -26.05 -36.74 -27.46
N PRO D 188 -25.79 -37.96 -26.96
CA PRO D 188 -26.16 -38.32 -25.58
C PRO D 188 -25.48 -37.41 -24.56
N ASP D 189 -26.20 -37.02 -23.50
CA ASP D 189 -25.70 -36.07 -22.48
C ASP D 189 -25.24 -34.71 -23.11
N HIS D 190 -25.84 -34.34 -24.24
CA HIS D 190 -25.45 -33.19 -25.07
C HIS D 190 -23.96 -33.23 -25.45
N SER D 191 -23.50 -34.41 -25.83
CA SER D 191 -22.16 -34.59 -26.34
C SER D 191 -22.12 -34.22 -27.81
N MET D 192 -20.92 -33.89 -28.27
CA MET D 192 -20.74 -33.38 -29.61
C MET D 192 -21.18 -34.38 -30.67
N ARG D 193 -21.98 -33.88 -31.61
CA ARG D 193 -22.54 -34.67 -32.68
C ARG D 193 -22.24 -34.00 -34.04
N ALA D 194 -22.00 -34.84 -35.05
CA ALA D 194 -21.76 -34.38 -36.42
C ALA D 194 -23.05 -33.98 -37.04
N VAL D 195 -23.14 -32.74 -37.52
CA VAL D 195 -24.25 -32.28 -38.33
C VAL D 195 -23.94 -32.60 -39.82
N SER D 196 -22.76 -32.20 -40.26
CA SER D 196 -22.37 -32.43 -41.66
C SER D 196 -20.87 -32.40 -41.78
N LEU D 197 -20.37 -33.02 -42.85
CA LEU D 197 -18.93 -33.03 -43.12
C LEU D 197 -18.71 -32.30 -44.41
N HIS D 198 -17.69 -31.44 -44.47
CA HIS D 198 -17.49 -30.64 -45.69
C HIS D 198 -17.08 -31.56 -46.88
N PRO D 199 -17.47 -31.19 -48.13
CA PRO D 199 -17.01 -31.98 -49.32
C PRO D 199 -15.52 -32.21 -49.30
N GLY D 200 -15.10 -33.46 -49.53
CA GLY D 200 -13.69 -33.85 -49.39
C GLY D 200 -13.27 -34.43 -48.03
N VAL D 201 -14.12 -34.34 -47.01
CA VAL D 201 -13.78 -34.77 -45.65
C VAL D 201 -14.47 -36.11 -45.37
N THR D 202 -13.70 -37.08 -44.90
CA THR D 202 -14.23 -38.37 -44.49
C THR D 202 -14.43 -38.41 -42.97
N PRO D 203 -15.28 -39.35 -42.48
CA PRO D 203 -15.38 -39.57 -41.06
C PRO D 203 -14.04 -39.81 -40.39
N GLY D 204 -13.17 -40.56 -41.06
CA GLY D 204 -11.80 -40.85 -40.60
C GLY D 204 -10.92 -39.63 -40.38
N ASP D 205 -11.04 -38.63 -41.27
CA ASP D 205 -10.34 -37.35 -41.08
C ASP D 205 -10.76 -36.71 -39.73
N VAL D 206 -12.07 -36.64 -39.47
CA VAL D 206 -12.56 -36.05 -38.21
C VAL D 206 -12.15 -36.86 -37.00
N ARG D 207 -12.26 -38.18 -37.11
CA ARG D 207 -11.91 -39.09 -36.02
C ARG D 207 -10.44 -38.92 -35.59
N ASP D 208 -9.54 -38.82 -36.58
CA ASP D 208 -8.11 -38.64 -36.34
C ASP D 208 -7.73 -37.25 -35.83
N ALA D 209 -8.61 -36.27 -36.02
CA ALA D 209 -8.41 -34.89 -35.57
C ALA D 209 -9.19 -34.48 -34.30
N THR D 210 -9.86 -35.42 -33.63
CA THR D 210 -10.69 -35.13 -32.45
C THR D 210 -10.31 -36.09 -31.29
N SER D 211 -10.14 -35.57 -30.08
CA SER D 211 -9.65 -36.38 -28.93
C SER D 211 -10.70 -37.29 -28.30
N PHE D 212 -11.93 -37.19 -28.77
CA PHE D 212 -13.07 -37.97 -28.26
C PHE D 212 -13.87 -38.38 -29.49
N GLU D 213 -14.81 -39.29 -29.30
CA GLU D 213 -15.63 -39.81 -30.39
C GLU D 213 -16.80 -38.89 -30.65
N VAL D 214 -16.99 -38.54 -31.92
CA VAL D 214 -18.06 -37.65 -32.31
C VAL D 214 -19.27 -38.52 -32.68
N HIS D 215 -20.42 -38.23 -32.10
CA HIS D 215 -21.66 -38.99 -32.34
C HIS D 215 -22.18 -38.83 -33.79
N ASP D 216 -22.71 -39.94 -34.35
CA ASP D 216 -23.35 -39.99 -35.69
C ASP D 216 -22.41 -39.58 -36.83
N LEU D 217 -21.11 -39.82 -36.64
CA LEU D 217 -20.08 -39.30 -37.55
C LEU D 217 -20.11 -39.95 -38.94
N ASP D 218 -20.30 -41.27 -38.94
CA ASP D 218 -20.44 -42.07 -40.16
C ASP D 218 -21.71 -41.77 -40.95
N ALA D 219 -22.78 -41.36 -40.26
CA ALA D 219 -24.07 -41.01 -40.89
C ALA D 219 -24.19 -39.55 -41.35
N ALA D 220 -23.12 -38.76 -41.19
CA ALA D 220 -23.19 -37.33 -41.44
C ALA D 220 -23.20 -37.05 -42.93
N GLU D 221 -24.25 -36.38 -43.40
CA GLU D 221 -24.33 -35.91 -44.79
C GLU D 221 -23.24 -34.88 -45.12
N GLN D 222 -23.15 -34.56 -46.41
CA GLN D 222 -22.23 -33.55 -46.90
C GLN D 222 -22.79 -32.14 -46.61
N THR D 223 -21.92 -31.23 -46.17
CA THR D 223 -22.29 -29.83 -46.00
C THR D 223 -22.71 -29.26 -47.37
N ARG D 224 -23.76 -28.46 -47.41
CA ARG D 224 -24.27 -27.95 -48.67
C ARG D 224 -23.27 -26.99 -49.33
N LEU D 225 -23.26 -27.00 -50.65
CA LEU D 225 -22.44 -26.10 -51.43
C LEU D 225 -23.02 -24.71 -51.41
N PRO D 226 -22.16 -23.65 -51.41
CA PRO D 226 -22.60 -22.30 -51.72
C PRO D 226 -23.35 -22.25 -53.06
N THR D 227 -24.41 -21.44 -53.16
CA THR D 227 -25.09 -21.23 -54.43
C THR D 227 -24.28 -20.21 -55.26
N ASP D 228 -24.65 -20.08 -56.53
CA ASP D 228 -24.07 -19.03 -57.37
C ASP D 228 -24.24 -17.62 -56.80
N ASP D 229 -25.41 -17.30 -56.28
CA ASP D 229 -25.62 -15.97 -55.68
C ASP D 229 -24.75 -15.77 -54.43
N GLU D 230 -24.61 -16.82 -53.62
CA GLU D 230 -23.78 -16.77 -52.43
C GLU D 230 -22.32 -16.56 -52.79
N LEU D 231 -21.85 -17.30 -53.81
CA LEU D 231 -20.48 -17.13 -54.30
C LEU D 231 -20.24 -15.74 -54.83
N HIS D 232 -21.17 -15.22 -55.63
CA HIS D 232 -21.05 -13.82 -56.05
C HIS D 232 -20.92 -12.83 -54.86
N LEU D 233 -21.78 -12.99 -53.85
CA LEU D 233 -21.71 -12.07 -52.71
C LEU D 233 -20.42 -12.20 -51.92
N ILE D 234 -19.99 -13.44 -51.69
CA ILE D 234 -18.74 -13.68 -50.97
C ILE D 234 -17.51 -13.15 -51.72
N ARG D 235 -17.38 -13.56 -53.00
CA ARG D 235 -16.18 -13.23 -53.77
C ARG D 235 -16.07 -11.74 -54.12
N ALA D 236 -17.19 -11.10 -54.48
CA ALA D 236 -17.14 -9.72 -55.02
C ALA D 236 -17.58 -8.63 -54.05
N VAL D 237 -18.48 -8.94 -53.12
CA VAL D 237 -19.16 -7.92 -52.32
C VAL D 237 -18.73 -7.91 -50.88
N ILE D 238 -18.66 -9.08 -50.25
CA ILE D 238 -18.38 -9.19 -48.81
C ILE D 238 -16.90 -9.35 -48.51
N ASP D 239 -16.22 -10.22 -49.25
CA ASP D 239 -14.83 -10.56 -48.96
C ASP D 239 -13.95 -10.54 -50.21
N PRO D 240 -13.87 -9.38 -50.88
CA PRO D 240 -13.10 -9.25 -52.11
C PRO D 240 -11.59 -9.41 -51.93
N LYS D 241 -11.09 -9.21 -50.71
CA LYS D 241 -9.70 -9.49 -50.39
C LYS D 241 -9.42 -10.94 -50.01
N SER D 242 -10.45 -11.77 -49.93
CA SER D 242 -10.32 -13.19 -49.60
C SER D 242 -9.66 -13.45 -48.25
N LEU D 243 -10.01 -12.63 -47.27
CA LEU D 243 -9.62 -12.86 -45.87
C LEU D 243 -10.05 -14.25 -45.35
N ARG D 244 -11.15 -14.78 -45.89
CA ARG D 244 -11.62 -16.14 -45.57
C ARG D 244 -10.56 -17.22 -45.78
N ASP D 245 -9.72 -17.05 -46.81
CA ASP D 245 -8.71 -18.08 -47.13
C ASP D 245 -7.61 -18.21 -46.07
N ARG D 246 -7.28 -17.11 -45.39
CA ARG D 246 -6.33 -17.13 -44.27
C ARG D 246 -6.89 -17.76 -42.98
N GLU D 247 -8.22 -17.95 -42.90
CA GLU D 247 -8.85 -18.55 -41.73
C GLU D 247 -8.59 -20.07 -41.58
N ILE D 248 -8.33 -20.75 -42.68
CA ILE D 248 -8.13 -22.20 -42.67
C ILE D 248 -6.76 -22.59 -43.26
N ARG D 249 -6.25 -23.74 -42.84
CA ARG D 249 -4.82 -24.03 -42.92
C ARG D 249 -4.54 -25.23 -43.81
N SER D 250 -3.27 -25.63 -43.84
CA SER D 250 -2.80 -26.86 -44.51
C SER D 250 -3.25 -26.92 -45.99
N MET E 14 -1.62 -9.90 11.89
CA MET E 14 -0.33 -9.49 11.20
C MET E 14 -0.21 -10.22 9.85
N PRO E 15 0.66 -9.73 8.94
CA PRO E 15 0.70 -10.35 7.60
C PRO E 15 1.36 -11.73 7.59
N ASP E 16 0.78 -12.66 6.85
CA ASP E 16 1.38 -13.93 6.50
C ASP E 16 2.30 -13.79 5.28
N LYS E 17 3.60 -13.93 5.50
CA LYS E 17 4.58 -13.67 4.43
C LYS E 17 5.18 -14.93 3.80
N ARG E 18 4.61 -16.08 4.13
CA ARG E 18 5.15 -17.35 3.66
C ARG E 18 5.04 -17.54 2.15
N THR E 19 6.12 -17.90 1.49
CA THR E 19 6.11 -18.13 0.04
C THR E 19 7.11 -19.26 -0.24
N ALA E 20 7.24 -19.62 -1.49
CA ALA E 20 8.11 -20.66 -1.98
C ALA E 20 9.32 -19.98 -2.62
N LEU E 21 10.41 -20.73 -2.73
CA LEU E 21 11.71 -20.22 -3.23
C LEU E 21 11.63 -19.51 -4.60
N ASP E 22 11.02 -20.18 -5.58
CA ASP E 22 10.90 -19.66 -6.93
C ASP E 22 9.99 -18.42 -6.99
N ASP E 23 8.93 -18.41 -6.19
CA ASP E 23 8.01 -17.29 -6.10
C ASP E 23 8.76 -16.01 -5.64
N ALA E 24 9.59 -16.15 -4.62
CA ALA E 24 10.43 -15.02 -4.17
C ALA E 24 11.40 -14.54 -5.26
N VAL E 25 12.12 -15.47 -5.86
CA VAL E 25 13.13 -15.14 -6.86
C VAL E 25 12.51 -14.52 -8.11
N ALA E 26 11.25 -14.85 -8.42
CA ALA E 26 10.59 -14.25 -9.56
C ALA E 26 10.34 -12.75 -9.38
N GLN E 27 10.52 -12.20 -8.17
CA GLN E 27 10.54 -10.75 -7.97
C GLN E 27 11.85 -10.05 -8.42
N LEU E 28 12.90 -10.82 -8.66
CA LEU E 28 14.15 -10.23 -9.13
C LEU E 28 14.06 -9.82 -10.58
N ARG E 29 14.82 -8.81 -10.97
CA ARG E 29 14.95 -8.46 -12.37
C ARG E 29 16.41 -8.38 -12.76
N SER E 30 16.69 -8.72 -14.02
CA SER E 30 18.04 -8.60 -14.54
C SER E 30 18.59 -7.20 -14.36
N GLY E 31 19.87 -7.13 -14.01
CA GLY E 31 20.51 -5.82 -13.69
C GLY E 31 20.43 -5.39 -12.22
N MET E 32 19.65 -6.07 -11.39
CA MET E 32 19.55 -5.71 -9.97
C MET E 32 20.85 -5.90 -9.19
N THR E 33 20.98 -5.11 -8.11
CA THR E 33 21.98 -5.30 -7.10
C THR E 33 21.38 -6.12 -5.99
N ILE E 34 21.98 -7.31 -5.74
CA ILE E 34 21.53 -8.16 -4.65
C ILE E 34 22.62 -8.42 -3.62
N GLY E 35 22.20 -8.58 -2.38
CA GLY E 35 23.06 -8.93 -1.28
C GLY E 35 22.81 -10.36 -0.92
N ILE E 36 23.87 -11.13 -0.74
CA ILE E 36 23.79 -12.49 -0.22
C ILE E 36 24.48 -12.54 1.15
N ALA E 37 23.70 -12.85 2.17
CA ALA E 37 24.15 -12.84 3.57
C ALA E 37 24.95 -14.11 4.00
N GLY E 38 25.04 -14.40 5.30
CA GLY E 38 25.99 -15.38 5.78
C GLY E 38 27.42 -14.91 5.57
N TRP E 39 28.35 -15.87 5.51
CA TRP E 39 29.79 -15.55 5.43
C TRP E 39 30.51 -16.75 4.91
N GLY E 40 31.23 -16.59 3.80
CA GLY E 40 32.02 -17.71 3.25
C GLY E 40 31.17 -18.95 3.02
N SER E 41 31.60 -20.06 3.59
CA SER E 41 30.83 -21.28 3.58
C SER E 41 30.08 -21.48 4.91
N ARG E 42 29.41 -20.43 5.37
CA ARG E 42 28.66 -20.43 6.63
C ARG E 42 27.30 -19.79 6.51
N ARG E 43 26.27 -20.56 6.86
CA ARG E 43 24.88 -20.09 6.85
C ARG E 43 24.50 -19.26 5.62
N LYS E 44 24.81 -19.76 4.44
CA LYS E 44 24.46 -19.07 3.20
C LYS E 44 23.08 -19.50 2.74
N PRO E 45 22.32 -18.60 2.13
CA PRO E 45 21.00 -18.94 1.56
C PRO E 45 21.10 -19.73 0.26
N MET E 46 21.62 -20.96 0.36
CA MET E 46 21.97 -21.75 -0.81
C MET E 46 20.78 -22.23 -1.59
N ALA E 47 19.67 -22.52 -0.92
CA ALA E 47 18.43 -22.86 -1.64
C ALA E 47 17.92 -21.65 -2.45
N PHE E 48 18.04 -20.42 -1.94
CA PHE E 48 17.69 -19.25 -2.75
C PHE E 48 18.63 -19.14 -3.96
N VAL E 49 19.92 -19.37 -3.74
CA VAL E 49 20.90 -19.31 -4.85
C VAL E 49 20.55 -20.31 -5.95
N ARG E 50 20.24 -21.54 -5.57
CA ARG E 50 19.79 -22.58 -6.50
C ARG E 50 18.53 -22.16 -7.28
N ALA E 51 17.59 -21.50 -6.61
CA ALA E 51 16.44 -20.92 -7.27
C ALA E 51 16.79 -19.79 -8.26
N ILE E 52 17.77 -18.97 -7.93
CA ILE E 52 18.28 -17.97 -8.91
C ILE E 52 18.87 -18.66 -10.13
N LEU E 53 19.65 -19.73 -9.93
CA LEU E 53 20.19 -20.52 -11.05
C LEU E 53 19.05 -21.08 -11.97
N ARG E 54 17.89 -21.43 -11.40
CA ARG E 54 16.76 -21.93 -12.22
C ARG E 54 16.02 -20.84 -13.00
N SER E 55 16.15 -19.57 -12.58
CA SER E 55 15.47 -18.46 -13.26
C SER E 55 16.27 -17.95 -14.48
N ASP E 56 15.66 -17.04 -15.24
CA ASP E 56 16.32 -16.37 -16.35
C ASP E 56 17.02 -15.07 -15.90
N VAL E 57 16.96 -14.74 -14.59
CA VAL E 57 17.55 -13.47 -14.13
C VAL E 57 19.07 -13.49 -14.33
N THR E 58 19.63 -12.40 -14.85
CA THR E 58 21.07 -12.36 -15.09
C THR E 58 21.61 -10.95 -14.93
N ASP E 59 22.88 -10.78 -15.28
CA ASP E 59 23.52 -9.47 -15.22
C ASP E 59 23.44 -8.85 -13.80
N LEU E 60 23.60 -9.70 -12.79
CA LEU E 60 23.43 -9.29 -11.37
C LEU E 60 24.71 -8.66 -10.85
N THR E 61 24.53 -7.64 -10.02
CA THR E 61 25.61 -7.09 -9.20
C THR E 61 25.40 -7.69 -7.83
N VAL E 62 26.45 -8.35 -7.32
CA VAL E 62 26.36 -9.09 -6.07
C VAL E 62 27.26 -8.46 -4.98
N VAL E 63 26.70 -8.33 -3.78
CA VAL E 63 27.39 -7.84 -2.61
C VAL E 63 27.42 -9.01 -1.62
N THR E 64 28.60 -9.47 -1.22
CA THR E 64 28.73 -10.69 -0.44
C THR E 64 30.07 -10.87 0.25
N TYR E 65 30.05 -11.53 1.41
CA TYR E 65 31.25 -12.17 1.97
C TYR E 65 31.23 -13.52 1.32
N GLY E 66 31.97 -13.66 0.21
CA GLY E 66 31.70 -14.68 -0.76
C GLY E 66 32.15 -16.09 -0.36
N GLY E 67 31.39 -17.05 -0.85
CA GLY E 67 31.69 -18.44 -0.71
C GLY E 67 31.10 -19.20 -1.88
N PRO E 68 30.60 -20.43 -1.65
CA PRO E 68 29.98 -21.21 -2.70
C PRO E 68 28.71 -20.61 -3.30
N ASP E 69 28.07 -19.69 -2.58
CA ASP E 69 26.97 -18.86 -3.14
C ASP E 69 27.40 -18.15 -4.39
N LEU E 70 28.56 -17.50 -4.31
CA LEU E 70 29.04 -16.70 -5.39
C LEU E 70 29.56 -17.59 -6.52
N GLY E 71 30.16 -18.72 -6.13
CA GLY E 71 30.64 -19.68 -7.08
C GLY E 71 29.52 -20.21 -7.96
N LEU E 72 28.42 -20.63 -7.35
CA LEU E 72 27.24 -21.09 -8.11
C LEU E 72 26.71 -20.05 -9.09
N LEU E 73 26.58 -18.81 -8.65
CA LEU E 73 26.16 -17.70 -9.54
C LEU E 73 27.11 -17.46 -10.71
N CYS E 74 28.41 -17.48 -10.43
CA CYS E 74 29.43 -17.39 -11.51
C CYS E 74 29.37 -18.57 -12.48
N SER E 75 29.13 -19.77 -11.97
CA SER E 75 28.99 -20.98 -12.81
C SER E 75 27.83 -20.84 -13.81
N ALA E 76 26.82 -20.09 -13.42
CA ALA E 76 25.65 -19.79 -14.28
C ALA E 76 25.82 -18.60 -15.21
N GLY E 77 26.93 -17.85 -15.10
CA GLY E 77 27.14 -16.66 -15.90
C GLY E 77 26.16 -15.53 -15.61
N LYS E 78 25.68 -15.48 -14.38
CA LYS E 78 24.65 -14.54 -14.01
C LYS E 78 25.17 -13.28 -13.31
N VAL E 79 26.49 -13.17 -13.18
CA VAL E 79 27.11 -12.09 -12.38
C VAL E 79 27.82 -11.13 -13.31
N LYS E 80 27.43 -9.84 -13.23
CA LYS E 80 28.15 -8.74 -13.89
C LYS E 80 29.30 -8.18 -13.05
N ARG E 81 29.00 -7.89 -11.77
CA ARG E 81 29.91 -7.19 -10.87
C ARG E 81 29.77 -7.74 -9.46
N VAL E 82 30.85 -7.82 -8.71
CA VAL E 82 30.81 -8.32 -7.34
C VAL E 82 31.54 -7.36 -6.41
N TYR E 83 30.85 -6.96 -5.36
CA TYR E 83 31.41 -6.24 -4.22
C TYR E 83 31.60 -7.28 -3.11
N TYR E 84 32.85 -7.52 -2.73
CA TYR E 84 33.18 -8.57 -1.78
C TYR E 84 34.37 -8.24 -0.90
N GLY E 85 34.33 -8.78 0.32
CA GLY E 85 35.44 -8.65 1.29
C GLY E 85 36.44 -9.79 1.17
N PHE E 86 36.00 -10.87 0.58
CA PHE E 86 36.77 -12.07 0.34
C PHE E 86 35.89 -13.09 -0.41
N VAL E 87 36.51 -14.16 -0.86
CA VAL E 87 35.77 -15.34 -1.34
C VAL E 87 36.49 -16.57 -0.78
N SER E 88 35.79 -17.38 -0.01
CA SER E 88 36.40 -18.55 0.60
C SER E 88 35.40 -19.65 0.84
N LEU E 89 35.86 -20.88 0.60
CA LEU E 89 35.13 -22.08 0.99
C LEU E 89 35.39 -22.54 2.43
N ASP E 90 36.27 -21.87 3.17
CA ASP E 90 36.50 -22.11 4.60
C ASP E 90 37.13 -23.49 4.94
N SER E 91 37.21 -24.40 3.96
CA SER E 91 37.89 -25.69 4.06
C SER E 91 38.65 -25.90 2.78
N PRO E 92 39.60 -26.87 2.74
CA PRO E 92 40.32 -27.17 1.48
C PRO E 92 39.33 -27.51 0.36
N PRO E 93 39.54 -27.05 -0.88
CA PRO E 93 40.70 -26.30 -1.37
C PRO E 93 40.67 -24.76 -1.14
N PHE E 94 39.76 -24.28 -0.29
CA PHE E 94 39.70 -22.86 0.18
C PHE E 94 39.24 -21.86 -0.86
N TYR E 95 39.92 -21.82 -2.00
CA TYR E 95 39.56 -20.92 -3.08
C TYR E 95 38.37 -21.50 -3.80
N ASP E 96 37.36 -20.66 -4.07
CA ASP E 96 36.24 -21.15 -4.87
C ASP E 96 36.63 -21.18 -6.35
N PRO E 97 36.53 -22.37 -6.98
CA PRO E 97 37.04 -22.49 -8.35
C PRO E 97 36.19 -21.74 -9.41
N TRP E 98 34.90 -21.54 -9.13
CA TRP E 98 34.04 -20.80 -10.06
C TRP E 98 34.28 -19.31 -10.00
N PHE E 99 34.48 -18.77 -8.80
CA PHE E 99 34.93 -17.42 -8.65
C PHE E 99 36.29 -17.21 -9.35
N ALA E 100 37.25 -18.11 -9.10
CA ALA E 100 38.57 -18.08 -9.77
C ALA E 100 38.43 -18.06 -11.28
N HIS E 101 37.62 -18.95 -11.85
CA HIS E 101 37.37 -18.94 -13.31
C HIS E 101 36.84 -17.61 -13.80
N ALA E 102 35.87 -17.04 -13.09
CA ALA E 102 35.28 -15.77 -13.48
C ALA E 102 36.31 -14.67 -13.45
N ARG E 103 37.18 -14.71 -12.45
CA ARG E 103 38.23 -13.71 -12.28
C ARG E 103 39.38 -13.85 -13.27
N THR E 104 39.81 -15.08 -13.52
CA THR E 104 40.94 -15.32 -14.45
C THR E 104 40.48 -15.16 -15.92
N SER E 105 39.23 -15.43 -16.20
CA SER E 105 38.66 -15.18 -17.54
C SER E 105 38.34 -13.70 -17.80
N GLY E 106 38.37 -12.85 -16.78
CA GLY E 106 37.97 -11.45 -16.93
C GLY E 106 36.47 -11.21 -17.12
N ALA E 107 35.67 -12.15 -16.65
CA ALA E 107 34.24 -12.17 -16.89
C ALA E 107 33.46 -11.22 -15.98
N ILE E 108 34.02 -10.88 -14.83
CA ILE E 108 33.28 -10.05 -13.86
C ILE E 108 34.07 -8.80 -13.55
N GLU E 109 33.36 -7.73 -13.21
CA GLU E 109 33.99 -6.54 -12.67
C GLU E 109 34.12 -6.77 -11.17
N ALA E 110 35.33 -6.56 -10.65
CA ALA E 110 35.66 -6.87 -9.27
C ALA E 110 35.75 -5.57 -8.50
N ARG E 111 34.92 -5.48 -7.47
CA ARG E 111 34.98 -4.36 -6.52
C ARG E 111 35.37 -4.92 -5.18
N GLU E 112 36.59 -5.44 -5.16
CA GLU E 112 37.20 -6.05 -3.99
C GLU E 112 37.41 -4.98 -2.91
N MET E 113 37.25 -5.38 -1.65
CA MET E 113 37.43 -4.46 -0.56
C MET E 113 37.82 -5.22 0.69
N ASP E 114 38.27 -4.51 1.71
CA ASP E 114 38.61 -5.08 3.00
C ASP E 114 37.32 -5.55 3.67
N GLU E 115 37.41 -6.60 4.47
CA GLU E 115 36.25 -7.19 5.13
C GLU E 115 35.47 -6.20 5.98
N GLY E 116 36.19 -5.40 6.76
CA GLY E 116 35.58 -4.37 7.57
C GLY E 116 34.88 -3.31 6.79
N MET E 117 35.43 -2.99 5.60
CA MET E 117 34.84 -2.00 4.69
C MET E 117 33.47 -2.45 4.20
N LEU E 118 33.28 -3.74 3.96
CA LEU E 118 32.01 -4.23 3.46
C LEU E 118 30.94 -4.02 4.52
N ARG E 119 31.26 -4.38 5.77
CA ARG E 119 30.34 -4.14 6.87
C ARG E 119 30.00 -2.66 7.02
N CYS E 120 31.01 -1.82 6.97
CA CYS E 120 30.86 -0.36 7.01
C CYS E 120 29.92 0.19 5.91
N GLY E 121 30.11 -0.30 4.71
CA GLY E 121 29.21 -0.04 3.57
C GLY E 121 27.77 -0.44 3.81
N LEU E 122 27.56 -1.62 4.39
CA LEU E 122 26.18 -2.03 4.77
C LEU E 122 25.59 -1.16 5.91
N GLN E 123 26.45 -0.78 6.87
CA GLN E 123 26.05 0.09 7.96
C GLN E 123 25.56 1.46 7.45
N ALA E 124 26.27 1.99 6.43
CA ALA E 124 25.94 3.28 5.87
C ALA E 124 24.58 3.20 5.18
N ALA E 125 24.36 2.12 4.45
CA ALA E 125 23.05 1.89 3.81
C ALA E 125 21.94 1.72 4.84
N ALA E 126 22.21 0.99 5.91
CA ALA E 126 21.19 0.78 7.00
C ALA E 126 20.81 2.10 7.72
N GLN E 127 21.78 3.02 7.80
CA GLN E 127 21.58 4.32 8.42
C GLN E 127 21.15 5.38 7.42
N ARG E 128 20.95 4.95 6.18
CA ARG E 128 20.62 5.83 5.06
C ARG E 128 21.63 6.95 4.88
N LEU E 129 22.89 6.71 5.23
CA LEU E 129 23.94 7.71 5.05
C LEU E 129 24.65 7.48 3.71
N PRO E 130 25.16 8.55 3.11
CA PRO E 130 25.90 8.40 1.82
C PRO E 130 27.29 7.77 1.94
N PHE E 131 27.92 7.92 3.11
CA PHE E 131 29.17 7.30 3.40
C PHE E 131 29.38 7.15 4.90
N LEU E 132 30.29 6.28 5.29
CA LEU E 132 30.94 6.32 6.62
C LEU E 132 32.48 6.36 6.40
N PRO E 133 33.22 7.13 7.24
CA PRO E 133 34.68 7.13 7.17
C PRO E 133 35.30 5.86 7.81
N ILE E 134 36.41 5.40 7.25
CA ILE E 134 37.13 4.21 7.73
C ILE E 134 38.62 4.28 7.38
N ARG E 135 39.50 3.75 8.21
CA ARG E 135 40.94 3.72 7.87
C ARG E 135 41.26 2.59 6.89
N ALA E 136 40.65 1.41 7.12
CA ALA E 136 40.78 0.24 6.26
C ALA E 136 40.62 0.58 4.80
N GLY E 137 41.58 0.14 3.96
CA GLY E 137 41.63 0.60 2.56
C GLY E 137 42.81 1.50 2.21
N LEU E 138 43.15 2.45 3.10
CA LEU E 138 44.24 3.41 2.84
C LEU E 138 45.55 2.70 2.60
N GLY E 139 46.24 3.10 1.53
CA GLY E 139 47.54 2.53 1.19
C GLY E 139 47.53 1.21 0.42
N SER E 140 46.36 0.59 0.26
CA SER E 140 46.22 -0.74 -0.28
C SER E 140 45.82 -0.67 -1.75
N SER E 141 45.68 -1.81 -2.39
CA SER E 141 45.16 -1.85 -3.76
C SER E 141 43.64 -1.64 -3.85
N VAL E 142 42.93 -1.57 -2.73
CA VAL E 142 41.45 -1.49 -2.80
C VAL E 142 40.93 -0.31 -3.67
N PRO E 143 41.39 0.94 -3.43
CA PRO E 143 41.00 2.03 -4.33
C PRO E 143 41.13 1.77 -5.85
N GLN E 144 42.18 1.06 -6.24
CA GLN E 144 42.44 0.73 -7.64
C GLN E 144 41.45 -0.26 -8.19
N PHE E 145 40.94 -1.17 -7.35
CA PHE E 145 39.82 -2.02 -7.79
C PHE E 145 38.59 -1.21 -8.15
N TRP E 146 38.38 -0.09 -7.45
CA TRP E 146 37.16 0.70 -7.61
C TRP E 146 37.23 1.75 -8.74
N ALA E 147 38.36 1.91 -9.39
CA ALA E 147 38.48 2.76 -10.58
C ALA E 147 37.95 4.20 -10.40
N GLY E 148 38.30 4.85 -9.29
CA GLY E 148 37.83 6.19 -8.99
C GLY E 148 36.47 6.32 -8.32
N GLU E 149 35.73 5.25 -8.15
CA GLU E 149 34.42 5.28 -7.46
C GLU E 149 34.56 5.43 -5.95
N LEU E 150 35.67 4.96 -5.41
CA LEU E 150 35.93 5.06 -3.99
C LEU E 150 36.68 6.35 -3.69
N GLN E 151 36.01 7.31 -3.04
CA GLN E 151 36.65 8.59 -2.68
C GLN E 151 37.11 8.68 -1.23
N THR E 152 37.82 9.76 -0.89
CA THR E 152 38.26 9.99 0.49
C THR E 152 37.47 11.12 1.10
N VAL E 153 37.59 11.29 2.41
CA VAL E 153 36.95 12.40 3.14
C VAL E 153 37.95 12.92 4.16
N THR E 154 38.00 14.24 4.33
CA THR E 154 38.91 14.85 5.32
C THR E 154 38.16 15.24 6.59
N SER E 155 38.75 14.91 7.74
CA SER E 155 38.18 15.31 9.02
C SER E 155 38.26 16.82 9.20
N PRO E 156 37.18 17.43 9.70
CA PRO E 156 37.28 18.85 10.07
C PRO E 156 37.90 19.06 11.45
N TYR E 157 38.14 17.98 12.22
CA TYR E 157 38.78 18.10 13.55
C TYR E 157 40.18 17.50 13.47
N PRO E 158 41.18 18.10 14.15
CA PRO E 158 42.56 17.62 14.07
C PRO E 158 42.77 16.31 14.82
N ALA E 159 43.73 15.52 14.38
CA ALA E 159 44.12 14.31 15.13
C ALA E 159 44.80 14.70 16.45
N PRO E 160 44.69 13.87 17.51
CA PRO E 160 45.45 14.15 18.76
C PRO E 160 46.92 13.96 18.45
N GLY E 161 47.64 15.06 18.23
CA GLY E 161 48.94 15.02 17.55
C GLY E 161 49.14 16.11 16.52
N GLY E 162 48.05 16.74 16.08
CA GLY E 162 48.09 17.75 15.03
C GLY E 162 47.87 17.10 13.66
N GLY E 163 47.44 17.90 12.71
CA GLY E 163 47.16 17.44 11.36
C GLY E 163 45.74 16.90 11.24
N TYR E 164 45.24 16.90 10.02
CA TYR E 164 43.88 16.47 9.75
C TYR E 164 43.93 15.14 9.00
N GLU E 165 43.20 14.13 9.47
CA GLU E 165 43.15 12.81 8.86
C GLU E 165 42.29 12.84 7.59
N THR E 166 42.77 12.13 6.59
CA THR E 166 42.04 11.82 5.39
C THR E 166 41.74 10.31 5.43
N LEU E 167 40.45 9.98 5.34
CA LEU E 167 39.97 8.62 5.54
C LEU E 167 39.31 8.15 4.28
N ILE E 168 39.18 6.87 4.11
CA ILE E 168 38.32 6.34 3.03
C ILE E 168 36.87 6.73 3.33
N ALA E 169 36.16 7.26 2.31
CA ALA E 169 34.73 7.47 2.42
C ALA E 169 34.08 6.24 1.85
N MET E 170 33.75 5.29 2.73
CA MET E 170 33.08 4.08 2.27
C MET E 170 31.64 4.40 1.86
N PRO E 171 31.29 4.19 0.56
CA PRO E 171 29.91 4.55 0.19
C PRO E 171 28.91 3.54 0.74
N ALA E 172 27.67 3.94 0.84
CA ALA E 172 26.57 2.99 1.10
C ALA E 172 26.41 1.87 0.08
N LEU E 173 26.29 0.64 0.56
CA LEU E 173 26.07 -0.52 -0.28
C LEU E 173 24.59 -0.86 -0.29
N ARG E 174 23.85 -0.03 -1.02
CA ARG E 174 22.40 -0.17 -1.09
C ARG E 174 22.04 -1.28 -2.03
N LEU E 175 21.01 -2.04 -1.68
CA LEU E 175 20.65 -3.24 -2.42
C LEU E 175 19.21 -3.17 -2.94
N ASP E 176 18.96 -3.68 -4.15
CA ASP E 176 17.60 -3.93 -4.62
C ASP E 176 16.94 -5.08 -3.90
N ALA E 177 17.72 -6.09 -3.56
CA ALA E 177 17.21 -7.23 -2.82
C ALA E 177 18.29 -7.84 -1.94
N ALA E 178 17.86 -8.45 -0.83
CA ALA E 178 18.75 -9.25 0.00
C ALA E 178 18.18 -10.61 0.30
N PHE E 179 19.06 -11.60 0.37
CA PHE E 179 18.73 -12.97 0.72
C PHE E 179 19.54 -13.43 1.91
N ALA E 180 18.86 -14.00 2.90
CA ALA E 180 19.48 -14.50 4.14
C ALA E 180 18.83 -15.82 4.55
N HIS E 181 19.60 -16.60 5.30
CA HIS E 181 19.11 -17.83 5.87
C HIS E 181 19.37 -17.90 7.39
N LEU E 182 18.30 -18.17 8.15
CA LEU E 182 18.37 -18.35 9.61
C LEU E 182 17.76 -19.68 10.05
N ASN E 183 17.86 -19.97 11.34
CA ASN E 183 17.54 -21.30 11.84
C ASN E 183 16.07 -21.50 12.14
N LEU E 184 15.40 -20.42 12.57
CA LEU E 184 14.05 -20.49 13.07
C LEU E 184 13.34 -19.17 12.77
N GLY E 185 12.07 -19.24 12.38
CA GLY E 185 11.27 -18.02 12.22
C GLY E 185 9.79 -18.29 12.34
N ASP E 186 9.00 -17.20 12.44
CA ASP E 186 7.56 -17.29 12.39
C ASP E 186 7.04 -16.87 11.02
N SER E 187 5.74 -17.04 10.81
CA SER E 187 5.09 -16.69 9.56
C SER E 187 5.08 -15.20 9.19
N HIS E 188 5.36 -14.33 10.15
CA HIS E 188 5.43 -12.88 9.95
C HIS E 188 6.84 -12.38 9.68
N GLY E 189 7.84 -13.28 9.79
CA GLY E 189 9.23 -12.93 9.53
C GLY E 189 10.13 -12.60 10.72
N ASN E 190 9.63 -12.71 11.95
CA ASN E 190 10.45 -12.69 13.13
C ASN E 190 11.36 -13.93 13.04
N ALA E 191 12.64 -13.80 13.37
CA ALA E 191 13.55 -14.93 13.21
C ALA E 191 14.77 -14.84 14.09
N ALA E 192 15.33 -16.00 14.36
CA ALA E 192 16.47 -16.14 15.23
C ALA E 192 17.58 -16.96 14.60
N TYR E 193 18.81 -16.61 14.98
CA TYR E 193 19.94 -17.48 14.74
C TYR E 193 20.16 -18.28 16.03
N THR E 194 20.47 -19.54 15.87
CA THR E 194 20.71 -20.45 16.97
C THR E 194 22.17 -20.85 17.10
N GLY E 195 23.01 -20.45 16.14
CA GLY E 195 24.45 -20.66 16.23
C GLY E 195 25.15 -19.62 17.12
N ILE E 196 26.46 -19.68 17.10
CA ILE E 196 27.31 -18.77 17.90
C ILE E 196 27.50 -17.35 17.27
N ASP E 197 27.20 -17.18 15.98
CA ASP E 197 27.53 -15.92 15.26
C ASP E 197 26.38 -15.50 14.39
N PRO E 198 25.88 -14.26 14.58
CA PRO E 198 24.87 -13.81 13.64
C PRO E 198 25.41 -13.42 12.27
N TYR E 199 26.74 -13.26 12.18
CA TYR E 199 27.39 -12.67 11.00
C TYR E 199 26.79 -11.27 10.82
N PHE E 200 26.30 -10.93 9.62
CA PHE E 200 25.81 -9.58 9.32
C PHE E 200 24.46 -9.58 8.62
N ASP E 201 23.67 -10.64 8.83
CA ASP E 201 22.40 -10.79 8.07
C ASP E 201 21.42 -9.63 8.31
N ASP E 202 21.44 -9.07 9.51
CA ASP E 202 20.63 -7.90 9.81
C ASP E 202 20.97 -6.69 8.93
N LEU E 203 22.25 -6.46 8.70
CA LEU E 203 22.70 -5.36 7.86
C LEU E 203 22.35 -5.58 6.38
N PHE E 204 22.51 -6.80 5.90
CA PHE E 204 22.06 -7.14 4.53
C PHE E 204 20.58 -6.82 4.33
N LEU E 205 19.74 -7.22 5.29
CA LEU E 205 18.31 -6.96 5.18
C LEU E 205 17.99 -5.46 5.25
N MET E 206 18.62 -4.76 6.19
CA MET E 206 18.36 -3.33 6.38
C MET E 206 18.84 -2.46 5.22
N ALA E 207 19.82 -2.94 4.48
CA ALA E 207 20.36 -2.23 3.30
C ALA E 207 19.56 -2.42 2.00
N ALA E 208 18.52 -3.27 2.03
CA ALA E 208 17.83 -3.71 0.84
C ALA E 208 16.43 -3.16 0.73
N GLU E 209 15.96 -2.99 -0.49
CA GLU E 209 14.57 -2.61 -0.75
C GLU E 209 13.62 -3.81 -0.64
N ARG E 210 14.07 -5.00 -1.08
CA ARG E 210 13.27 -6.21 -1.00
C ARG E 210 14.01 -7.23 -0.13
N ARG E 211 13.35 -7.75 0.91
CA ARG E 211 13.96 -8.59 1.88
C ARG E 211 13.40 -10.01 1.86
N PHE E 212 14.28 -10.97 1.61
CA PHE E 212 13.88 -12.36 1.50
C PHE E 212 14.65 -13.20 2.47
N LEU E 213 13.91 -13.93 3.33
CA LEU E 213 14.50 -14.76 4.37
C LEU E 213 14.08 -16.23 4.20
N SER E 214 15.02 -17.16 4.32
CA SER E 214 14.68 -18.59 4.47
C SER E 214 15.06 -19.02 5.87
N VAL E 215 14.33 -20.00 6.38
CA VAL E 215 14.61 -20.59 7.67
C VAL E 215 14.51 -22.12 7.59
N GLU E 216 15.21 -22.81 8.47
CA GLU E 216 15.12 -24.28 8.56
C GLU E 216 13.70 -24.71 8.93
N ARG E 217 13.03 -23.94 9.80
CA ARG E 217 11.72 -24.30 10.29
C ARG E 217 10.89 -23.10 10.71
N ILE E 218 9.62 -23.08 10.32
CA ILE E 218 8.70 -22.01 10.69
C ILE E 218 7.90 -22.53 11.88
N VAL E 219 7.86 -21.75 12.96
CA VAL E 219 7.16 -22.09 14.18
C VAL E 219 6.23 -20.95 14.57
N ALA E 220 5.38 -21.20 15.56
CA ALA E 220 4.60 -20.12 16.18
C ALA E 220 5.58 -19.10 16.84
N THR E 221 5.16 -17.85 16.86
CA THR E 221 5.89 -16.81 17.57
C THR E 221 6.31 -17.17 18.97
N GLU E 222 5.40 -17.77 19.73
CA GLU E 222 5.69 -18.07 21.16
C GLU E 222 6.74 -19.20 21.26
N GLU E 223 6.69 -20.17 20.34
CA GLU E 223 7.76 -21.17 20.27
C GLU E 223 9.11 -20.54 19.89
N LEU E 224 9.12 -19.63 18.91
CA LEU E 224 10.35 -18.94 18.51
C LEU E 224 11.05 -18.28 19.71
N VAL E 225 10.29 -17.45 20.43
CA VAL E 225 10.83 -16.66 21.53
C VAL E 225 11.20 -17.47 22.77
N LYS E 226 10.59 -18.64 22.94
CA LYS E 226 10.93 -19.53 24.07
C LYS E 226 12.15 -20.41 23.79
N SER E 227 12.54 -20.54 22.52
CA SER E 227 13.63 -21.44 22.16
C SER E 227 14.99 -20.75 22.15
N VAL E 228 15.04 -19.43 22.26
CA VAL E 228 16.32 -18.71 22.27
C VAL E 228 16.35 -17.58 23.30
N PRO E 229 17.54 -17.12 23.70
CA PRO E 229 17.56 -15.88 24.47
C PRO E 229 17.11 -14.67 23.61
N PRO E 230 16.59 -13.62 24.21
CA PRO E 230 16.16 -12.49 23.38
C PRO E 230 17.25 -11.91 22.45
N GLN E 231 18.51 -11.96 22.87
CA GLN E 231 19.64 -11.46 22.08
C GLN E 231 19.85 -12.16 20.70
N ALA E 232 19.30 -13.36 20.57
CA ALA E 232 19.29 -14.16 19.32
C ALA E 232 18.18 -13.80 18.36
N LEU E 233 17.24 -12.95 18.78
CA LEU E 233 16.12 -12.50 17.92
C LEU E 233 16.57 -11.40 16.98
N LEU E 234 17.38 -11.80 16.00
CA LEU E 234 18.10 -10.87 15.10
C LEU E 234 17.19 -10.15 14.13
N VAL E 235 16.03 -10.74 13.77
CA VAL E 235 15.16 -10.25 12.74
C VAL E 235 13.75 -10.06 13.29
N ASN E 236 13.21 -8.86 13.05
CA ASN E 236 11.85 -8.51 13.36
C ASN E 236 11.05 -8.33 12.06
N ARG E 237 9.74 -8.10 12.21
CA ARG E 237 8.83 -8.01 11.07
C ARG E 237 9.14 -6.88 10.09
N MET E 238 9.88 -5.85 10.50
CA MET E 238 10.13 -4.72 9.61
C MET E 238 11.20 -5.07 8.60
N MET E 239 11.94 -6.14 8.89
CA MET E 239 13.17 -6.52 8.18
C MET E 239 12.92 -7.58 7.13
N VAL E 240 11.67 -8.01 6.96
CA VAL E 240 11.35 -9.12 6.03
C VAL E 240 10.10 -8.85 5.23
N ASP E 241 10.20 -9.04 3.91
CA ASP E 241 9.06 -9.02 3.00
C ASP E 241 8.45 -10.41 2.74
N ALA E 242 9.30 -11.42 2.63
CA ALA E 242 8.83 -12.78 2.39
C ALA E 242 9.71 -13.79 3.13
N ILE E 243 9.08 -14.80 3.69
CA ILE E 243 9.78 -15.89 4.40
C ILE E 243 9.46 -17.23 3.74
N VAL E 244 10.45 -18.12 3.68
CA VAL E 244 10.37 -19.41 3.05
C VAL E 244 10.88 -20.47 4.02
N GLU E 245 10.08 -21.49 4.26
CA GLU E 245 10.58 -22.64 5.01
C GLU E 245 11.46 -23.52 4.12
N ALA E 246 12.76 -23.60 4.40
CA ALA E 246 13.71 -24.40 3.57
C ALA E 246 14.61 -25.29 4.43
N PRO E 247 14.08 -26.45 4.88
CA PRO E 247 14.92 -27.36 5.67
C PRO E 247 16.12 -27.79 4.80
N GLY E 248 17.31 -27.78 5.37
CA GLY E 248 18.52 -27.97 4.57
C GLY E 248 18.88 -26.83 3.63
N GLY E 249 18.27 -25.66 3.82
CA GLY E 249 18.42 -24.54 2.89
C GLY E 249 19.79 -23.85 2.83
N ALA E 250 20.64 -24.13 3.81
CA ALA E 250 22.01 -23.67 3.80
C ALA E 250 22.98 -24.68 3.16
N HIS E 251 22.53 -25.93 2.92
CA HIS E 251 23.43 -27.00 2.43
C HIS E 251 24.06 -26.51 1.10
N PHE E 252 25.38 -26.56 0.93
CA PHE E 252 26.34 -27.38 1.73
C PHE E 252 27.19 -26.58 2.75
N THR E 253 26.77 -25.38 3.10
CA THR E 253 27.42 -24.57 4.13
C THR E 253 26.88 -24.96 5.54
N THR E 254 27.60 -24.55 6.58
CA THR E 254 27.23 -24.85 7.95
C THR E 254 25.99 -24.05 8.37
N ALA E 255 25.09 -24.76 9.05
CA ALA E 255 23.92 -24.17 9.68
C ALA E 255 23.88 -24.54 11.16
N ALA E 256 25.04 -24.40 11.79
CA ALA E 256 25.20 -24.35 13.24
C ALA E 256 24.77 -25.61 13.90
N PRO E 257 23.91 -25.54 14.94
CA PRO E 257 23.54 -26.76 15.60
C PRO E 257 22.65 -27.64 14.73
N ASP E 258 21.96 -27.07 13.73
CA ASP E 258 21.07 -27.88 12.86
C ASP E 258 21.86 -28.92 12.06
N TYR E 259 22.93 -28.48 11.37
CA TYR E 259 23.86 -29.39 10.71
C TYR E 259 25.14 -28.60 10.37
N GLY E 260 26.25 -29.32 10.28
CA GLY E 260 27.53 -28.74 9.91
C GLY E 260 27.70 -28.59 8.42
N ARG E 261 28.86 -28.07 8.05
CA ARG E 261 29.26 -28.06 6.65
C ARG E 261 29.34 -29.50 6.11
N ASP E 262 28.80 -29.72 4.93
CA ASP E 262 28.92 -31.02 4.27
C ASP E 262 30.28 -30.99 3.56
N GLU E 263 31.31 -31.42 4.26
CA GLU E 263 32.71 -31.24 3.82
C GLU E 263 33.00 -32.03 2.57
N GLN E 264 32.58 -33.29 2.55
CA GLN E 264 32.79 -34.18 1.41
C GLN E 264 32.03 -33.66 0.18
N PHE E 265 30.79 -33.17 0.37
CA PHE E 265 30.07 -32.67 -0.79
C PHE E 265 30.69 -31.39 -1.36
N GLN E 266 31.16 -30.52 -0.47
CA GLN E 266 31.77 -29.27 -0.92
C GLN E 266 33.03 -29.54 -1.75
N ARG E 267 33.84 -30.51 -1.31
CA ARG E 267 34.98 -30.96 -2.10
C ARG E 267 34.54 -31.52 -3.44
N HIS E 268 33.49 -32.33 -3.44
CA HIS E 268 32.91 -32.85 -4.68
C HIS E 268 32.49 -31.69 -5.62
N TYR E 269 31.87 -30.65 -5.07
CA TYR E 269 31.54 -29.43 -5.83
C TYR E 269 32.77 -28.83 -6.47
N ALA E 270 33.83 -28.67 -5.65
CA ALA E 270 35.04 -28.01 -6.16
C ALA E 270 35.75 -28.84 -7.25
N GLU E 271 35.85 -30.15 -7.03
CA GLU E 271 36.44 -31.07 -8.02
C GLU E 271 35.68 -31.07 -9.36
N ALA E 272 34.35 -31.12 -9.28
CA ALA E 272 33.50 -31.07 -10.45
C ALA E 272 33.66 -29.79 -11.29
N ALA E 273 33.90 -28.67 -10.63
CA ALA E 273 34.11 -27.39 -11.32
C ALA E 273 35.40 -27.35 -12.16
N SER E 274 36.35 -28.24 -11.84
CA SER E 274 37.65 -28.28 -12.52
C SER E 274 37.63 -28.79 -13.98
N THR E 275 36.55 -29.43 -14.42
CA THR E 275 36.44 -29.93 -15.81
C THR E 275 35.05 -29.75 -16.37
N GLN E 276 34.98 -29.73 -17.70
CA GLN E 276 33.71 -29.52 -18.44
C GLN E 276 32.76 -30.68 -18.21
N VAL E 277 33.25 -31.90 -18.35
CA VAL E 277 32.45 -33.10 -18.13
C VAL E 277 32.00 -33.20 -16.67
N GLY E 278 32.92 -32.97 -15.74
CA GLY E 278 32.60 -33.05 -14.33
C GLY E 278 31.50 -32.07 -13.93
N TRP E 279 31.63 -30.83 -14.40
CA TRP E 279 30.59 -29.84 -14.11
C TRP E 279 29.25 -30.22 -14.73
N GLN E 280 29.24 -30.58 -16.01
CA GLN E 280 27.99 -31.05 -16.69
C GLN E 280 27.32 -32.16 -15.90
N GLN E 281 28.10 -33.13 -15.40
CA GLN E 281 27.54 -34.21 -14.57
C GLN E 281 26.97 -33.72 -13.23
N PHE E 282 27.68 -32.78 -12.60
CA PHE E 282 27.20 -32.15 -11.36
C PHE E 282 25.88 -31.44 -11.59
N VAL E 283 25.82 -30.62 -12.63
CA VAL E 283 24.59 -29.87 -12.97
C VAL E 283 23.45 -30.86 -13.20
N HIS E 284 23.72 -31.94 -13.94
CA HIS E 284 22.67 -32.93 -14.24
C HIS E 284 22.14 -33.57 -12.96
N THR E 285 23.06 -34.00 -12.10
CA THR E 285 22.71 -34.71 -10.87
C THR E 285 22.06 -33.82 -9.80
N TYR E 286 22.58 -32.62 -9.60
CA TYR E 286 22.17 -31.80 -8.44
C TYR E 286 21.31 -30.57 -8.75
N LEU E 287 21.53 -29.97 -9.91
CA LEU E 287 21.01 -28.64 -10.20
C LEU E 287 19.98 -28.57 -11.34
N SER E 288 19.37 -29.71 -11.69
CA SER E 288 18.45 -29.77 -12.84
C SER E 288 16.99 -30.02 -12.49
N GLY E 289 16.67 -30.06 -11.22
CA GLY E 289 15.30 -30.30 -10.77
C GLY E 289 14.95 -29.24 -9.74
N THR E 290 14.19 -29.65 -8.74
CA THR E 290 13.79 -28.74 -7.68
C THR E 290 14.78 -28.80 -6.48
N GLU E 291 14.48 -28.02 -5.44
CA GLU E 291 15.23 -28.08 -4.20
C GLU E 291 15.11 -29.46 -3.55
N ALA E 292 13.91 -30.04 -3.61
CA ALA E 292 13.71 -31.41 -3.12
C ALA E 292 14.57 -32.42 -3.88
N ASP E 293 14.70 -32.26 -5.20
CA ASP E 293 15.58 -33.14 -6.01
C ASP E 293 17.03 -32.99 -5.56
N TYR E 294 17.47 -31.75 -5.40
CA TYR E 294 18.82 -31.50 -4.84
C TYR E 294 19.03 -32.19 -3.47
N GLN E 295 18.10 -32.03 -2.55
CA GLN E 295 18.24 -32.58 -1.19
C GLN E 295 18.32 -34.14 -1.19
N ALA E 296 17.53 -34.77 -2.07
CA ALA E 296 17.55 -36.21 -2.23
C ALA E 296 18.87 -36.68 -2.85
N ALA E 297 19.34 -36.00 -3.91
CA ALA E 297 20.63 -36.33 -4.53
C ALA E 297 21.78 -36.21 -3.53
N VAL E 298 21.73 -35.17 -2.69
CA VAL E 298 22.75 -34.91 -1.67
C VAL E 298 22.78 -36.00 -0.57
N HIS E 299 21.60 -36.39 -0.10
CA HIS E 299 21.47 -37.49 0.86
C HIS E 299 22.03 -38.81 0.30
N ASN E 300 21.74 -39.06 -0.98
CA ASN E 300 22.28 -40.22 -1.71
C ASN E 300 23.81 -40.21 -1.90
N PHE E 301 24.38 -39.05 -2.21
CA PHE E 301 25.84 -38.86 -2.18
C PHE E 301 26.41 -39.24 -0.81
N GLY E 302 25.76 -38.75 0.24
CA GLY E 302 26.16 -39.05 1.62
C GLY E 302 26.03 -40.54 2.01
N ALA E 303 24.90 -41.15 1.64
CA ALA E 303 24.65 -42.56 1.87
C ALA E 303 25.70 -43.47 1.20
N SER E 304 26.17 -43.06 0.03
CA SER E 304 27.25 -43.74 -0.70
C SER E 304 28.55 -43.79 0.13
N ARG E 305 28.92 -42.66 0.73
CA ARG E 305 30.04 -42.59 1.67
C ARG E 305 29.63 -43.07 3.07
N SER F 2 66.26 -30.20 18.83
CA SER F 2 64.98 -29.62 18.28
C SER F 2 64.99 -29.56 16.76
N THR F 3 63.82 -29.55 16.18
CA THR F 3 63.68 -29.49 14.74
C THR F 3 63.51 -28.06 14.25
N ARG F 4 63.63 -27.89 12.94
CA ARG F 4 63.38 -26.60 12.30
C ARG F 4 61.98 -26.06 12.64
N ALA F 5 60.96 -26.91 12.56
CA ALA F 5 59.58 -26.50 12.92
C ALA F 5 59.46 -25.97 14.37
N GLU F 6 60.22 -26.57 15.27
CA GLU F 6 60.20 -26.18 16.69
C GLU F 6 60.90 -24.85 16.93
N VAL F 7 62.01 -24.63 16.22
CA VAL F 7 62.68 -23.33 16.23
C VAL F 7 61.75 -22.22 15.72
N CYS F 8 61.04 -22.52 14.65
CA CYS F 8 60.00 -21.63 14.08
C CYS F 8 58.84 -21.37 15.04
N ALA F 9 58.34 -22.42 15.66
CA ALA F 9 57.26 -22.28 16.66
C ALA F 9 57.64 -21.33 17.80
N VAL F 10 58.87 -21.45 18.31
CA VAL F 10 59.35 -20.56 19.37
C VAL F 10 59.54 -19.12 18.88
N ALA F 11 60.05 -18.97 17.65
CA ALA F 11 60.15 -17.66 17.01
C ALA F 11 58.77 -16.99 16.86
N CYS F 12 57.77 -17.77 16.47
CA CYS F 12 56.38 -17.28 16.45
C CYS F 12 55.91 -16.88 17.84
N ALA F 13 56.20 -17.70 18.86
CA ALA F 13 55.88 -17.36 20.25
C ALA F 13 56.45 -16.01 20.67
N GLU F 14 57.71 -15.76 20.27
CA GLU F 14 58.40 -14.51 20.64
C GLU F 14 57.81 -13.25 20.03
N LEU F 15 57.01 -13.40 18.98
CA LEU F 15 56.24 -12.28 18.43
C LEU F 15 55.36 -11.62 19.45
N PHE F 16 54.88 -12.40 20.42
CA PHE F 16 53.93 -11.95 21.43
C PHE F 16 54.52 -11.58 22.80
N ARG F 17 55.86 -11.60 22.92
CA ARG F 17 56.49 -11.12 24.15
C ARG F 17 56.11 -9.65 24.36
N ASP F 18 55.69 -9.29 25.57
CA ASP F 18 55.23 -7.90 25.85
C ASP F 18 53.98 -7.46 25.06
N ALA F 19 53.18 -8.42 24.64
CA ALA F 19 51.93 -8.10 23.96
C ALA F 19 50.96 -7.47 24.94
N GLY F 20 50.97 -7.98 26.17
CA GLY F 20 50.02 -7.53 27.18
C GLY F 20 48.66 -8.17 26.94
N GLU F 21 47.61 -7.52 27.42
CA GLU F 21 46.29 -8.09 27.42
C GLU F 21 45.49 -7.70 26.17
N ILE F 22 45.93 -8.26 25.04
CA ILE F 22 45.33 -7.97 23.70
C ILE F 22 44.96 -9.30 23.04
N MET F 23 44.12 -9.23 22.01
CA MET F 23 43.76 -10.40 21.25
C MET F 23 44.87 -10.80 20.26
N ILE F 24 45.36 -12.03 20.37
CA ILE F 24 46.26 -12.59 19.38
C ILE F 24 45.43 -13.44 18.40
N SER F 25 45.62 -13.19 17.11
CA SER F 25 44.88 -13.85 16.04
C SER F 25 45.86 -14.55 15.10
N PRO F 26 46.26 -15.78 15.45
CA PRO F 26 47.20 -16.55 14.62
C PRO F 26 46.41 -17.20 13.50
N MET F 27 46.73 -16.86 12.27
CA MET F 27 45.96 -17.39 11.14
C MET F 27 46.58 -18.63 10.48
N THR F 28 47.73 -19.07 10.99
CA THR F 28 48.34 -20.30 10.54
C THR F 28 48.59 -21.21 11.72
N ASN F 29 48.65 -22.51 11.45
CA ASN F 29 48.98 -23.47 12.46
C ASN F 29 50.31 -23.16 13.17
N MET F 30 51.33 -22.76 12.42
CA MET F 30 52.62 -22.45 13.03
C MET F 30 52.50 -21.29 14.00
N ALA F 31 51.81 -20.23 13.60
CA ALA F 31 51.58 -19.09 14.49
C ALA F 31 50.73 -19.50 15.68
N SER F 32 49.76 -20.37 15.45
CA SER F 32 48.88 -20.83 16.53
C SER F 32 49.63 -21.69 17.59
N VAL F 33 50.61 -22.50 17.17
CA VAL F 33 51.47 -23.19 18.14
C VAL F 33 52.27 -22.17 18.96
N GLY F 34 52.84 -21.18 18.25
CA GLY F 34 53.58 -20.10 18.88
C GLY F 34 52.74 -19.34 19.89
N ALA F 35 51.54 -18.94 19.48
CA ALA F 35 50.62 -18.17 20.37
C ALA F 35 50.26 -18.94 21.63
N ARG F 36 49.95 -20.23 21.49
CA ARG F 36 49.62 -21.04 22.65
C ARG F 36 50.82 -21.23 23.58
N LEU F 37 52.01 -21.39 23.01
CA LEU F 37 53.25 -21.43 23.79
C LEU F 37 53.47 -20.15 24.57
N ALA F 38 53.26 -19.01 23.93
CA ALA F 38 53.37 -17.70 24.59
C ALA F 38 52.40 -17.61 25.76
N ARG F 39 51.14 -18.01 25.55
CA ARG F 39 50.13 -17.90 26.59
C ARG F 39 50.42 -18.74 27.82
N LEU F 40 50.89 -19.96 27.59
CA LEU F 40 51.34 -20.85 28.66
C LEU F 40 52.64 -20.45 29.34
N THR F 41 53.41 -19.52 28.78
CA THR F 41 54.71 -19.12 29.37
C THR F 41 54.81 -17.59 29.61
N PHE F 42 55.52 -16.89 28.73
CA PHE F 42 55.91 -15.50 29.00
C PHE F 42 54.87 -14.44 28.60
N ALA F 43 53.80 -14.81 27.89
CA ALA F 43 52.69 -13.83 27.68
C ALA F 43 51.34 -14.38 28.18
N PRO F 44 51.19 -14.58 29.49
CA PRO F 44 49.96 -15.22 30.03
C PRO F 44 48.66 -14.42 29.89
N ASP F 45 48.75 -13.13 29.55
CA ASP F 45 47.59 -12.26 29.51
C ASP F 45 46.90 -12.14 28.13
N ILE F 46 47.46 -12.74 27.10
CA ILE F 46 46.84 -12.65 25.76
C ILE F 46 45.49 -13.35 25.71
N LEU F 47 44.67 -12.91 24.78
CA LEU F 47 43.36 -13.49 24.53
C LEU F 47 43.55 -14.30 23.26
N LEU F 48 42.82 -15.41 23.20
CA LEU F 48 42.81 -16.30 22.07
C LEU F 48 41.40 -16.82 21.84
N THR F 49 40.98 -16.87 20.58
CA THR F 49 39.71 -17.50 20.27
C THR F 49 39.87 -18.99 20.08
N ASP F 50 38.73 -19.69 20.00
CA ASP F 50 38.67 -21.13 19.67
C ASP F 50 38.77 -21.43 18.18
N GLY F 51 39.20 -20.45 17.39
CA GLY F 51 39.21 -20.58 15.94
C GLY F 51 37.88 -20.21 15.31
N GLU F 52 36.87 -19.90 16.11
CA GLU F 52 35.60 -19.49 15.56
C GLU F 52 35.16 -18.19 16.22
N ALA F 53 34.26 -18.26 17.22
CA ALA F 53 33.62 -17.09 17.80
C ALA F 53 33.57 -17.04 19.34
N GLN F 54 34.40 -17.85 20.01
CA GLN F 54 34.49 -17.82 21.46
C GLN F 54 35.91 -17.62 21.92
N LEU F 55 36.06 -16.90 23.02
CA LEU F 55 37.33 -16.71 23.70
C LEU F 55 37.62 -17.89 24.62
N LEU F 56 38.82 -18.48 24.47
CA LEU F 56 39.24 -19.60 25.30
C LEU F 56 39.70 -19.15 26.65
N ALA F 57 39.26 -19.88 27.69
CA ALA F 57 39.62 -19.61 29.08
C ALA F 57 40.98 -20.27 29.41
N ASP F 58 41.19 -21.49 28.93
CA ASP F 58 42.44 -22.24 29.09
C ASP F 58 43.17 -22.23 27.74
N THR F 59 44.25 -23.04 27.63
CA THR F 59 45.04 -23.12 26.43
C THR F 59 45.19 -24.59 25.99
N PRO F 60 44.19 -25.13 25.28
CA PRO F 60 44.25 -26.53 24.87
C PRO F 60 45.15 -26.83 23.66
N ALA F 61 45.33 -28.12 23.42
CA ALA F 61 46.07 -28.64 22.28
C ALA F 61 45.44 -28.20 20.98
N LEU F 62 46.29 -27.88 20.00
CA LEU F 62 45.87 -27.48 18.68
C LEU F 62 45.17 -28.66 18.01
N GLY F 63 44.08 -28.35 17.32
CA GLY F 63 43.41 -29.28 16.43
C GLY F 63 42.58 -30.33 17.13
N LYS F 64 42.38 -30.19 18.45
CA LYS F 64 41.96 -31.37 19.23
C LYS F 64 40.51 -31.72 19.03
N THR F 65 40.17 -32.89 19.50
CA THR F 65 38.81 -33.42 19.57
C THR F 65 38.53 -33.69 21.05
N GLY F 66 37.50 -34.46 21.39
CA GLY F 66 37.29 -34.93 22.77
C GLY F 66 36.57 -33.95 23.69
N ALA F 67 37.28 -33.47 24.71
CA ALA F 67 36.67 -32.66 25.77
C ALA F 67 36.34 -31.25 25.23
N PRO F 68 35.16 -30.69 25.57
CA PRO F 68 34.89 -29.30 25.13
C PRO F 68 35.81 -28.27 25.80
N ASN F 69 36.04 -27.15 25.12
CA ASN F 69 36.93 -26.11 25.67
C ASN F 69 36.16 -25.23 26.65
N ARG F 70 36.82 -24.78 27.70
CA ARG F 70 36.24 -23.78 28.56
C ARG F 70 36.39 -22.41 27.89
N ILE F 71 35.39 -21.57 28.02
CA ILE F 71 35.35 -20.25 27.37
C ILE F 71 35.32 -19.16 28.44
N GLU F 72 35.75 -17.98 28.07
CA GLU F 72 35.71 -16.81 28.94
C GLU F 72 35.01 -15.60 28.30
N GLY F 73 34.53 -15.75 27.08
CA GLY F 73 33.92 -14.64 26.36
C GLY F 73 33.44 -15.02 24.98
N TRP F 74 32.87 -14.02 24.35
CA TRP F 74 32.23 -14.10 23.05
C TRP F 74 32.93 -13.15 22.09
N MET F 75 33.27 -13.66 20.91
CA MET F 75 34.02 -12.89 19.94
C MET F 75 33.53 -13.24 18.53
N PRO F 76 32.28 -12.86 18.21
CA PRO F 76 31.77 -13.05 16.85
C PRO F 76 32.48 -12.09 15.89
N PHE F 77 32.32 -12.28 14.58
CA PHE F 77 33.10 -11.53 13.60
C PHE F 77 32.89 -10.03 13.68
N GLY F 78 31.66 -9.60 14.01
CA GLY F 78 31.37 -8.19 14.25
C GLY F 78 32.26 -7.60 15.34
N ARG F 79 32.45 -8.37 16.41
CA ARG F 79 33.29 -7.93 17.52
C ARG F 79 34.76 -8.00 17.21
N VAL F 80 35.18 -8.89 16.31
CA VAL F 80 36.55 -8.83 15.80
C VAL F 80 36.79 -7.51 15.07
N PHE F 81 35.90 -7.11 14.18
CA PHE F 81 36.03 -5.80 13.49
C PHE F 81 36.12 -4.63 14.47
N GLU F 82 35.30 -4.66 15.51
CA GLU F 82 35.31 -3.64 16.54
C GLU F 82 36.61 -3.61 17.30
N THR F 83 37.11 -4.81 17.63
CA THR F 83 38.33 -4.98 18.36
C THR F 83 39.54 -4.46 17.54
N LEU F 84 39.57 -4.78 16.25
CA LEU F 84 40.73 -4.43 15.43
C LEU F 84 40.82 -2.93 15.17
N ALA F 85 39.67 -2.28 14.92
CA ALA F 85 39.63 -0.83 14.75
C ALA F 85 40.00 -0.07 16.05
N TRP F 86 39.65 -0.65 17.19
CA TRP F 86 40.03 -0.18 18.50
C TRP F 86 41.54 -0.38 18.80
N GLY F 87 42.19 -1.33 18.11
CA GLY F 87 43.65 -1.48 18.09
C GLY F 87 44.26 -2.58 18.95
N ARG F 88 43.44 -3.25 19.79
CA ARG F 88 43.98 -4.15 20.80
C ARG F 88 44.13 -5.56 20.29
N ARG F 89 44.98 -5.72 19.29
CA ARG F 89 45.18 -7.00 18.66
C ARG F 89 46.50 -7.12 17.93
N HIS F 90 46.98 -8.36 17.79
CA HIS F 90 48.17 -8.67 16.96
C HIS F 90 47.79 -9.88 16.11
N VAL F 91 47.83 -9.70 14.78
CA VAL F 91 47.44 -10.75 13.85
C VAL F 91 48.73 -11.27 13.20
N VAL F 92 48.77 -12.59 13.03
CA VAL F 92 49.80 -13.24 12.26
C VAL F 92 49.10 -13.90 11.08
N MET F 93 49.39 -13.43 9.87
CA MET F 93 48.80 -13.93 8.63
C MET F 93 49.80 -14.70 7.80
N GLY F 94 49.30 -15.53 6.90
CA GLY F 94 50.12 -16.06 5.82
C GLY F 94 50.43 -14.98 4.79
N ALA F 95 51.14 -15.37 3.74
CA ALA F 95 51.42 -14.46 2.64
C ALA F 95 51.82 -15.21 1.39
N ASN F 96 51.13 -14.96 0.28
CA ASN F 96 51.54 -15.54 -1.01
C ASN F 96 52.74 -14.76 -1.55
N GLN F 97 52.78 -13.45 -1.28
CA GLN F 97 53.94 -12.62 -1.51
C GLN F 97 54.12 -11.67 -0.33
N VAL F 98 55.38 -11.38 -0.02
CA VAL F 98 55.77 -10.27 0.84
C VAL F 98 56.92 -9.52 0.14
N ASP F 99 56.90 -8.20 0.15
CA ASP F 99 57.98 -7.43 -0.47
C ASP F 99 58.87 -6.74 0.56
N ARG F 100 59.90 -6.05 0.06
CA ARG F 100 60.93 -5.54 0.95
C ARG F 100 60.50 -4.48 1.96
N TYR F 101 59.40 -3.78 1.69
CA TYR F 101 58.84 -2.82 2.63
C TYR F 101 57.70 -3.41 3.48
N GLY F 102 57.50 -4.72 3.39
CA GLY F 102 56.49 -5.38 4.18
C GLY F 102 55.07 -5.40 3.60
N ASN F 103 54.90 -5.07 2.32
CA ASN F 103 53.60 -5.25 1.67
C ASN F 103 53.32 -6.72 1.51
N GLN F 104 52.06 -7.12 1.74
CA GLN F 104 51.65 -8.51 1.68
C GLN F 104 50.51 -8.65 0.66
N ASN F 105 50.53 -9.79 -0.03
CA ASN F 105 49.54 -10.20 -1.02
C ASN F 105 49.01 -11.60 -0.67
N ILE F 106 47.71 -11.64 -0.36
CA ILE F 106 46.94 -12.86 -0.32
C ILE F 106 45.74 -12.83 -1.25
N SER F 107 45.71 -11.86 -2.16
CA SER F 107 44.58 -11.58 -2.99
C SER F 107 44.56 -12.36 -4.30
N ALA F 108 45.56 -12.08 -5.13
CA ALA F 108 45.68 -12.70 -6.44
C ALA F 108 47.04 -12.38 -7.05
N PHE F 109 47.39 -13.13 -8.08
CA PHE F 109 48.56 -12.86 -8.93
C PHE F 109 48.05 -12.25 -10.23
N GLY F 110 48.76 -11.26 -10.75
CA GLY F 110 48.49 -10.67 -12.06
C GLY F 110 47.65 -9.43 -11.96
N PRO F 111 47.12 -8.98 -13.10
CA PRO F 111 46.34 -7.77 -13.18
C PRO F 111 45.03 -7.87 -12.35
N LEU F 112 44.65 -6.74 -11.77
CA LEU F 112 43.53 -6.63 -10.84
C LEU F 112 42.19 -7.13 -11.36
N GLN F 113 41.83 -6.72 -12.57
CA GLN F 113 40.54 -7.16 -13.18
C GLN F 113 40.65 -8.46 -13.96
N ARG F 114 41.87 -8.99 -14.13
CA ARG F 114 42.03 -10.27 -14.78
C ARG F 114 43.27 -10.98 -14.29
N PRO F 115 43.19 -11.58 -13.09
CA PRO F 115 44.35 -12.16 -12.52
C PRO F 115 44.72 -13.46 -13.22
N THR F 116 45.98 -13.85 -13.07
CA THR F 116 46.45 -15.15 -13.59
C THR F 116 46.26 -16.27 -12.59
N ARG F 117 46.10 -15.92 -11.32
CA ARG F 117 45.70 -16.86 -10.32
C ARG F 117 44.94 -16.13 -9.21
N GLN F 118 43.80 -16.70 -8.81
CA GLN F 118 42.94 -16.13 -7.80
C GLN F 118 43.12 -16.81 -6.46
N MET F 119 43.31 -16.02 -5.41
CA MET F 119 43.31 -16.51 -4.05
C MET F 119 42.09 -15.97 -3.31
N PHE F 120 42.22 -15.38 -2.12
CA PHE F 120 41.07 -15.10 -1.25
C PHE F 120 40.46 -13.73 -1.53
N GLY F 121 41.23 -12.86 -2.21
CA GLY F 121 41.03 -11.43 -2.13
C GLY F 121 41.78 -10.88 -0.92
N VAL F 122 41.65 -9.57 -0.71
CA VAL F 122 42.43 -8.89 0.34
C VAL F 122 42.05 -9.28 1.77
N ARG F 123 40.87 -9.83 1.96
CA ARG F 123 40.32 -10.18 3.28
C ARG F 123 40.37 -8.99 4.23
N GLY F 124 40.89 -9.19 5.44
CA GLY F 124 41.06 -8.15 6.43
C GLY F 124 42.41 -7.49 6.43
N SER F 125 43.27 -7.84 5.47
CA SER F 125 44.65 -7.37 5.47
C SER F 125 44.75 -5.85 5.52
N PRO F 126 43.95 -5.14 4.69
CA PRO F 126 44.07 -3.67 4.75
C PRO F 126 43.75 -3.09 6.11
N GLY F 127 42.66 -3.57 6.71
CA GLY F 127 42.23 -3.12 8.05
C GLY F 127 43.24 -3.51 9.12
N ASN F 128 43.77 -4.72 9.05
CA ASN F 128 44.73 -5.17 10.02
C ASN F 128 45.99 -4.28 10.01
N THR F 129 46.55 -4.08 8.82
CA THR F 129 47.85 -3.41 8.72
C THR F 129 47.79 -1.89 8.99
N ILE F 130 46.63 -1.28 8.79
CA ILE F 130 46.45 0.17 9.11
C ILE F 130 46.12 0.38 10.61
N ASN F 131 45.79 -0.69 11.34
CA ASN F 131 45.26 -0.55 12.68
C ASN F 131 46.12 -1.05 13.83
N HIS F 132 46.92 -2.08 13.62
CA HIS F 132 47.59 -2.71 14.76
C HIS F 132 48.67 -3.65 14.33
N ALA F 133 49.40 -4.17 15.30
CA ALA F 133 50.51 -5.08 15.07
C ALA F 133 50.09 -6.20 14.10
N THR F 134 50.88 -6.37 13.05
CA THR F 134 50.69 -7.42 12.07
C THR F 134 52.05 -8.05 11.83
N SER F 135 52.08 -9.39 11.88
CA SER F 135 53.24 -10.20 11.51
C SER F 135 52.86 -11.28 10.52
N TYR F 136 53.85 -11.86 9.88
CA TYR F 136 53.67 -12.85 8.80
C TYR F 136 54.48 -14.14 9.03
N TRP F 137 53.84 -15.27 8.72
CA TRP F 137 54.47 -16.59 8.71
C TRP F 137 54.54 -17.05 7.28
N VAL F 138 55.74 -17.42 6.83
CA VAL F 138 55.97 -17.95 5.49
C VAL F 138 56.71 -19.29 5.65
N GLY F 139 56.08 -20.39 5.21
CA GLY F 139 56.63 -21.71 5.40
C GLY F 139 57.59 -22.18 4.31
N ASN F 140 57.61 -21.49 3.17
CA ASN F 140 58.53 -21.81 2.07
C ASN F 140 59.14 -20.52 1.53
N HIS F 141 60.18 -20.10 2.21
CA HIS F 141 60.91 -18.90 1.88
C HIS F 141 61.55 -19.10 0.49
N CYS F 142 61.05 -18.41 -0.52
CA CYS F 142 61.59 -18.47 -1.86
C CYS F 142 61.36 -17.17 -2.61
N LYS F 143 62.02 -17.06 -3.76
CA LYS F 143 61.96 -15.85 -4.56
C LYS F 143 60.57 -15.47 -5.02
N ARG F 144 59.73 -16.46 -5.29
CA ARG F 144 58.37 -16.21 -5.71
C ARG F 144 57.49 -15.65 -4.57
N VAL F 145 57.91 -15.82 -3.31
CA VAL F 145 57.19 -15.25 -2.18
C VAL F 145 57.80 -13.91 -1.81
N PHE F 146 59.11 -13.90 -1.57
CA PHE F 146 59.83 -12.66 -1.25
C PHE F 146 60.26 -11.95 -2.53
N VAL F 147 59.38 -11.05 -2.97
CA VAL F 147 59.51 -10.36 -4.27
C VAL F 147 59.90 -8.90 -4.07
N GLU F 148 60.37 -8.30 -5.16
CA GLU F 148 60.60 -6.84 -5.19
C GLU F 148 59.38 -6.02 -4.81
N ALA F 149 58.26 -6.30 -5.48
CA ALA F 149 57.00 -5.59 -5.23
C ALA F 149 55.80 -6.52 -5.46
N VAL F 150 54.84 -6.48 -4.54
CA VAL F 150 53.70 -7.42 -4.65
C VAL F 150 52.79 -7.04 -5.81
N ASP F 151 52.12 -8.03 -6.38
CA ASP F 151 51.13 -7.84 -7.43
C ASP F 151 49.93 -7.06 -6.97
N VAL F 152 49.45 -7.37 -5.76
CA VAL F 152 48.27 -6.73 -5.18
C VAL F 152 48.63 -6.42 -3.72
N VAL F 153 48.46 -5.16 -3.34
CA VAL F 153 48.73 -4.75 -1.96
C VAL F 153 47.49 -5.04 -1.12
N SER F 154 47.53 -6.16 -0.40
CA SER F 154 46.46 -6.56 0.54
C SER F 154 46.84 -6.01 1.91
N GLY F 155 48.01 -6.39 2.41
CA GLY F 155 48.56 -5.77 3.65
C GLY F 155 49.54 -4.66 3.25
N ILE F 156 49.38 -3.47 3.82
CA ILE F 156 50.20 -2.33 3.41
C ILE F 156 51.56 -2.37 4.09
N GLY F 157 52.54 -1.88 3.35
CA GLY F 157 53.91 -1.77 3.82
C GLY F 157 54.32 -0.35 4.09
N TYR F 158 55.56 -0.20 4.59
CA TYR F 158 56.00 1.11 5.12
C TYR F 158 56.09 2.18 4.02
N ASP F 159 56.34 1.78 2.79
CA ASP F 159 56.35 2.75 1.67
C ASP F 159 54.99 3.37 1.33
N LYS F 160 53.90 2.84 1.86
CA LYS F 160 52.56 3.37 1.63
C LYS F 160 52.12 4.39 2.66
N VAL F 161 52.91 4.54 3.73
CA VAL F 161 52.59 5.48 4.82
C VAL F 161 52.78 6.91 4.26
N ASP F 162 51.75 7.72 4.34
CA ASP F 162 51.83 9.13 4.02
C ASP F 162 52.15 9.84 5.33
N PRO F 163 53.37 10.41 5.47
CA PRO F 163 53.71 11.03 6.75
C PRO F 163 52.86 12.30 7.05
N ASP F 164 52.22 12.88 6.04
CA ASP F 164 51.32 14.02 6.28
C ASP F 164 49.87 13.66 6.64
N ASN F 165 49.55 12.37 6.75
CA ASN F 165 48.20 11.95 7.07
C ASN F 165 48.25 11.13 8.36
N PRO F 166 47.81 11.74 9.49
CA PRO F 166 47.82 11.00 10.76
C PRO F 166 46.94 9.76 10.80
N ALA F 167 46.15 9.49 9.76
CA ALA F 167 45.41 8.22 9.66
C ALA F 167 46.32 7.00 9.56
N PHE F 168 47.58 7.15 9.13
CA PHE F 168 48.54 6.08 9.12
C PHE F 168 49.30 5.86 10.43
N ARG F 169 49.00 6.64 11.46
CA ARG F 169 49.80 6.61 12.69
C ARG F 169 49.79 5.29 13.52
N PHE F 170 48.87 4.37 13.22
CA PHE F 170 48.85 3.10 13.93
C PHE F 170 49.52 1.96 13.21
N VAL F 171 50.15 2.22 12.05
CA VAL F 171 50.77 1.14 11.29
C VAL F 171 51.85 0.50 12.13
N ASN F 172 51.90 -0.82 12.15
CA ASN F 172 52.91 -1.55 12.97
C ASN F 172 53.11 -2.96 12.41
N VAL F 173 53.70 -3.00 11.22
CA VAL F 173 54.04 -4.24 10.56
C VAL F 173 55.34 -4.67 11.19
N TYR F 174 55.28 -5.77 11.94
CA TYR F 174 56.33 -6.07 12.93
C TYR F 174 57.39 -6.99 12.33
N ARG F 175 57.11 -8.28 12.27
CA ARG F 175 58.10 -9.25 11.78
C ARG F 175 57.58 -10.26 10.78
N VAL F 176 58.52 -10.86 10.06
CA VAL F 176 58.29 -12.00 9.22
C VAL F 176 59.14 -13.13 9.77
N VAL F 177 58.50 -14.25 10.10
CA VAL F 177 59.14 -15.51 10.50
C VAL F 177 58.95 -16.49 9.36
N SER F 178 60.05 -17.04 8.86
CA SER F 178 60.01 -18.01 7.78
C SER F 178 60.70 -19.29 8.24
N ASN F 179 60.65 -20.30 7.38
CA ASN F 179 61.44 -21.54 7.61
C ASN F 179 62.97 -21.33 7.61
N LEU F 180 63.45 -20.14 7.23
CA LEU F 180 64.89 -19.79 7.25
C LEU F 180 65.36 -18.83 8.33
N GLY F 181 64.51 -17.88 8.70
CA GLY F 181 64.93 -16.84 9.66
C GLY F 181 63.82 -16.02 10.25
N VAL F 182 64.20 -15.07 11.11
CA VAL F 182 63.34 -13.99 11.60
C VAL F 182 63.79 -12.66 10.96
N PHE F 183 62.83 -11.90 10.44
CA PHE F 183 63.08 -10.64 9.74
C PHE F 183 62.17 -9.56 10.27
N ASP F 184 62.65 -8.31 10.21
CA ASP F 184 61.84 -7.13 10.56
C ASP F 184 62.01 -6.04 9.52
N PHE F 185 61.49 -4.84 9.78
CA PHE F 185 61.54 -3.73 8.83
C PHE F 185 62.26 -2.53 9.41
N GLY F 186 63.39 -2.81 10.07
CA GLY F 186 64.25 -1.80 10.66
C GLY F 186 65.42 -1.39 9.76
N GLY F 187 65.51 -1.89 8.53
CA GLY F 187 66.51 -1.41 7.56
C GLY F 187 66.24 0.04 7.14
N PRO F 188 67.10 0.61 6.26
CA PRO F 188 66.85 1.96 5.73
C PRO F 188 65.50 2.05 4.98
N ASP F 189 64.77 3.15 5.20
CA ASP F 189 63.43 3.35 4.63
C ASP F 189 62.45 2.20 5.00
N HIS F 190 62.68 1.61 6.18
CA HIS F 190 61.95 0.44 6.69
C HIS F 190 61.99 -0.72 5.72
N SER F 191 63.16 -0.96 5.13
CA SER F 191 63.38 -2.10 4.28
C SER F 191 63.69 -3.33 5.15
N MET F 192 63.43 -4.49 4.59
CA MET F 192 63.52 -5.75 5.34
C MET F 192 64.93 -5.98 5.84
N ARG F 193 65.01 -6.31 7.13
CA ARG F 193 66.24 -6.56 7.84
C ARG F 193 66.20 -7.93 8.52
N ALA F 194 67.37 -8.59 8.54
CA ALA F 194 67.52 -9.88 9.21
C ALA F 194 67.63 -9.66 10.67
N VAL F 195 66.74 -10.30 11.45
CA VAL F 195 66.85 -10.36 12.90
C VAL F 195 67.74 -11.56 13.29
N SER F 196 67.44 -12.73 12.74
CA SER F 196 68.20 -13.93 13.04
C SER F 196 68.00 -14.96 11.96
N LEU F 197 68.94 -15.91 11.88
CA LEU F 197 68.87 -17.00 10.92
C LEU F 197 68.75 -18.29 11.68
N HIS F 198 67.87 -19.20 11.26
CA HIS F 198 67.68 -20.44 12.04
C HIS F 198 68.94 -21.31 11.98
N PRO F 199 69.23 -22.10 13.06
CA PRO F 199 70.35 -23.06 13.01
C PRO F 199 70.34 -23.91 11.74
N GLY F 200 71.48 -23.99 11.07
CA GLY F 200 71.57 -24.67 9.76
C GLY F 200 71.44 -23.78 8.53
N VAL F 201 71.04 -22.52 8.71
CA VAL F 201 70.78 -21.59 7.60
C VAL F 201 71.94 -20.63 7.51
N THR F 202 72.50 -20.49 6.31
CA THR F 202 73.57 -19.52 6.04
C THR F 202 72.99 -18.26 5.41
N PRO F 203 73.72 -17.13 5.45
CA PRO F 203 73.29 -15.95 4.71
C PRO F 203 73.05 -16.24 3.23
N GLY F 204 73.88 -17.09 2.64
CA GLY F 204 73.74 -17.53 1.24
C GLY F 204 72.44 -18.23 0.91
N ASP F 205 71.94 -19.05 1.83
CA ASP F 205 70.61 -19.68 1.68
C ASP F 205 69.51 -18.61 1.57
N VAL F 206 69.54 -17.62 2.46
CA VAL F 206 68.55 -16.52 2.42
C VAL F 206 68.69 -15.69 1.14
N ARG F 207 69.93 -15.36 0.79
CA ARG F 207 70.21 -14.57 -0.40
C ARG F 207 69.67 -15.22 -1.68
N ASP F 208 69.87 -16.53 -1.81
CA ASP F 208 69.36 -17.31 -2.95
C ASP F 208 67.85 -17.52 -2.98
N ALA F 209 67.20 -17.34 -1.83
CA ALA F 209 65.75 -17.48 -1.67
C ALA F 209 64.97 -16.15 -1.59
N THR F 210 65.62 -15.01 -1.79
CA THR F 210 64.97 -13.69 -1.65
C THR F 210 65.28 -12.82 -2.89
N SER F 211 64.26 -12.17 -3.46
CA SER F 211 64.42 -11.42 -4.73
C SER F 211 65.08 -10.05 -4.59
N PHE F 212 65.38 -9.65 -3.35
CA PHE F 212 66.00 -8.37 -3.03
C PHE F 212 67.02 -8.65 -1.94
N GLU F 213 67.86 -7.67 -1.65
CA GLU F 213 68.89 -7.83 -0.61
C GLU F 213 68.32 -7.52 0.75
N VAL F 214 68.57 -8.41 1.69
CA VAL F 214 68.10 -8.25 3.06
C VAL F 214 69.20 -7.55 3.83
N HIS F 215 68.86 -6.46 4.51
CA HIS F 215 69.80 -5.67 5.34
C HIS F 215 70.37 -6.47 6.55
N ASP F 216 71.65 -6.27 6.83
CA ASP F 216 72.38 -6.85 7.99
C ASP F 216 72.40 -8.40 7.97
N LEU F 217 72.33 -8.99 6.78
CA LEU F 217 72.14 -10.43 6.62
C LEU F 217 73.35 -11.25 7.09
N ASP F 218 74.54 -10.78 6.74
CA ASP F 218 75.81 -11.42 7.16
C ASP F 218 76.08 -11.29 8.66
N ALA F 219 75.57 -10.22 9.28
CA ALA F 219 75.72 -10.00 10.74
C ALA F 219 74.65 -10.66 11.61
N ALA F 220 73.73 -11.42 11.01
CA ALA F 220 72.59 -11.95 11.72
C ALA F 220 73.00 -13.13 12.57
N GLU F 221 72.79 -13.03 13.87
CA GLU F 221 72.99 -14.12 14.81
C GLU F 221 72.04 -15.31 14.52
N GLN F 222 72.31 -16.40 15.22
CA GLN F 222 71.48 -17.59 15.15
C GLN F 222 70.22 -17.39 15.98
N THR F 223 69.08 -17.84 15.44
CA THR F 223 67.81 -17.87 16.20
C THR F 223 68.00 -18.74 17.41
N ARG F 224 67.47 -18.34 18.56
CA ARG F 224 67.69 -19.11 19.80
C ARG F 224 67.00 -20.46 19.71
N LEU F 225 67.59 -21.45 20.36
CA LEU F 225 67.01 -22.78 20.42
C LEU F 225 65.81 -22.76 21.39
N PRO F 226 64.77 -23.58 21.12
CA PRO F 226 63.76 -23.86 22.13
C PRO F 226 64.40 -24.43 23.41
N THR F 227 63.90 -24.04 24.58
CA THR F 227 64.37 -24.63 25.83
C THR F 227 63.72 -26.01 26.02
N ASP F 228 64.23 -26.76 26.98
CA ASP F 228 63.60 -28.04 27.34
C ASP F 228 62.13 -27.87 27.76
N ASP F 229 61.82 -26.86 28.53
CA ASP F 229 60.42 -26.62 28.93
C ASP F 229 59.52 -26.29 27.70
N GLU F 230 60.07 -25.50 26.77
CA GLU F 230 59.36 -25.15 25.55
C GLU F 230 59.11 -26.38 24.68
N LEU F 231 60.12 -27.23 24.54
CA LEU F 231 60.00 -28.49 23.79
C LEU F 231 58.97 -29.40 24.44
N HIS F 232 59.02 -29.53 25.76
CA HIS F 232 57.96 -30.29 26.45
C HIS F 232 56.55 -29.75 26.17
N LEU F 233 56.35 -28.43 26.23
CA LEU F 233 55.01 -27.87 25.97
C LEU F 233 54.59 -28.08 24.51
N ILE F 234 55.50 -27.86 23.57
CA ILE F 234 55.22 -28.06 22.16
C ILE F 234 54.86 -29.54 21.83
N ARG F 235 55.75 -30.46 22.24
CA ARG F 235 55.59 -31.86 21.89
C ARG F 235 54.42 -32.55 22.61
N ALA F 236 54.22 -32.25 23.88
CA ALA F 236 53.24 -33.01 24.72
C ALA F 236 51.92 -32.30 24.99
N VAL F 237 51.92 -30.96 25.03
CA VAL F 237 50.75 -30.20 25.46
C VAL F 237 50.07 -29.48 24.31
N ILE F 238 50.83 -28.77 23.48
CA ILE F 238 50.23 -27.84 22.51
C ILE F 238 50.01 -28.50 21.14
N ASP F 239 51.02 -29.23 20.66
CA ASP F 239 51.00 -29.78 19.32
C ASP F 239 51.41 -31.26 19.28
N PRO F 240 50.66 -32.12 20.02
CA PRO F 240 50.97 -33.53 20.11
C PRO F 240 50.84 -34.29 18.78
N LYS F 241 50.02 -33.78 17.86
CA LYS F 241 49.87 -34.35 16.54
C LYS F 241 50.85 -33.78 15.53
N SER F 242 51.73 -32.86 15.94
CA SER F 242 52.81 -32.36 15.11
C SER F 242 52.32 -31.69 13.82
N LEU F 243 51.22 -30.95 13.93
CA LEU F 243 50.72 -30.13 12.84
C LEU F 243 51.77 -29.12 12.34
N ARG F 244 52.67 -28.69 13.24
CA ARG F 244 53.79 -27.81 12.90
C ARG F 244 54.67 -28.33 11.75
N ASP F 245 54.82 -29.65 11.66
CA ASP F 245 55.67 -30.26 10.62
C ASP F 245 55.13 -30.11 9.20
N ARG F 246 53.81 -30.08 9.05
CA ARG F 246 53.17 -29.81 7.75
C ARG F 246 53.26 -28.33 7.30
N GLU F 247 53.63 -27.42 8.21
CA GLU F 247 53.80 -26.01 7.88
C GLU F 247 55.01 -25.68 7.00
N ILE F 248 56.04 -26.54 7.04
CA ILE F 248 57.19 -26.31 6.16
C ILE F 248 57.46 -27.49 5.26
N ARG F 249 57.90 -27.14 4.06
CA ARG F 249 58.20 -28.17 3.03
C ARG F 249 59.73 -28.19 2.85
N SER F 250 60.22 -28.80 1.78
CA SER F 250 61.66 -28.79 1.44
C SER F 250 62.59 -29.21 2.60
N MET G 14 46.32 -15.41 34.70
CA MET G 14 45.87 -14.04 34.31
C MET G 14 45.87 -13.09 35.51
N PRO G 15 45.85 -11.76 35.27
CA PRO G 15 45.92 -10.83 36.40
C PRO G 15 44.63 -10.78 37.21
N ASP G 16 44.77 -10.72 38.54
CA ASP G 16 43.68 -10.39 39.45
C ASP G 16 43.52 -8.86 39.53
N LYS G 17 42.43 -8.36 39.02
CA LYS G 17 42.20 -6.92 38.93
C LYS G 17 41.21 -6.39 39.94
N ARG G 18 40.91 -7.17 40.97
CA ARG G 18 40.01 -6.74 42.03
C ARG G 18 40.62 -5.61 42.84
N THR G 19 39.84 -4.52 42.99
CA THR G 19 40.25 -3.40 43.79
C THR G 19 39.03 -2.93 44.56
N ALA G 20 39.26 -1.95 45.41
CA ALA G 20 38.19 -1.34 46.22
C ALA G 20 37.83 -0.02 45.53
N LEU G 21 36.63 0.45 45.82
CA LEU G 21 36.06 1.70 45.25
C LEU G 21 36.98 2.93 45.33
N ASP G 22 37.48 3.22 46.51
CA ASP G 22 38.37 4.39 46.72
C ASP G 22 39.72 4.26 46.00
N ASP G 23 40.25 3.04 45.94
CA ASP G 23 41.51 2.76 45.23
C ASP G 23 41.34 3.07 43.72
N ALA G 24 40.22 2.67 43.14
CA ALA G 24 39.93 3.02 41.74
C ALA G 24 39.80 4.53 41.52
N VAL G 25 39.02 5.18 42.37
CA VAL G 25 38.78 6.62 42.24
C VAL G 25 40.04 7.43 42.49
N ALA G 26 40.96 6.92 43.29
CA ALA G 26 42.24 7.62 43.53
C ALA G 26 43.12 7.67 42.27
N GLN G 27 42.78 6.89 41.23
CA GLN G 27 43.43 7.07 39.90
C GLN G 27 42.91 8.27 39.11
N LEU G 28 41.80 8.85 39.53
CA LEU G 28 41.31 10.07 38.88
C LEU G 28 42.13 11.28 39.25
N ARG G 29 42.16 12.26 38.36
CA ARG G 29 42.73 13.56 38.71
C ARG G 29 41.74 14.64 38.34
N SER G 30 41.76 15.72 39.12
CA SER G 30 40.96 16.89 38.81
C SER G 30 41.19 17.38 37.38
N GLY G 31 40.11 17.80 36.73
CA GLY G 31 40.17 18.20 35.32
C GLY G 31 39.92 17.07 34.29
N MET G 32 39.91 15.82 34.72
CA MET G 32 39.68 14.71 33.79
C MET G 32 38.29 14.70 33.15
N THR G 33 38.24 14.08 31.97
CA THR G 33 37.01 13.71 31.31
C THR G 33 36.64 12.31 31.66
N ILE G 34 35.47 12.15 32.31
CA ILE G 34 35.02 10.82 32.70
C ILE G 34 33.66 10.49 32.04
N GLY G 35 33.48 9.22 31.75
CA GLY G 35 32.23 8.69 31.23
C GLY G 35 31.55 7.92 32.32
N ILE G 36 30.26 8.18 32.52
CA ILE G 36 29.45 7.38 33.41
C ILE G 36 28.40 6.61 32.59
N ALA G 37 28.49 5.29 32.65
CA ALA G 37 27.66 4.38 31.84
C ALA G 37 26.24 4.15 32.42
N GLY G 38 25.56 3.07 32.03
CA GLY G 38 24.13 2.94 32.28
C GLY G 38 23.34 3.99 31.52
N TRP G 39 22.15 4.31 32.00
CA TRP G 39 21.23 5.19 31.31
C TRP G 39 20.22 5.72 32.29
N GLY G 40 20.12 7.03 32.43
CA GLY G 40 19.14 7.64 33.33
C GLY G 40 19.23 7.09 34.75
N SER G 41 18.10 6.58 35.25
CA SER G 41 18.09 5.89 36.52
C SER G 41 18.09 4.36 36.33
N ARG G 42 19.00 3.88 35.47
CA ARG G 42 19.12 2.47 35.14
C ARG G 42 20.60 2.00 35.14
N ARG G 43 20.85 0.97 35.93
CA ARG G 43 22.17 0.34 36.06
C ARG G 43 23.38 1.30 36.09
N LYS G 44 23.27 2.34 36.91
CA LYS G 44 24.33 3.33 37.03
C LYS G 44 25.33 2.89 38.05
N PRO G 45 26.63 3.20 37.83
CA PRO G 45 27.68 2.90 38.81
C PRO G 45 27.64 3.83 40.03
N MET G 46 26.56 3.71 40.83
CA MET G 46 26.28 4.68 41.88
C MET G 46 27.28 4.56 43.03
N ALA G 47 27.77 3.35 43.33
CA ALA G 47 28.84 3.20 44.32
C ALA G 47 30.13 3.91 43.91
N PHE G 48 30.49 3.86 42.63
CA PHE G 48 31.66 4.66 42.14
C PHE G 48 31.37 6.14 42.30
N VAL G 49 30.16 6.57 41.97
CA VAL G 49 29.80 8.01 42.10
C VAL G 49 29.94 8.47 43.55
N ARG G 50 29.42 7.68 44.48
CA ARG G 50 29.58 7.95 45.94
C ARG G 50 31.04 8.02 46.37
N ALA G 51 31.89 7.15 45.82
CA ALA G 51 33.33 7.23 46.04
C ALA G 51 33.98 8.49 45.45
N ILE G 52 33.51 8.95 44.30
CA ILE G 52 33.96 10.24 43.77
C ILE G 52 33.55 11.38 44.70
N LEU G 53 32.32 11.36 45.21
CA LEU G 53 31.87 12.36 46.21
C LEU G 53 32.79 12.39 47.46
N ARG G 54 33.32 11.23 47.88
CA ARG G 54 34.23 11.19 49.05
C ARG G 54 35.64 11.71 48.78
N SER G 55 36.05 11.74 47.51
CA SER G 55 37.39 12.20 47.15
C SER G 55 37.45 13.71 46.98
N ASP G 56 38.66 14.21 46.78
CA ASP G 56 38.91 15.63 46.47
C ASP G 56 38.84 15.92 44.99
N VAL G 57 38.58 14.92 44.14
CA VAL G 57 38.59 15.12 42.69
C VAL G 57 37.48 16.08 42.28
N THR G 58 37.78 17.05 41.43
CA THR G 58 36.81 18.06 41.05
C THR G 58 37.08 18.56 39.64
N ASP G 59 36.34 19.58 39.23
CA ASP G 59 36.49 20.20 37.93
C ASP G 59 36.37 19.15 36.77
N LEU G 60 35.45 18.20 36.94
CA LEU G 60 35.29 17.06 36.02
C LEU G 60 34.46 17.44 34.81
N THR G 61 34.86 16.92 33.66
CA THR G 61 33.99 16.93 32.47
C THR G 61 33.34 15.58 32.42
N VAL G 62 32.01 15.57 32.35
CA VAL G 62 31.25 14.32 32.42
C VAL G 62 30.53 14.04 31.09
N VAL G 63 30.62 12.79 30.64
CA VAL G 63 29.89 12.30 29.47
C VAL G 63 28.92 11.25 29.97
N THR G 64 27.63 11.44 29.77
CA THR G 64 26.63 10.57 30.36
C THR G 64 25.23 10.70 29.72
N TYR G 65 24.51 9.59 29.72
CA TYR G 65 23.06 9.60 29.59
C TYR G 65 22.59 9.78 31.02
N GLY G 66 22.33 11.03 31.40
CA GLY G 66 22.34 11.46 32.77
C GLY G 66 21.15 11.05 33.60
N GLY G 67 21.44 10.78 34.88
CA GLY G 67 20.43 10.51 35.85
C GLY G 67 20.90 10.99 37.21
N PRO G 68 20.57 10.24 38.27
CA PRO G 68 21.01 10.63 39.63
C PRO G 68 22.54 10.59 39.83
N ASP G 69 23.25 9.87 38.97
CA ASP G 69 24.71 9.93 38.93
C ASP G 69 25.22 11.35 38.74
N LEU G 70 24.63 12.04 37.78
CA LEU G 70 25.05 13.37 37.44
C LEU G 70 24.57 14.35 38.51
N GLY G 71 23.38 14.09 39.04
CA GLY G 71 22.83 14.90 40.10
C GLY G 71 23.76 14.94 41.30
N LEU G 72 24.19 13.76 41.76
CA LEU G 72 25.14 13.65 42.88
C LEU G 72 26.43 14.42 42.66
N LEU G 73 27.03 14.30 41.48
CA LEU G 73 28.24 15.04 41.12
C LEU G 73 28.03 16.57 41.11
N CYS G 74 26.91 17.03 40.55
CA CYS G 74 26.53 18.45 40.60
C CYS G 74 26.31 18.95 42.03
N SER G 75 25.67 18.12 42.89
CA SER G 75 25.45 18.47 44.29
C SER G 75 26.75 18.75 45.03
N ALA G 76 27.82 18.06 44.60
CA ALA G 76 29.15 18.23 45.20
C ALA G 76 29.97 19.34 44.58
N GLY G 77 29.47 20.00 43.53
CA GLY G 77 30.21 21.05 42.84
C GLY G 77 31.45 20.56 42.13
N LYS G 78 31.43 19.31 41.69
CA LYS G 78 32.58 18.66 41.12
C LYS G 78 32.55 18.65 39.58
N VAL G 79 31.54 19.27 38.97
CA VAL G 79 31.35 19.21 37.51
C VAL G 79 31.65 20.55 36.89
N LYS G 80 32.58 20.57 35.93
CA LYS G 80 32.82 21.74 35.05
C LYS G 80 31.93 21.78 33.80
N ARG G 81 31.85 20.66 33.10
CA ARG G 81 31.16 20.56 31.81
C ARG G 81 30.50 19.20 31.68
N VAL G 82 29.34 19.16 31.03
CA VAL G 82 28.63 17.89 30.83
C VAL G 82 28.26 17.74 29.37
N TYR G 83 28.65 16.59 28.81
CA TYR G 83 28.19 16.11 27.50
C TYR G 83 27.11 15.07 27.77
N TYR G 84 25.88 15.37 27.37
CA TYR G 84 24.74 14.51 27.67
C TYR G 84 23.68 14.49 26.59
N GLY G 85 23.00 13.35 26.49
CA GLY G 85 21.87 13.16 25.57
C GLY G 85 20.54 13.53 26.23
N PHE G 86 20.55 13.49 27.56
CA PHE G 86 19.40 13.83 28.37
C PHE G 86 19.82 13.75 29.85
N VAL G 87 18.94 14.20 30.73
CA VAL G 87 19.07 13.92 32.16
C VAL G 87 17.67 13.57 32.67
N SER G 88 17.52 12.38 33.23
CA SER G 88 16.22 11.93 33.71
C SER G 88 16.37 10.95 34.86
N LEU G 89 15.44 11.08 35.80
CA LEU G 89 15.26 10.09 36.86
C LEU G 89 14.33 8.94 36.50
N ASP G 90 13.72 8.97 35.31
CA ASP G 90 12.89 7.84 34.80
C ASP G 90 11.59 7.60 35.58
N SER G 91 11.41 8.25 36.72
CA SER G 91 10.17 8.23 37.52
C SER G 91 9.94 9.66 37.99
N PRO G 92 8.71 9.98 38.48
CA PRO G 92 8.45 11.31 39.05
C PRO G 92 9.42 11.64 40.17
N PRO G 93 9.94 12.87 40.28
CA PRO G 93 9.61 14.04 39.49
C PRO G 93 10.35 14.19 38.12
N PHE G 94 11.00 13.12 37.65
CA PHE G 94 11.63 13.03 36.29
C PHE G 94 12.86 13.88 36.11
N TYR G 95 12.76 15.18 36.32
CA TYR G 95 13.88 16.07 36.19
C TYR G 95 14.75 15.94 37.41
N ASP G 96 16.07 15.85 37.22
CA ASP G 96 16.95 15.76 38.38
C ASP G 96 17.16 17.17 38.95
N PRO G 97 16.82 17.37 40.23
CA PRO G 97 16.85 18.73 40.77
C PRO G 97 18.26 19.31 40.94
N TRP G 98 19.27 18.45 41.12
CA TRP G 98 20.65 18.94 41.22
C TRP G 98 21.23 19.36 39.89
N PHE G 99 20.94 18.60 38.85
CA PHE G 99 21.28 19.01 37.50
C PHE G 99 20.56 20.32 37.15
N ALA G 100 19.27 20.43 37.45
CA ALA G 100 18.49 21.66 37.21
C ALA G 100 19.11 22.86 37.93
N HIS G 101 19.44 22.69 39.22
CA HIS G 101 20.12 23.78 39.97
C HIS G 101 21.43 24.20 39.27
N ALA G 102 22.24 23.23 38.85
CA ALA G 102 23.51 23.53 38.22
C ALA G 102 23.29 24.30 36.91
N ARG G 103 22.26 23.92 36.17
CA ARG G 103 21.94 24.57 34.91
C ARG G 103 21.37 25.97 35.12
N THR G 104 20.40 26.11 36.02
CA THR G 104 19.74 27.42 36.22
C THR G 104 20.68 28.41 36.92
N SER G 105 21.60 27.91 37.74
CA SER G 105 22.63 28.77 38.35
C SER G 105 23.78 29.13 37.41
N GLY G 106 23.87 28.49 36.25
CA GLY G 106 24.99 28.73 35.32
C GLY G 106 26.31 28.14 35.76
N ALA G 107 26.24 27.11 36.61
CA ALA G 107 27.42 26.51 37.23
C ALA G 107 28.19 25.58 36.31
N ILE G 108 27.52 25.02 35.30
CA ILE G 108 28.18 24.06 34.40
C ILE G 108 28.08 24.54 32.96
N GLU G 109 29.04 24.16 32.15
CA GLU G 109 28.97 24.33 30.72
C GLU G 109 28.21 23.13 30.16
N ALA G 110 27.23 23.41 29.33
CA ALA G 110 26.33 22.37 28.80
C ALA G 110 26.67 22.09 27.36
N ARG G 111 27.05 20.83 27.11
CA ARG G 111 27.24 20.36 25.74
C ARG G 111 26.15 19.32 25.48
N GLU G 112 24.92 19.82 25.47
CA GLU G 112 23.72 19.03 25.23
C GLU G 112 23.74 18.49 23.81
N MET G 113 23.19 17.29 23.61
CA MET G 113 23.14 16.71 22.27
C MET G 113 21.99 15.74 22.20
N ASP G 114 21.68 15.29 20.99
CA ASP G 114 20.65 14.26 20.75
C ASP G 114 21.20 12.93 21.26
N GLU G 115 20.30 12.06 21.74
CA GLU G 115 20.69 10.77 22.32
C GLU G 115 21.52 9.91 21.39
N GLY G 116 21.08 9.85 20.13
CA GLY G 116 21.82 9.12 19.11
C GLY G 116 23.20 9.66 18.85
N MET G 117 23.34 10.98 18.93
CA MET G 117 24.64 11.65 18.76
C MET G 117 25.65 11.24 19.80
N LEU G 118 25.21 11.02 21.04
CA LEU G 118 26.12 10.64 22.10
C LEU G 118 26.69 9.27 21.80
N ARG G 119 25.83 8.34 21.43
CA ARG G 119 26.27 7.00 21.07
C ARG G 119 27.26 7.05 19.88
N CYS G 120 26.92 7.82 18.85
CA CYS G 120 27.78 8.02 17.70
C CYS G 120 29.18 8.56 18.07
N GLY G 121 29.20 9.55 18.96
CA GLY G 121 30.42 10.09 19.57
C GLY G 121 31.26 9.03 20.28
N LEU G 122 30.62 8.16 21.07
CA LEU G 122 31.34 7.04 21.71
C LEU G 122 31.85 6.02 20.68
N GLN G 123 31.05 5.73 19.65
CA GLN G 123 31.44 4.82 18.57
C GLN G 123 32.70 5.33 17.87
N ALA G 124 32.77 6.64 17.62
CA ALA G 124 33.90 7.25 16.94
C ALA G 124 35.16 7.10 17.79
N ALA G 125 35.01 7.32 19.10
CA ALA G 125 36.15 7.13 20.00
C ALA G 125 36.57 5.67 20.07
N ALA G 126 35.60 4.74 20.11
CA ALA G 126 35.92 3.30 20.11
C ALA G 126 36.65 2.82 18.86
N GLN G 127 36.35 3.44 17.73
CA GLN G 127 36.98 3.15 16.43
C GLN G 127 38.20 4.00 16.18
N ARG G 128 38.56 4.82 17.18
CA ARG G 128 39.66 5.77 17.06
C ARG G 128 39.52 6.70 15.89
N LEU G 129 38.30 7.01 15.49
CA LEU G 129 38.07 7.94 14.38
C LEU G 129 37.87 9.35 14.95
N PRO G 130 38.27 10.37 14.20
CA PRO G 130 38.02 11.78 14.65
C PRO G 130 36.57 12.24 14.59
N PHE G 131 35.77 11.64 13.71
CA PHE G 131 34.35 11.93 13.65
C PHE G 131 33.59 10.77 13.01
N LEU G 132 32.29 10.72 13.25
CA LEU G 132 31.35 9.99 12.39
C LEU G 132 30.24 10.98 11.92
N PRO G 133 29.79 10.86 10.65
CA PRO G 133 28.66 11.68 10.17
C PRO G 133 27.31 11.18 10.69
N ILE G 134 26.40 12.12 10.97
CA ILE G 134 25.05 11.79 11.47
C ILE G 134 24.07 12.89 11.05
N ARG G 135 22.81 12.53 10.79
CA ARG G 135 21.79 13.53 10.49
C ARG G 135 21.29 14.27 11.74
N ALA G 136 21.09 13.50 12.81
CA ALA G 136 20.62 14.02 14.12
C ALA G 136 21.45 15.21 14.55
N GLY G 137 20.78 16.30 14.95
CA GLY G 137 21.43 17.58 15.20
C GLY G 137 21.13 18.69 14.20
N LEU G 138 21.04 18.35 12.89
CA LEU G 138 20.77 19.35 11.86
C LEU G 138 19.47 20.07 12.10
N GLY G 139 19.50 21.39 12.00
CA GLY G 139 18.32 22.24 12.19
C GLY G 139 17.94 22.58 13.63
N SER G 140 18.61 21.96 14.61
CA SER G 140 18.16 21.97 16.00
C SER G 140 19.04 22.98 16.76
N SER G 141 18.76 23.14 18.05
CA SER G 141 19.63 23.96 18.89
C SER G 141 20.95 23.30 19.27
N VAL G 142 21.14 22.02 18.95
CA VAL G 142 22.37 21.33 19.40
C VAL G 142 23.68 22.04 19.00
N PRO G 143 23.89 22.38 17.72
CA PRO G 143 25.12 23.14 17.38
C PRO G 143 25.37 24.42 18.24
N GLN G 144 24.31 25.12 18.61
CA GLN G 144 24.41 26.33 19.40
C GLN G 144 24.84 26.05 20.83
N PHE G 145 24.48 24.89 21.39
CA PHE G 145 25.05 24.50 22.66
C PHE G 145 26.57 24.35 22.61
N TRP G 146 27.09 23.93 21.45
CA TRP G 146 28.49 23.61 21.31
C TRP G 146 29.39 24.82 20.93
N ALA G 147 28.81 25.99 20.69
CA ALA G 147 29.59 27.23 20.59
C ALA G 147 30.74 27.17 19.55
N GLY G 148 30.44 26.73 18.35
CA GLY G 148 31.47 26.66 17.31
C GLY G 148 32.23 25.35 17.23
N GLU G 149 32.20 24.53 18.27
CA GLU G 149 32.99 23.29 18.33
C GLU G 149 32.38 22.19 17.48
N LEU G 150 31.06 22.21 17.30
CA LEU G 150 30.43 21.17 16.50
C LEU G 150 30.38 21.53 15.01
N GLN G 151 31.15 20.88 14.18
CA GLN G 151 31.22 21.18 12.74
C GLN G 151 30.45 20.20 11.86
N THR G 152 30.34 20.54 10.57
CA THR G 152 29.66 19.70 9.59
C THR G 152 30.66 19.06 8.66
N VAL G 153 30.18 18.11 7.86
CA VAL G 153 31.01 17.47 6.83
C VAL G 153 30.13 17.28 5.60
N THR G 154 30.70 17.49 4.41
CA THR G 154 29.96 17.30 3.16
C THR G 154 30.31 15.96 2.50
N SER G 155 29.29 15.23 2.06
CA SER G 155 29.49 13.98 1.37
C SER G 155 30.17 14.21 0.01
N PRO G 156 31.17 13.37 -0.34
CA PRO G 156 31.69 13.45 -1.70
C PRO G 156 30.80 12.68 -2.72
N TYR G 157 29.80 11.93 -2.26
CA TYR G 157 28.89 11.19 -3.16
C TYR G 157 27.52 11.84 -3.13
N PRO G 158 26.83 11.94 -4.29
CA PRO G 158 25.52 12.61 -4.35
C PRO G 158 24.41 11.80 -3.71
N ALA G 159 23.41 12.47 -3.16
CA ALA G 159 22.22 11.77 -2.64
C ALA G 159 21.43 11.13 -3.81
N PRO G 160 20.71 10.01 -3.56
CA PRO G 160 19.84 9.44 -4.61
C PRO G 160 18.68 10.41 -4.83
N GLY G 161 18.77 11.22 -5.88
CA GLY G 161 17.96 12.43 -5.99
C GLY G 161 18.71 13.67 -6.44
N GLY G 162 20.05 13.62 -6.41
CA GLY G 162 20.87 14.77 -6.75
C GLY G 162 21.19 15.59 -5.51
N GLY G 163 22.28 16.35 -5.60
CA GLY G 163 22.75 17.18 -4.51
C GLY G 163 23.64 16.40 -3.54
N TYR G 164 24.46 17.14 -2.82
CA TYR G 164 25.42 16.58 -1.88
C TYR G 164 24.94 16.90 -0.47
N GLU G 165 24.88 15.87 0.40
CA GLU G 165 24.40 16.09 1.80
C GLU G 165 25.50 16.71 2.64
N THR G 166 25.11 17.64 3.51
CA THR G 166 25.94 18.16 4.56
C THR G 166 25.39 17.60 5.88
N LEU G 167 26.26 16.92 6.64
CA LEU G 167 25.84 16.19 7.85
C LEU G 167 26.56 16.76 9.03
N ILE G 168 26.05 16.49 10.22
CA ILE G 168 26.85 16.80 11.43
C ILE G 168 28.08 15.90 11.46
N ALA G 169 29.25 16.45 11.72
CA ALA G 169 30.46 15.65 11.97
C ALA G 169 30.53 15.50 13.48
N MET G 170 29.97 14.41 13.98
CA MET G 170 30.02 14.15 15.41
C MET G 170 31.45 13.82 15.85
N PRO G 171 32.08 14.66 16.72
CA PRO G 171 33.44 14.33 17.08
C PRO G 171 33.49 13.13 18.04
N ALA G 172 34.64 12.48 18.11
CA ALA G 172 34.89 11.43 19.11
C ALA G 172 34.80 11.92 20.57
N LEU G 173 34.10 11.17 21.39
CA LEU G 173 33.96 11.46 22.82
C LEU G 173 34.94 10.61 23.60
N ARG G 174 36.21 11.01 23.52
CA ARG G 174 37.31 10.29 24.14
C ARG G 174 37.31 10.61 25.61
N LEU G 175 37.59 9.61 26.44
CA LEU G 175 37.48 9.73 27.89
C LEU G 175 38.81 9.42 28.57
N ASP G 176 39.14 10.17 29.63
CA ASP G 176 40.28 9.76 30.49
C ASP G 176 39.94 8.55 31.34
N ALA G 177 38.69 8.43 31.75
CA ALA G 177 38.24 7.29 32.53
C ALA G 177 36.78 6.99 32.29
N ALA G 178 36.40 5.74 32.44
CA ALA G 178 34.99 5.34 32.38
C ALA G 178 34.62 4.44 33.53
N PHE G 179 33.39 4.62 33.99
CA PHE G 179 32.82 3.83 35.09
C PHE G 179 31.52 3.16 34.63
N ALA G 180 31.41 1.86 34.89
CA ALA G 180 30.24 1.06 34.53
C ALA G 180 29.91 0.06 35.63
N HIS G 181 28.65 -0.35 35.67
CA HIS G 181 28.19 -1.36 36.59
C HIS G 181 27.42 -2.47 35.86
N LEU G 182 27.84 -3.73 36.11
CA LEU G 182 27.15 -4.92 35.57
C LEU G 182 26.80 -5.91 36.68
N ASN G 183 26.11 -6.99 36.31
CA ASN G 183 25.50 -7.88 37.28
C ASN G 183 26.44 -8.95 37.80
N LEU G 184 27.37 -9.40 36.96
CA LEU G 184 28.21 -10.56 37.26
C LEU G 184 29.55 -10.38 36.54
N GLY G 185 30.62 -10.73 37.23
CA GLY G 185 31.97 -10.67 36.63
C GLY G 185 32.92 -11.67 37.25
N ASP G 186 34.04 -11.90 36.59
CA ASP G 186 35.16 -12.62 37.21
C ASP G 186 36.24 -11.63 37.65
N SER G 187 37.22 -12.16 38.35
CA SER G 187 38.35 -11.38 38.86
C SER G 187 39.27 -10.77 37.82
N HIS G 188 39.19 -11.22 36.58
CA HIS G 188 40.01 -10.69 35.46
C HIS G 188 39.23 -9.61 34.66
N GLY G 189 37.95 -9.40 34.99
CA GLY G 189 37.14 -8.37 34.35
C GLY G 189 36.18 -8.80 33.25
N ASN G 190 36.11 -10.07 32.91
CA ASN G 190 35.06 -10.61 32.08
C ASN G 190 33.73 -10.37 32.84
N ALA G 191 32.68 -9.92 32.14
CA ALA G 191 31.46 -9.56 32.82
C ALA G 191 30.24 -9.64 31.92
N ALA G 192 29.11 -9.84 32.56
CA ALA G 192 27.84 -10.00 31.86
C ALA G 192 26.78 -9.06 32.43
N TYR G 193 25.89 -8.63 31.54
CA TYR G 193 24.63 -8.07 31.98
C TYR G 193 23.60 -9.19 31.95
N THR G 194 22.74 -9.21 32.97
CA THR G 194 21.71 -10.23 33.11
C THR G 194 20.33 -9.68 32.86
N GLY G 195 20.19 -8.37 32.72
CA GLY G 195 18.90 -7.74 32.36
C GLY G 195 18.63 -7.77 30.86
N ILE G 196 17.59 -7.03 30.48
CA ILE G 196 17.12 -7.03 29.09
C ILE G 196 17.93 -6.13 28.10
N ASP G 197 18.68 -5.18 28.64
CA ASP G 197 19.34 -4.14 27.81
C ASP G 197 20.77 -3.92 28.26
N PRO G 198 21.73 -4.06 27.35
CA PRO G 198 23.10 -3.73 27.76
C PRO G 198 23.34 -2.21 27.89
N TYR G 199 22.42 -1.39 27.34
CA TYR G 199 22.63 0.02 27.18
C TYR G 199 23.89 0.21 26.32
N PHE G 200 24.86 1.03 26.77
CA PHE G 200 26.04 1.32 25.98
C PHE G 200 27.35 1.18 26.74
N ASP G 201 27.36 0.36 27.79
CA ASP G 201 28.52 0.26 28.68
C ASP G 201 29.82 -0.15 27.97
N ASP G 202 29.70 -0.98 26.96
CA ASP G 202 30.83 -1.37 26.15
C ASP G 202 31.50 -0.19 25.46
N LEU G 203 30.69 0.73 24.90
CA LEU G 203 31.21 1.90 24.22
C LEU G 203 31.89 2.88 25.21
N PHE G 204 31.29 3.06 26.40
CA PHE G 204 31.93 3.87 27.43
C PHE G 204 33.32 3.34 27.79
N LEU G 205 33.45 2.03 27.97
CA LEU G 205 34.73 1.44 28.29
C LEU G 205 35.75 1.55 27.14
N MET G 206 35.29 1.27 25.93
CA MET G 206 36.18 1.32 24.77
C MET G 206 36.66 2.72 24.39
N ALA G 207 35.89 3.74 24.80
CA ALA G 207 36.25 5.15 24.56
C ALA G 207 37.25 5.74 25.58
N ALA G 208 37.59 4.97 26.61
CA ALA G 208 38.32 5.49 27.76
C ALA G 208 39.74 4.97 27.85
N GLU G 209 40.61 5.77 28.42
CA GLU G 209 41.98 5.32 28.73
C GLU G 209 42.05 4.47 29.99
N ARG G 210 41.23 4.77 31.01
CA ARG G 210 41.19 4.00 32.25
C ARG G 210 39.80 3.40 32.44
N ARG G 211 39.73 2.09 32.60
CA ARG G 211 38.45 1.39 32.59
C ARG G 211 38.12 0.76 33.93
N PHE G 212 37.02 1.23 34.54
CA PHE G 212 36.66 0.78 35.86
C PHE G 212 35.25 0.20 35.86
N LEU G 213 35.15 -1.05 36.32
CA LEU G 213 33.90 -1.78 36.33
C LEU G 213 33.53 -2.23 37.75
N SER G 214 32.26 -2.06 38.16
CA SER G 214 31.74 -2.71 39.36
C SER G 214 30.74 -3.77 38.95
N VAL G 215 30.63 -4.82 39.76
CA VAL G 215 29.65 -5.85 39.57
C VAL G 215 28.97 -6.19 40.91
N GLU G 216 27.75 -6.71 40.82
CA GLU G 216 27.04 -7.18 42.02
C GLU G 216 27.78 -8.30 42.70
N ARG G 217 28.38 -9.18 41.91
CA ARG G 217 29.03 -10.38 42.45
C ARG G 217 30.13 -10.90 41.55
N ILE G 218 31.26 -11.25 42.16
CA ILE G 218 32.40 -11.80 41.45
C ILE G 218 32.33 -13.31 41.61
N VAL G 219 32.39 -14.02 40.49
CA VAL G 219 32.32 -15.48 40.48
C VAL G 219 33.51 -16.01 39.67
N ALA G 220 33.70 -17.32 39.74
CA ALA G 220 34.65 -17.99 38.87
C ALA G 220 34.19 -17.81 37.38
N THR G 221 35.17 -17.73 36.49
CA THR G 221 34.90 -17.64 35.07
C THR G 221 33.91 -18.70 34.57
N GLU G 222 34.04 -19.94 35.02
CA GLU G 222 33.18 -21.02 34.55
C GLU G 222 31.72 -20.83 35.03
N GLU G 223 31.56 -20.33 36.25
CA GLU G 223 30.22 -19.96 36.72
C GLU G 223 29.64 -18.78 35.89
N LEU G 224 30.45 -17.77 35.61
CA LEU G 224 30.01 -16.61 34.79
C LEU G 224 29.40 -17.09 33.44
N VAL G 225 30.19 -17.89 32.70
CA VAL G 225 29.82 -18.34 31.37
C VAL G 225 28.67 -19.36 31.33
N LYS G 226 28.45 -20.09 32.42
CA LYS G 226 27.33 -21.02 32.50
C LYS G 226 26.02 -20.35 32.90
N SER G 227 26.09 -19.14 33.46
CA SER G 227 24.88 -18.49 33.98
C SER G 227 24.22 -17.57 32.97
N VAL G 228 24.85 -17.32 31.82
CA VAL G 228 24.26 -16.42 30.81
C VAL G 228 24.46 -16.98 29.39
N PRO G 229 23.63 -16.56 28.42
CA PRO G 229 23.97 -16.88 27.05
C PRO G 229 25.24 -16.14 26.61
N PRO G 230 26.00 -16.68 25.65
CA PRO G 230 27.21 -15.97 25.24
C PRO G 230 26.99 -14.50 24.82
N GLN G 231 25.83 -14.18 24.24
CA GLN G 231 25.52 -12.81 23.79
C GLN G 231 25.47 -11.75 24.92
N ALA G 232 25.27 -12.22 26.17
CA ALA G 232 25.29 -11.39 27.37
C ALA G 232 26.69 -11.09 27.91
N LEU G 233 27.71 -11.73 27.35
CA LEU G 233 29.12 -11.49 27.76
C LEU G 233 29.64 -10.22 27.11
N LEU G 234 29.13 -9.10 27.60
CA LEU G 234 29.39 -7.77 27.04
C LEU G 234 30.82 -7.27 27.25
N VAL G 235 31.50 -7.75 28.30
CA VAL G 235 32.83 -7.24 28.68
C VAL G 235 33.83 -8.38 28.73
N ASN G 236 34.93 -8.18 28.01
CA ASN G 236 36.09 -9.07 28.06
C ASN G 236 37.26 -8.39 28.78
N ARG G 237 38.34 -9.15 28.98
CA ARG G 237 39.49 -8.67 29.74
C ARG G 237 40.18 -7.46 29.14
N MET G 238 40.03 -7.18 27.86
CA MET G 238 40.73 -6.05 27.24
C MET G 238 40.06 -4.73 27.61
N MET G 239 38.82 -4.83 28.10
CA MET G 239 37.95 -3.68 28.30
C MET G 239 37.94 -3.18 29.74
N VAL G 240 38.73 -3.81 30.60
CA VAL G 240 38.71 -3.49 32.05
C VAL G 240 40.12 -3.45 32.63
N ASP G 241 40.41 -2.37 33.35
CA ASP G 241 41.64 -2.23 34.15
C ASP G 241 41.45 -2.66 35.61
N ALA G 242 40.31 -2.34 36.19
CA ALA G 242 40.04 -2.76 37.57
C ALA G 242 38.58 -3.10 37.74
N ILE G 243 38.32 -4.16 38.49
CA ILE G 243 36.95 -4.62 38.80
C ILE G 243 36.74 -4.58 40.32
N VAL G 244 35.54 -4.18 40.75
CA VAL G 244 35.18 -3.98 42.16
C VAL G 244 33.89 -4.75 42.38
N GLU G 245 33.91 -5.65 43.37
CA GLU G 245 32.66 -6.27 43.80
C GLU G 245 31.86 -5.28 44.65
N ALA G 246 30.70 -4.85 44.16
CA ALA G 246 29.86 -3.85 44.87
C ALA G 246 28.38 -4.29 44.91
N PRO G 247 28.05 -5.22 45.85
CA PRO G 247 26.65 -5.62 45.96
C PRO G 247 25.79 -4.41 46.28
N GLY G 248 24.66 -4.25 45.60
CA GLY G 248 23.89 -3.01 45.68
C GLY G 248 24.52 -1.78 45.07
N GLY G 249 25.54 -1.99 44.22
CA GLY G 249 26.33 -0.87 43.68
C GLY G 249 25.63 0.06 42.69
N ALA G 250 24.47 -0.36 42.20
CA ALA G 250 23.64 0.48 41.33
C ALA G 250 22.60 1.27 42.14
N HIS G 251 22.38 0.91 43.41
CA HIS G 251 21.32 1.52 44.23
C HIS G 251 21.57 3.04 44.25
N PHE G 252 20.56 3.86 43.94
CA PHE G 252 19.12 3.54 43.92
C PHE G 252 18.50 3.37 42.51
N THR G 253 19.33 3.15 41.48
CA THR G 253 18.86 2.84 40.12
C THR G 253 18.56 1.33 39.98
N THR G 254 17.83 0.98 38.91
CA THR G 254 17.46 -0.44 38.67
C THR G 254 18.67 -1.25 38.22
N ALA G 255 18.76 -2.44 38.80
CA ALA G 255 19.76 -3.44 38.42
C ALA G 255 19.08 -4.76 38.06
N ALA G 256 18.02 -4.64 37.28
CA ALA G 256 17.46 -5.74 36.47
C ALA G 256 16.92 -6.83 37.33
N PRO G 257 17.31 -8.12 37.09
CA PRO G 257 16.73 -9.16 37.91
C PRO G 257 17.22 -9.10 39.35
N ASP G 258 18.39 -8.49 39.59
CA ASP G 258 18.96 -8.43 40.96
C ASP G 258 18.06 -7.62 41.89
N TYR G 259 17.72 -6.39 41.51
CA TYR G 259 16.78 -5.56 42.27
C TYR G 259 16.31 -4.42 41.36
N GLY G 260 15.10 -3.94 41.62
CA GLY G 260 14.51 -2.82 40.90
C GLY G 260 15.00 -1.47 41.40
N ARG G 261 14.52 -0.41 40.75
CA ARG G 261 14.72 0.93 41.24
C ARG G 261 14.12 1.07 42.65
N ASP G 262 14.86 1.69 43.55
CA ASP G 262 14.32 1.98 44.88
C ASP G 262 13.55 3.30 44.72
N GLU G 263 12.27 3.17 44.40
CA GLU G 263 11.44 4.32 43.98
C GLU G 263 11.27 5.31 45.12
N GLN G 264 10.96 4.79 46.32
CA GLN G 264 10.74 5.64 47.49
C GLN G 264 12.04 6.35 47.89
N PHE G 265 13.18 5.65 47.81
CA PHE G 265 14.44 6.32 48.17
C PHE G 265 14.81 7.41 47.17
N GLN G 266 14.58 7.14 45.88
CA GLN G 266 14.89 8.14 44.86
C GLN G 266 14.08 9.41 45.06
N ARG G 267 12.80 9.25 45.39
CA ARG G 267 11.95 10.40 45.73
C ARG G 267 12.50 11.12 46.97
N HIS G 268 12.92 10.36 47.98
CA HIS G 268 13.56 10.93 49.16
C HIS G 268 14.80 11.77 48.77
N TYR G 269 15.63 11.22 47.86
CA TYR G 269 16.76 11.97 47.29
C TYR G 269 16.32 13.28 46.68
N ALA G 270 15.29 13.23 45.84
CA ALA G 270 14.86 14.43 45.12
C ALA G 270 14.28 15.50 46.09
N GLU G 271 13.46 15.06 47.03
CA GLU G 271 12.89 15.96 48.06
C GLU G 271 13.97 16.67 48.90
N ALA G 272 14.96 15.88 49.34
CA ALA G 272 16.09 16.40 50.09
C ALA G 272 16.92 17.47 49.34
N ALA G 273 17.05 17.31 48.03
CA ALA G 273 17.77 18.27 47.20
C ALA G 273 17.11 19.64 47.11
N SER G 274 15.81 19.70 47.40
CA SER G 274 15.04 20.93 47.32
C SER G 274 15.37 22.01 48.38
N THR G 275 16.08 21.66 49.46
CA THR G 275 16.45 22.65 50.49
C THR G 275 17.84 22.37 51.04
N GLN G 276 18.43 23.43 51.61
CA GLN G 276 19.79 23.38 52.17
C GLN G 276 19.86 22.43 53.37
N VAL G 277 18.93 22.59 54.30
CA VAL G 277 18.88 21.70 55.48
C VAL G 277 18.59 20.25 55.09
N GLY G 278 17.65 20.06 54.19
CA GLY G 278 17.29 18.69 53.77
C GLY G 278 18.47 17.97 53.11
N TRP G 279 19.18 18.68 52.24
CA TRP G 279 20.36 18.11 51.63
C TRP G 279 21.45 17.80 52.66
N GLN G 280 21.78 18.76 53.53
CA GLN G 280 22.80 18.54 54.57
C GLN G 280 22.44 17.31 55.42
N GLN G 281 21.17 17.12 55.75
CA GLN G 281 20.72 15.93 56.47
C GLN G 281 20.88 14.62 55.68
N PHE G 282 20.59 14.69 54.38
CA PHE G 282 20.77 13.54 53.47
C PHE G 282 22.25 13.16 53.41
N VAL G 283 23.12 14.15 53.22
CA VAL G 283 24.56 13.91 53.16
C VAL G 283 25.04 13.28 54.48
N HIS G 284 24.56 13.80 55.61
CA HIS G 284 24.95 13.27 56.93
C HIS G 284 24.55 11.82 57.09
N THR G 285 23.29 11.52 56.74
CA THR G 285 22.72 10.19 56.93
C THR G 285 23.28 9.16 55.95
N TYR G 286 23.44 9.51 54.69
CA TYR G 286 23.76 8.51 53.65
C TYR G 286 25.18 8.55 53.09
N LEU G 287 25.77 9.73 53.04
CA LEU G 287 26.97 9.97 52.23
C LEU G 287 28.21 10.37 53.05
N SER G 288 28.21 10.10 54.36
CA SER G 288 29.31 10.57 55.23
C SER G 288 30.26 9.49 55.74
N GLY G 289 30.01 8.25 55.37
CA GLY G 289 30.87 7.13 55.72
C GLY G 289 31.20 6.37 54.45
N THR G 290 31.24 5.05 54.56
CA THR G 290 31.66 4.19 53.48
C THR G 290 30.42 3.71 52.68
N GLU G 291 30.71 2.91 51.64
CA GLU G 291 29.66 2.27 50.86
C GLU G 291 28.81 1.33 51.74
N ALA G 292 29.47 0.61 52.62
CA ALA G 292 28.75 -0.24 53.60
C ALA G 292 27.83 0.58 54.50
N ASP G 293 28.27 1.76 54.95
CA ASP G 293 27.42 2.66 55.77
C ASP G 293 26.20 3.10 54.95
N TYR G 294 26.44 3.52 53.72
CA TYR G 294 25.32 3.83 52.81
C TYR G 294 24.31 2.67 52.68
N GLN G 295 24.80 1.47 52.42
CA GLN G 295 23.92 0.31 52.22
C GLN G 295 23.06 -0.03 53.46
N ALA G 296 23.67 0.09 54.64
CA ALA G 296 22.97 -0.10 55.92
C ALA G 296 21.92 1.01 56.15
N ALA G 297 22.28 2.26 55.92
CA ALA G 297 21.33 3.39 56.05
C ALA G 297 20.13 3.23 55.11
N VAL G 298 20.39 2.77 53.90
CA VAL G 298 19.37 2.54 52.88
C VAL G 298 18.42 1.40 53.22
N HIS G 299 18.97 0.29 53.71
CA HIS G 299 18.17 -0.84 54.20
C HIS G 299 17.28 -0.42 55.36
N ASN G 300 17.81 0.42 56.26
CA ASN G 300 17.05 0.99 57.38
C ASN G 300 15.91 1.93 56.95
N PHE G 301 16.16 2.78 55.95
CA PHE G 301 15.09 3.57 55.33
C PHE G 301 13.98 2.64 54.79
N GLY G 302 14.40 1.57 54.11
CA GLY G 302 13.48 0.57 53.56
C GLY G 302 12.70 -0.23 54.59
N ALA G 303 13.39 -0.66 55.64
CA ALA G 303 12.77 -1.39 56.76
C ALA G 303 11.68 -0.57 57.45
N SER G 304 11.90 0.75 57.54
CA SER G 304 10.89 1.68 58.07
C SER G 304 9.59 1.66 57.26
N ARG G 305 9.71 1.68 55.93
CA ARG G 305 8.55 1.49 55.03
C ARG G 305 8.20 0.01 54.87
N SER H 2 -19.40 9.65 24.63
CA SER H 2 -17.93 9.66 24.82
C SER H 2 -17.39 10.96 25.41
N THR H 3 -16.25 10.84 26.05
CA THR H 3 -15.64 11.98 26.71
C THR H 3 -14.61 12.63 25.80
N ARG H 4 -14.16 13.82 26.22
CA ARG H 4 -13.06 14.52 25.52
C ARG H 4 -11.81 13.63 25.41
N ALA H 5 -11.42 12.97 26.51
CA ALA H 5 -10.25 12.05 26.49
C ALA H 5 -10.37 10.93 25.44
N GLU H 6 -11.59 10.44 25.25
CA GLU H 6 -11.86 9.37 24.30
C GLU H 6 -11.78 9.84 22.87
N VAL H 7 -12.30 11.03 22.60
CA VAL H 7 -12.15 11.68 21.30
C VAL H 7 -10.67 11.89 20.96
N CYS H 8 -9.90 12.35 21.94
CA CYS H 8 -8.44 12.48 21.82
C CYS H 8 -7.71 11.14 21.57
N ALA H 9 -8.08 10.12 22.33
CA ALA H 9 -7.53 8.77 22.13
C ALA H 9 -7.72 8.25 20.70
N VAL H 10 -8.92 8.46 20.16
CA VAL H 10 -9.21 8.03 18.79
C VAL H 10 -8.44 8.87 17.75
N ALA H 11 -8.33 10.17 18.00
CA ALA H 11 -7.51 11.06 17.18
C ALA H 11 -6.04 10.61 17.15
N CYS H 12 -5.50 10.23 18.33
CA CYS H 12 -4.18 9.63 18.40
C CYS H 12 -4.08 8.34 17.61
N ALA H 13 -5.08 7.46 17.74
CA ALA H 13 -5.16 6.23 16.92
C ALA H 13 -5.06 6.48 15.44
N GLU H 14 -5.78 7.51 14.98
CA GLU H 14 -5.82 7.85 13.54
C GLU H 14 -4.50 8.34 12.97
N LEU H 15 -3.58 8.78 13.84
CA LEU H 15 -2.22 9.08 13.44
C LEU H 15 -1.54 7.94 12.73
N PHE H 16 -1.91 6.70 13.10
CA PHE H 16 -1.27 5.49 12.60
C PHE H 16 -2.02 4.77 11.48
N ARG H 17 -3.12 5.35 10.98
CA ARG H 17 -3.81 4.75 9.85
C ARG H 17 -2.84 4.74 8.65
N ASP H 18 -2.75 3.61 7.96
CA ASP H 18 -1.81 3.44 6.81
C ASP H 18 -0.30 3.58 7.22
N ALA H 19 0.01 3.36 8.49
CA ALA H 19 1.38 3.37 8.95
C ALA H 19 2.15 2.19 8.33
N GLY H 20 1.46 1.06 8.19
CA GLY H 20 2.08 -0.15 7.70
C GLY H 20 2.92 -0.80 8.81
N GLU H 21 3.90 -1.59 8.40
CA GLU H 21 4.65 -2.41 9.32
C GLU H 21 5.93 -1.67 9.80
N ILE H 22 5.72 -0.65 10.61
CA ILE H 22 6.76 0.19 11.21
C ILE H 22 6.56 0.25 12.72
N MET H 23 7.62 0.65 13.42
CA MET H 23 7.55 0.79 14.86
C MET H 23 6.83 2.08 15.28
N ILE H 24 5.78 1.93 16.08
CA ILE H 24 5.11 3.10 16.67
C ILE H 24 5.67 3.26 18.09
N SER H 25 6.10 4.48 18.41
CA SER H 25 6.71 4.79 19.70
C SER H 25 5.90 5.90 20.38
N PRO H 26 4.83 5.51 21.09
CA PRO H 26 4.00 6.49 21.79
C PRO H 26 4.66 6.84 23.09
N MET H 27 5.05 8.08 23.27
CA MET H 27 5.75 8.50 24.47
C MET H 27 4.86 9.08 25.57
N THR H 28 3.56 9.16 25.30
CA THR H 28 2.60 9.57 26.34
C THR H 28 1.53 8.52 26.48
N ASN H 29 0.90 8.49 27.62
CA ASN H 29 -0.22 7.58 27.84
C ASN H 29 -1.33 7.77 26.82
N MET H 30 -1.65 9.02 26.48
CA MET H 30 -2.72 9.25 25.51
C MET H 30 -2.36 8.66 24.15
N ALA H 31 -1.13 8.88 23.70
CA ALA H 31 -0.69 8.31 22.45
C ALA H 31 -0.64 6.78 22.53
N SER H 32 -0.26 6.26 23.69
CA SER H 32 -0.18 4.81 23.88
C SER H 32 -1.58 4.12 23.83
N VAL H 33 -2.60 4.79 24.36
CA VAL H 33 -3.99 4.29 24.19
C VAL H 33 -4.37 4.28 22.70
N GLY H 34 -4.05 5.39 22.03
CA GLY H 34 -4.30 5.51 20.59
C GLY H 34 -3.60 4.43 19.79
N ALA H 35 -2.31 4.24 20.05
CA ALA H 35 -1.51 3.20 19.33
C ALA H 35 -2.07 1.79 19.52
N ARG H 36 -2.46 1.45 20.75
CA ARG H 36 -3.02 0.12 21.01
C ARG H 36 -4.39 -0.06 20.35
N LEU H 37 -5.20 1.01 20.35
CA LEU H 37 -6.47 1.02 19.62
C LEU H 37 -6.28 0.76 18.13
N ALA H 38 -5.30 1.46 17.54
CA ALA H 38 -4.98 1.28 16.12
C ALA H 38 -4.57 -0.17 15.86
N ARG H 39 -3.70 -0.72 16.68
CA ARG H 39 -3.20 -2.09 16.47
C ARG H 39 -4.27 -3.15 16.53
N LEU H 40 -5.18 -3.00 17.49
CA LEU H 40 -6.35 -3.87 17.60
C LEU H 40 -7.40 -3.68 16.50
N THR H 41 -7.35 -2.58 15.75
CA THR H 41 -8.37 -2.32 14.72
C THR H 41 -7.76 -2.08 13.31
N PHE H 42 -7.65 -0.84 12.88
CA PHE H 42 -7.35 -0.52 11.48
C PHE H 42 -5.85 -0.47 11.13
N ALA H 43 -4.94 -0.51 12.11
CA ALA H 43 -3.50 -0.66 11.79
C ALA H 43 -2.89 -1.91 12.46
N PRO H 44 -3.32 -3.11 12.06
CA PRO H 44 -2.85 -4.35 12.74
C PRO H 44 -1.37 -4.73 12.53
N ASP H 45 -0.66 -4.06 11.62
CA ASP H 45 0.73 -4.44 11.32
C ASP H 45 1.78 -3.63 12.10
N ILE H 46 1.37 -2.64 12.89
CA ILE H 46 2.37 -1.83 13.62
C ILE H 46 3.10 -2.64 14.66
N LEU H 47 4.29 -2.18 14.99
CA LEU H 47 5.10 -2.81 16.03
C LEU H 47 4.96 -1.91 17.23
N LEU H 48 4.96 -2.52 18.40
CA LEU H 48 4.93 -1.79 19.67
C LEU H 48 5.83 -2.47 20.68
N THR H 49 6.60 -1.67 21.42
CA THR H 49 7.38 -2.23 22.52
C THR H 49 6.53 -2.33 23.79
N ASP H 50 7.06 -3.02 24.78
CA ASP H 50 6.46 -3.09 26.15
C ASP H 50 6.78 -1.88 27.02
N GLY H 51 7.27 -0.79 26.42
CA GLY H 51 7.72 0.37 27.16
C GLY H 51 9.13 0.28 27.66
N GLU H 52 9.79 -0.85 27.43
CA GLU H 52 11.19 -0.97 27.79
C GLU H 52 11.99 -1.47 26.59
N ALA H 53 12.27 -2.77 26.52
CA ALA H 53 13.20 -3.32 25.51
C ALA H 53 12.70 -4.58 24.78
N GLN H 54 11.40 -4.87 24.81
CA GLN H 54 10.86 -6.01 24.09
C GLN H 54 9.70 -5.57 23.21
N LEU H 55 9.57 -6.23 22.07
CA LEU H 55 8.44 -6.07 21.19
C LEU H 55 7.29 -6.97 21.60
N LEU H 56 6.10 -6.37 21.74
CA LEU H 56 4.89 -7.10 22.15
C LEU H 56 4.31 -7.87 20.99
N ALA H 57 3.92 -9.12 21.27
CA ALA H 57 3.29 -9.99 20.30
C ALA H 57 1.79 -9.72 20.23
N ASP H 58 1.16 -9.50 21.39
CA ASP H 58 -0.26 -9.16 21.49
C ASP H 58 -0.37 -7.66 21.80
N THR H 59 -1.56 -7.21 22.16
CA THR H 59 -1.79 -5.83 22.55
C THR H 59 -2.54 -5.81 23.89
N PRO H 60 -1.79 -5.92 25.00
CA PRO H 60 -2.42 -5.88 26.33
C PRO H 60 -2.81 -4.47 26.79
N ALA H 61 -3.52 -4.44 27.92
CA ALA H 61 -3.94 -3.22 28.58
C ALA H 61 -2.72 -2.40 28.97
N LEU H 62 -2.86 -1.08 28.86
CA LEU H 62 -1.88 -0.12 29.37
C LEU H 62 -1.87 -0.26 30.89
N GLY H 63 -0.65 -0.20 31.43
CA GLY H 63 -0.45 -0.15 32.88
C GLY H 63 -0.67 -1.45 33.60
N LYS H 64 -0.80 -2.54 32.84
CA LYS H 64 -1.22 -3.81 33.41
C LYS H 64 -0.09 -4.49 34.16
N THR H 65 -0.50 -5.30 35.12
CA THR H 65 0.38 -5.94 36.07
C THR H 65 0.05 -7.44 35.97
N GLY H 66 0.68 -8.23 36.82
CA GLY H 66 0.39 -9.66 36.89
C GLY H 66 1.21 -10.52 35.94
N ALA H 67 0.51 -11.17 35.01
CA ALA H 67 1.12 -12.14 34.09
C ALA H 67 2.01 -11.41 33.06
N PRO H 68 3.21 -11.95 32.76
CA PRO H 68 4.04 -11.29 31.75
C PRO H 68 3.43 -11.30 30.35
N ASN H 69 3.84 -10.34 29.55
CA ASN H 69 3.34 -10.19 28.17
C ASN H 69 4.07 -11.13 27.24
N ARG H 70 3.37 -11.60 26.22
CA ARG H 70 4.02 -12.35 25.15
C ARG H 70 4.80 -11.39 24.25
N ILE H 71 6.00 -11.82 23.82
CA ILE H 71 6.91 -11.00 23.04
C ILE H 71 7.10 -11.62 21.67
N GLU H 72 7.50 -10.79 20.71
CA GLU H 72 7.84 -11.24 19.37
C GLU H 72 9.21 -10.77 18.90
N GLY H 73 9.96 -10.10 19.78
CA GLY H 73 11.25 -9.56 19.39
C GLY H 73 11.89 -8.77 20.50
N TRP H 74 13.09 -8.33 20.21
CA TRP H 74 13.96 -7.61 21.14
C TRP H 74 14.27 -6.25 20.58
N MET H 75 14.12 -5.22 21.41
CA MET H 75 14.26 -3.84 20.97
C MET H 75 14.97 -3.01 22.04
N PRO H 76 16.24 -3.32 22.32
CA PRO H 76 17.02 -2.51 23.26
C PRO H 76 17.31 -1.14 22.67
N PHE H 77 17.81 -0.21 23.48
CA PHE H 77 17.91 1.19 23.06
C PHE H 77 18.82 1.37 21.86
N GLY H 78 19.89 0.56 21.77
CA GLY H 78 20.77 0.58 20.62
C GLY H 78 20.03 0.27 19.33
N ARG H 79 19.10 -0.70 19.41
CA ARG H 79 18.32 -1.08 18.26
C ARG H 79 17.22 -0.06 17.93
N VAL H 80 16.73 0.67 18.92
CA VAL H 80 15.88 1.82 18.63
C VAL H 80 16.62 2.87 17.81
N PHE H 81 17.85 3.22 18.21
CA PHE H 81 18.64 4.17 17.40
C PHE H 81 18.86 3.69 15.96
N GLU H 82 19.13 2.42 15.81
CA GLU H 82 19.33 1.81 14.48
C GLU H 82 18.05 1.87 13.66
N THR H 83 16.93 1.55 14.32
CA THR H 83 15.63 1.58 13.68
C THR H 83 15.24 3.00 13.22
N LEU H 84 15.50 3.99 14.05
CA LEU H 84 15.06 5.36 13.74
C LEU H 84 15.88 5.98 12.58
N ALA H 85 17.19 5.72 12.57
CA ALA H 85 18.05 6.16 11.48
C ALA H 85 17.71 5.49 10.11
N TRP H 86 17.27 4.23 10.21
CA TRP H 86 16.76 3.45 9.10
C TRP H 86 15.36 3.97 8.59
N GLY H 87 14.62 4.65 9.46
CA GLY H 87 13.40 5.41 9.12
C GLY H 87 12.05 4.73 9.39
N ARG H 88 12.05 3.50 9.83
CA ARG H 88 10.83 2.72 9.96
C ARG H 88 10.20 2.91 11.33
N ARG H 89 9.67 4.11 11.53
CA ARG H 89 9.13 4.49 12.81
C ARG H 89 8.25 5.70 12.73
N HIS H 90 7.31 5.78 13.68
CA HIS H 90 6.51 7.00 13.90
C HIS H 90 6.47 7.22 15.43
N VAL H 91 6.99 8.36 15.89
CA VAL H 91 7.06 8.66 17.31
C VAL H 91 6.03 9.74 17.61
N VAL H 92 5.37 9.59 18.76
CA VAL H 92 4.52 10.61 19.28
C VAL H 92 5.12 11.03 20.61
N MET H 93 5.54 12.29 20.69
CA MET H 93 6.19 12.86 21.89
C MET H 93 5.29 13.89 22.55
N GLY H 94 5.59 14.20 23.80
CA GLY H 94 5.01 15.37 24.45
C GLY H 94 5.71 16.62 23.96
N ALA H 95 5.34 17.76 24.52
CA ALA H 95 5.99 19.03 24.21
C ALA H 95 5.74 20.09 25.27
N ASN H 96 6.79 20.71 25.80
CA ASN H 96 6.62 21.87 26.69
C ASN H 96 6.24 23.11 25.87
N GLN H 97 6.77 23.21 24.65
CA GLN H 97 6.40 24.18 23.67
C GLN H 97 6.37 23.54 22.30
N VAL H 98 5.43 24.00 21.47
CA VAL H 98 5.37 23.72 20.04
C VAL H 98 5.08 25.07 19.34
N ASP H 99 5.78 25.35 18.26
CA ASP H 99 5.58 26.59 17.53
C ASP H 99 4.88 26.37 16.20
N ARG H 100 4.60 27.45 15.51
CA ARG H 100 3.79 27.45 14.33
C ARG H 100 4.31 26.64 13.16
N TYR H 101 5.63 26.41 13.10
CA TYR H 101 6.24 25.60 12.06
C TYR H 101 6.50 24.16 12.52
N GLY H 102 6.01 23.82 13.71
CA GLY H 102 6.15 22.48 14.25
C GLY H 102 7.44 22.21 15.01
N ASN H 103 8.20 23.25 15.37
CA ASN H 103 9.34 23.05 16.27
C ASN H 103 8.86 22.69 17.65
N GLN H 104 9.56 21.75 18.31
CA GLN H 104 9.20 21.29 19.65
C GLN H 104 10.38 21.55 20.60
N ASN H 105 10.03 21.85 21.86
CA ASN H 105 10.95 22.05 22.98
C ASN H 105 10.51 21.18 24.15
N ILE H 106 11.38 20.24 24.50
CA ILE H 106 11.32 19.52 25.77
C ILE H 106 12.61 19.67 26.57
N SER H 107 13.44 20.64 26.20
CA SER H 107 14.78 20.81 26.73
C SER H 107 14.85 21.70 27.94
N ALA H 108 14.51 22.97 27.74
CA ALA H 108 14.55 23.97 28.78
C ALA H 108 13.86 25.25 28.32
N PHE H 109 13.57 26.12 29.27
CA PHE H 109 13.10 27.48 29.03
C PHE H 109 14.28 28.43 29.29
N GLY H 110 14.41 29.45 28.44
CA GLY H 110 15.36 30.52 28.64
C GLY H 110 16.64 30.30 27.88
N PRO H 111 17.69 31.07 28.23
CA PRO H 111 18.95 31.01 27.52
C PRO H 111 19.63 29.65 27.66
N LEU H 112 20.32 29.23 26.60
CA LEU H 112 20.91 27.89 26.48
C LEU H 112 21.87 27.49 27.60
N GLN H 113 22.80 28.38 27.92
CA GLN H 113 23.78 28.14 28.98
C GLN H 113 23.31 28.55 30.37
N ARG H 114 22.15 29.20 30.46
CA ARG H 114 21.60 29.52 31.76
C ARG H 114 20.08 29.60 31.71
N PRO H 115 19.43 28.43 31.70
CA PRO H 115 18.00 28.44 31.49
C PRO H 115 17.29 28.92 32.74
N THR H 116 16.06 29.35 32.60
CA THR H 116 15.21 29.73 33.72
C THR H 116 14.44 28.55 34.28
N ARG H 117 14.28 27.50 33.47
CA ARG H 117 13.75 26.25 33.97
C ARG H 117 14.34 25.10 33.11
N GLN H 118 14.82 24.07 33.78
CA GLN H 118 15.44 22.91 33.15
C GLN H 118 14.46 21.73 33.07
N MET H 119 14.35 21.15 31.87
CA MET H 119 13.59 19.93 31.69
C MET H 119 14.55 18.79 31.34
N PHE H 120 14.30 18.00 30.28
CA PHE H 120 15.10 16.76 30.06
C PHE H 120 16.35 17.00 29.28
N GLY H 121 16.42 18.12 28.58
CA GLY H 121 17.32 18.29 27.43
C GLY H 121 16.61 17.79 26.19
N VAL H 122 17.28 17.87 25.05
CA VAL H 122 16.66 17.55 23.75
C VAL H 122 16.27 16.08 23.57
N ARG H 123 16.88 15.19 24.35
CA ARG H 123 16.67 13.74 24.22
C ARG H 123 16.88 13.25 22.77
N GLY H 124 15.94 12.49 22.22
CA GLY H 124 15.98 12.00 20.87
C GLY H 124 15.27 12.86 19.84
N SER H 125 14.75 14.01 20.28
CA SER H 125 13.92 14.82 19.39
C SER H 125 14.64 15.20 18.10
N PRO H 126 15.91 15.63 18.18
CA PRO H 126 16.57 16.01 16.91
C PRO H 126 16.67 14.86 15.92
N GLY H 127 17.07 13.66 16.42
CA GLY H 127 17.15 12.50 15.56
C GLY H 127 15.80 12.03 15.04
N ASN H 128 14.78 12.06 15.89
CA ASN H 128 13.44 11.67 15.45
C ASN H 128 12.95 12.55 14.31
N THR H 129 13.04 13.87 14.50
CA THR H 129 12.40 14.81 13.57
C THR H 129 13.14 14.92 12.21
N ILE H 130 14.44 14.61 12.19
CA ILE H 130 15.22 14.60 10.93
C ILE H 130 15.06 13.26 10.18
N ASN H 131 14.52 12.23 10.85
CA ASN H 131 14.56 10.87 10.29
C ASN H 131 13.23 10.28 9.87
N HIS H 132 12.12 10.63 10.55
CA HIS H 132 10.87 9.90 10.28
C HIS H 132 9.69 10.61 10.87
N ALA H 133 8.50 10.09 10.58
CA ALA H 133 7.25 10.67 11.05
C ALA H 133 7.31 10.94 12.56
N THR H 134 6.97 12.16 12.92
CA THR H 134 6.92 12.61 14.30
C THR H 134 5.60 13.36 14.46
N SER H 135 4.86 13.03 15.52
CA SER H 135 3.67 13.75 15.93
C SER H 135 3.77 14.12 17.42
N TYR H 136 2.90 15.04 17.84
CA TYR H 136 2.89 15.54 19.21
C TYR H 136 1.51 15.43 19.86
N TRP H 137 1.53 15.11 21.16
CA TRP H 137 0.36 15.14 22.02
C TRP H 137 0.57 16.26 23.03
N VAL H 138 -0.41 17.17 23.09
CA VAL H 138 -0.42 18.27 24.04
C VAL H 138 -1.72 18.21 24.82
N GLY H 139 -1.66 17.99 26.13
CA GLY H 139 -2.86 17.82 26.94
C GLY H 139 -3.44 19.10 27.50
N ASN H 140 -2.68 20.21 27.46
CA ASN H 140 -3.19 21.51 27.89
C ASN H 140 -2.81 22.57 26.87
N HIS H 141 -3.64 22.65 25.85
CA HIS H 141 -3.49 23.58 24.77
C HIS H 141 -3.65 25.01 25.37
N CYS H 142 -2.54 25.75 25.43
CA CYS H 142 -2.55 27.11 25.92
C CYS H 142 -1.42 27.90 25.27
N LYS H 143 -1.47 29.22 25.47
CA LYS H 143 -0.52 30.12 24.86
C LYS H 143 0.93 29.86 25.26
N ARG H 144 1.14 29.43 26.49
CA ARG H 144 2.50 29.12 26.93
C ARG H 144 3.08 27.85 26.27
N VAL H 145 2.23 27.00 25.72
CA VAL H 145 2.69 25.81 24.99
C VAL H 145 2.80 26.14 23.51
N PHE H 146 1.69 26.63 22.92
CA PHE H 146 1.67 27.01 21.50
C PHE H 146 2.14 28.45 21.36
N VAL H 147 3.45 28.59 21.12
CA VAL H 147 4.15 29.86 21.09
C VAL H 147 4.54 30.24 19.66
N GLU H 148 4.88 31.51 19.46
CA GLU H 148 5.41 31.97 18.18
C GLU H 148 6.66 31.21 17.75
N ALA H 149 7.65 31.13 18.65
CA ALA H 149 8.90 30.45 18.43
C ALA H 149 9.42 29.82 19.74
N VAL H 150 9.89 28.56 19.66
CA VAL H 150 10.34 27.86 20.85
C VAL H 150 11.62 28.46 21.39
N ASP H 151 11.83 28.34 22.70
CA ASP H 151 13.08 28.75 23.35
C ASP H 151 14.28 27.94 22.91
N VAL H 152 14.07 26.62 22.79
CA VAL H 152 15.13 25.67 22.44
C VAL H 152 14.51 24.71 21.42
N VAL H 153 15.14 24.60 20.27
CA VAL H 153 14.71 23.69 19.22
C VAL H 153 15.23 22.27 19.53
N SER H 154 14.36 21.44 20.10
CA SER H 154 14.65 20.04 20.37
C SER H 154 14.20 19.23 19.16
N GLY H 155 12.90 19.30 18.83
CA GLY H 155 12.38 18.75 17.56
C GLY H 155 12.34 19.83 16.49
N ILE H 156 12.89 19.56 15.32
CA ILE H 156 12.96 20.59 14.27
C ILE H 156 11.64 20.71 13.53
N GLY H 157 11.36 21.93 13.10
CA GLY H 157 10.18 22.27 12.33
C GLY H 157 10.51 22.60 10.91
N TYR H 158 9.45 22.90 10.13
CA TYR H 158 9.59 23.03 8.65
C TYR H 158 10.47 24.22 8.26
N ASP H 159 10.52 25.27 9.08
CA ASP H 159 11.40 26.43 8.81
C ASP H 159 12.90 26.13 8.91
N LYS H 160 13.27 24.98 9.48
CA LYS H 160 14.67 24.60 9.62
C LYS H 160 15.17 23.77 8.44
N VAL H 161 14.27 23.37 7.54
CA VAL H 161 14.62 22.60 6.36
C VAL H 161 15.41 23.49 5.40
N ASP H 162 16.62 23.07 5.07
CA ASP H 162 17.40 23.73 4.03
C ASP H 162 17.08 23.00 2.74
N PRO H 163 16.36 23.65 1.79
CA PRO H 163 15.96 22.91 0.58
C PRO H 163 17.18 22.56 -0.32
N ASP H 164 18.33 23.19 -0.11
CA ASP H 164 19.54 22.81 -0.84
C ASP H 164 20.37 21.66 -0.22
N ASN H 165 19.93 21.11 0.91
CA ASN H 165 20.64 20.03 1.56
C ASN H 165 19.73 18.80 1.64
N PRO H 166 19.97 17.79 0.79
CA PRO H 166 19.18 16.56 0.80
C PRO H 166 19.21 15.78 2.11
N ALA H 167 20.03 16.17 3.09
CA ALA H 167 19.97 15.57 4.42
C ALA H 167 18.64 15.81 5.15
N PHE H 168 17.90 16.87 4.77
CA PHE H 168 16.59 17.13 5.34
C PHE H 168 15.44 16.39 4.65
N ARG H 169 15.73 15.56 3.64
CA ARG H 169 14.66 14.96 2.84
C ARG H 169 13.72 13.97 3.56
N PHE H 170 14.04 13.53 4.75
CA PHE H 170 13.14 12.64 5.50
C PHE H 170 12.29 13.33 6.53
N VAL H 171 12.34 14.66 6.61
CA VAL H 171 11.57 15.37 7.66
C VAL H 171 10.10 15.11 7.41
N ASN H 172 9.36 14.78 8.47
CA ASN H 172 7.93 14.46 8.33
C ASN H 172 7.21 14.69 9.68
N VAL H 173 7.11 15.94 10.05
CA VAL H 173 6.42 16.36 11.23
C VAL H 173 4.96 16.39 10.83
N TYR H 174 4.18 15.49 11.42
CA TYR H 174 2.89 15.12 10.84
C TYR H 174 1.78 15.94 11.50
N ARG H 175 1.36 15.56 12.70
CA ARG H 175 0.25 16.23 13.35
C ARG H 175 0.50 16.57 14.82
N VAL H 176 -0.31 17.53 15.30
CA VAL H 176 -0.44 17.79 16.70
C VAL H 176 -1.89 17.49 17.08
N VAL H 177 -2.06 16.60 18.07
CA VAL H 177 -3.37 16.35 18.69
C VAL H 177 -3.33 16.97 20.09
N SER H 178 -4.28 17.85 20.37
CA SER H 178 -4.38 18.48 21.66
C SER H 178 -5.74 18.16 22.29
N ASN H 179 -5.91 18.60 23.53
CA ASN H 179 -7.24 18.53 24.17
C ASN H 179 -8.34 19.36 23.48
N LEU H 180 -7.97 20.21 22.51
CA LEU H 180 -8.93 21.03 21.74
C LEU H 180 -9.18 20.61 20.28
N GLY H 181 -8.17 20.09 19.62
CA GLY H 181 -8.29 19.78 18.19
C GLY H 181 -7.19 18.89 17.63
N VAL H 182 -7.30 18.64 16.32
CA VAL H 182 -6.23 18.02 15.52
C VAL H 182 -5.68 19.10 14.55
N PHE H 183 -4.35 19.20 14.51
CA PHE H 183 -3.65 20.20 13.70
C PHE H 183 -2.56 19.55 12.87
N ASP H 184 -2.26 20.15 11.72
CA ASP H 184 -1.14 19.71 10.87
C ASP H 184 -0.35 20.92 10.40
N PHE H 185 0.60 20.70 9.48
CA PHE H 185 1.47 21.79 9.01
C PHE H 185 1.33 21.99 7.51
N GLY H 186 0.07 21.99 7.05
CA GLY H 186 -0.27 22.23 5.66
C GLY H 186 -0.66 23.67 5.34
N GLY H 187 -0.53 24.59 6.30
CA GLY H 187 -0.75 26.03 6.04
C GLY H 187 0.37 26.59 5.14
N PRO H 188 0.32 27.89 4.81
CA PRO H 188 1.41 28.53 4.05
C PRO H 188 2.75 28.43 4.81
N ASP H 189 3.84 28.20 4.09
CA ASP H 189 5.17 27.97 4.66
C ASP H 189 5.20 26.81 5.68
N HIS H 190 4.30 25.84 5.51
CA HIS H 190 4.07 24.76 6.46
C HIS H 190 3.76 25.26 7.87
N SER H 191 2.95 26.30 7.94
CA SER H 191 2.48 26.83 9.19
C SER H 191 1.30 26.00 9.68
N MET H 192 1.07 26.03 10.98
CA MET H 192 0.10 25.18 11.61
C MET H 192 -1.30 25.45 11.09
N ARG H 193 -1.99 24.37 10.74
CA ARG H 193 -3.33 24.41 10.18
C ARG H 193 -4.26 23.49 10.98
N ALA H 194 -5.52 23.91 11.13
CA ALA H 194 -6.53 23.14 11.81
C ALA H 194 -7.01 22.03 10.90
N VAL H 195 -6.92 20.79 11.38
CA VAL H 195 -7.56 19.65 10.72
C VAL H 195 -9.00 19.50 11.23
N SER H 196 -9.18 19.50 12.54
CA SER H 196 -10.50 19.36 13.14
C SER H 196 -10.51 19.91 14.55
N LEU H 197 -11.70 20.24 15.06
CA LEU H 197 -11.87 20.74 16.41
C LEU H 197 -12.73 19.75 17.16
N HIS H 198 -12.37 19.42 18.40
CA HIS H 198 -13.13 18.39 19.13
C HIS H 198 -14.55 18.90 19.44
N PRO H 199 -15.57 17.99 19.50
CA PRO H 199 -16.93 18.40 19.92
C PRO H 199 -16.89 19.20 21.23
N GLY H 200 -17.60 20.33 21.24
CA GLY H 200 -17.55 21.28 22.34
C GLY H 200 -16.55 22.44 22.22
N VAL H 201 -15.67 22.38 21.22
CA VAL H 201 -14.59 23.37 21.05
C VAL H 201 -14.95 24.29 19.90
N THR H 202 -14.90 25.60 20.15
CA THR H 202 -15.13 26.59 19.11
C THR H 202 -13.81 27.11 18.55
N PRO H 203 -13.84 27.73 17.34
CA PRO H 203 -12.63 28.40 16.84
C PRO H 203 -12.07 29.41 17.83
N GLY H 204 -12.96 30.15 18.49
CA GLY H 204 -12.60 31.12 19.53
C GLY H 204 -11.82 30.55 20.72
N ASP H 205 -12.18 29.36 21.16
CA ASP H 205 -11.41 28.65 22.20
C ASP H 205 -9.95 28.43 21.74
N VAL H 206 -9.76 27.93 20.53
CA VAL H 206 -8.41 27.69 20.00
C VAL H 206 -7.65 28.99 19.81
N ARG H 207 -8.32 30.01 19.28
CA ARG H 207 -7.72 31.31 19.05
C ARG H 207 -7.20 31.94 20.34
N ASP H 208 -7.98 31.86 21.41
CA ASP H 208 -7.61 32.37 22.74
C ASP H 208 -6.52 31.56 23.45
N ALA H 209 -6.33 30.31 23.03
CA ALA H 209 -5.33 29.40 23.58
C ALA H 209 -4.06 29.20 22.72
N THR H 210 -3.89 29.97 21.64
CA THR H 210 -2.73 29.80 20.72
C THR H 210 -2.10 31.19 20.46
N SER H 211 -0.76 31.28 20.55
CA SER H 211 -0.04 32.57 20.47
C SER H 211 0.12 33.12 19.04
N PHE H 212 -0.34 32.35 18.05
CA PHE H 212 -0.23 32.71 16.64
C PHE H 212 -1.55 32.28 16.01
N GLU H 213 -1.78 32.72 14.77
CA GLU H 213 -3.02 32.38 14.09
C GLU H 213 -2.93 31.02 13.43
N VAL H 214 -3.94 30.20 13.66
CA VAL H 214 -3.98 28.87 13.12
C VAL H 214 -4.76 28.97 11.80
N HIS H 215 -4.16 28.46 10.71
CA HIS H 215 -4.78 28.51 9.39
C HIS H 215 -6.06 27.63 9.29
N ASP H 216 -7.05 28.13 8.54
CA ASP H 216 -8.31 27.44 8.24
C ASP H 216 -9.16 27.07 9.50
N LEU H 217 -8.99 27.86 10.55
CA LEU H 217 -9.55 27.55 11.86
C LEU H 217 -11.07 27.61 11.91
N ASP H 218 -11.64 28.63 11.28
CA ASP H 218 -13.09 28.80 11.18
C ASP H 218 -13.77 27.73 10.32
N ALA H 219 -13.05 27.20 9.33
CA ALA H 219 -13.57 26.14 8.45
C ALA H 219 -13.40 24.71 8.98
N ALA H 220 -12.82 24.54 10.17
CA ALA H 220 -12.44 23.23 10.66
C ALA H 220 -13.65 22.47 11.14
N GLU H 221 -13.89 21.32 10.52
CA GLU H 221 -14.95 20.41 10.92
C GLU H 221 -14.73 19.84 12.33
N GLN H 222 -15.74 19.15 12.82
CA GLN H 222 -15.71 18.47 14.09
C GLN H 222 -14.91 17.17 13.99
N THR H 223 -14.05 16.92 14.99
CA THR H 223 -13.34 15.65 15.10
C THR H 223 -14.38 14.52 15.24
N ARG H 224 -14.15 13.39 14.58
CA ARG H 224 -15.10 12.29 14.63
C ARG H 224 -15.22 11.68 16.03
N LEU H 225 -16.42 11.22 16.34
CA LEU H 225 -16.70 10.56 17.62
C LEU H 225 -16.10 9.12 17.55
N PRO H 226 -15.59 8.60 18.69
CA PRO H 226 -15.35 7.18 18.83
C PRO H 226 -16.61 6.35 18.53
N THR H 227 -16.45 5.20 17.89
CA THR H 227 -17.57 4.28 17.69
C THR H 227 -17.85 3.50 18.96
N ASP H 228 -18.98 2.82 19.02
CA ASP H 228 -19.26 1.94 20.18
C ASP H 228 -18.18 0.86 20.35
N ASP H 229 -17.70 0.25 19.25
CA ASP H 229 -16.63 -0.75 19.38
C ASP H 229 -15.32 -0.13 19.91
N GLU H 230 -15.01 1.09 19.45
CA GLU H 230 -13.83 1.80 19.92
C GLU H 230 -13.94 2.14 21.40
N LEU H 231 -15.10 2.60 21.83
CA LEU H 231 -15.35 2.88 23.25
C LEU H 231 -15.23 1.63 24.09
N HIS H 232 -15.82 0.54 23.64
CA HIS H 232 -15.62 -0.74 24.35
C HIS H 232 -14.11 -1.11 24.48
N LEU H 233 -13.34 -1.00 23.41
CA LEU H 233 -11.91 -1.31 23.49
C LEU H 233 -11.15 -0.39 24.42
N ILE H 234 -11.42 0.91 24.34
CA ILE H 234 -10.78 1.90 25.20
C ILE H 234 -11.10 1.67 26.69
N ARG H 235 -12.41 1.62 26.99
CA ARG H 235 -12.86 1.52 28.38
C ARG H 235 -12.53 0.18 29.05
N ALA H 236 -12.68 -0.93 28.32
CA ALA H 236 -12.59 -2.28 28.95
C ALA H 236 -11.32 -3.06 28.66
N VAL H 237 -10.68 -2.80 27.53
CA VAL H 237 -9.58 -3.64 27.05
C VAL H 237 -8.24 -2.93 27.13
N ILE H 238 -8.16 -1.70 26.65
CA ILE H 238 -6.88 -0.98 26.52
C ILE H 238 -6.53 -0.16 27.73
N ASP H 239 -7.51 0.61 28.23
CA ASP H 239 -7.26 1.56 29.31
C ASP H 239 -8.29 1.46 30.42
N PRO H 240 -8.38 0.28 31.06
CA PRO H 240 -9.36 0.05 32.14
C PRO H 240 -9.13 0.88 33.39
N LYS H 241 -7.91 1.35 33.60
CA LYS H 241 -7.58 2.28 34.68
C LYS H 241 -7.80 3.73 34.33
N SER H 242 -8.21 4.03 33.10
CA SER H 242 -8.53 5.40 32.67
C SER H 242 -7.36 6.38 32.83
N LEU H 243 -6.14 5.90 32.51
CA LEU H 243 -4.98 6.76 32.44
C LEU H 243 -5.17 7.92 31.46
N ARG H 244 -5.98 7.72 30.41
CA ARG H 244 -6.36 8.79 29.48
C ARG H 244 -6.93 10.05 30.14
N ASP H 245 -7.69 9.88 31.22
CA ASP H 245 -8.34 11.02 31.89
C ASP H 245 -7.34 11.96 32.59
N ARG H 246 -6.23 11.41 33.08
CA ARG H 246 -5.15 12.20 33.70
C ARG H 246 -4.30 13.00 32.67
N GLU H 247 -4.44 12.66 31.39
CA GLU H 247 -3.70 13.32 30.30
C GLU H 247 -4.21 14.73 29.98
N ILE H 248 -5.47 15.03 30.30
CA ILE H 248 -6.06 16.34 30.04
C ILE H 248 -6.51 17.01 31.34
N ARG H 249 -6.58 18.34 31.31
CA ARG H 249 -6.72 19.16 32.51
C ARG H 249 -8.07 19.89 32.55
N SER H 250 -8.21 20.81 33.51
CA SER H 250 -9.32 21.79 33.54
C SER H 250 -10.70 21.13 33.48
#